data_2H7A
#
_entry.id   2H7A
#
_cell.length_a   1.000
_cell.length_b   1.000
_cell.length_c   1.000
_cell.angle_alpha   90.00
_cell.angle_beta   90.00
_cell.angle_gamma   90.00
#
_symmetry.space_group_name_H-M   'P 1'
#
_entity_poly.entity_id   1
_entity_poly.type   'polypeptide(L)'
_entity_poly.pdbx_seq_one_letter_code
;GSMPKPGILKSKSMFCVIYRSSKRDQTYLYVEKKDDFSRVPEELMKGFGQPQLAMILPLDGRKKLVNADIEKVKQALTEQ
GYYLQLPPPPEDLLKQHLSVMGQKTDDTNK
;
_entity_poly.pdbx_strand_id   A
#
# COMPACT_ATOMS: atom_id res chain seq x y z
N GLY A 1 9.85 -11.42 -0.84
CA GLY A 1 9.41 -10.23 -0.06
C GLY A 1 8.63 -10.69 1.17
N SER A 2 9.27 -10.73 2.31
CA SER A 2 8.58 -11.18 3.56
C SER A 2 8.96 -10.28 4.73
N MET A 3 9.07 -10.83 5.91
CA MET A 3 9.43 -10.00 7.09
C MET A 3 10.66 -10.59 7.80
N PRO A 4 11.75 -9.89 7.70
CA PRO A 4 13.02 -10.35 8.33
C PRO A 4 12.94 -10.17 9.86
N LYS A 5 12.43 -9.05 10.31
CA LYS A 5 12.34 -8.82 11.78
C LYS A 5 11.57 -7.53 12.05
N PRO A 6 10.82 -7.54 13.12
CA PRO A 6 10.02 -6.35 13.50
C PRO A 6 10.93 -5.23 14.05
N GLY A 7 11.17 -5.23 15.33
CA GLY A 7 12.04 -4.19 15.94
C GLY A 7 11.22 -3.33 16.90
N ILE A 8 11.54 -2.07 17.02
CA ILE A 8 10.78 -1.20 17.95
C ILE A 8 9.28 -1.37 17.70
N LEU A 9 8.48 -1.29 18.72
CA LEU A 9 7.01 -1.46 18.53
C LEU A 9 6.27 -0.21 19.02
N LYS A 10 5.85 0.63 18.12
CA LYS A 10 5.12 1.87 18.53
C LYS A 10 3.88 2.05 17.66
N SER A 11 2.74 1.58 18.12
CA SER A 11 1.49 1.72 17.32
C SER A 11 0.80 3.05 17.66
N LYS A 12 0.72 3.95 16.72
CA LYS A 12 0.05 5.25 16.99
C LYS A 12 -0.93 5.60 15.87
N SER A 13 -2.13 5.99 16.21
CA SER A 13 -3.13 6.33 15.16
C SER A 13 -2.95 7.79 14.73
N MET A 14 -3.42 8.15 13.57
CA MET A 14 -3.27 9.55 13.11
C MET A 14 -4.11 9.80 11.85
N PHE A 15 -3.83 10.86 11.15
CA PHE A 15 -4.60 11.18 9.91
C PHE A 15 -3.72 10.92 8.67
N CYS A 16 -4.31 10.47 7.60
CA CYS A 16 -3.52 10.20 6.37
C CYS A 16 -4.30 10.64 5.13
N VAL A 17 -3.61 10.86 4.04
CA VAL A 17 -4.32 11.30 2.79
C VAL A 17 -4.14 10.25 1.70
N ILE A 18 -5.21 9.80 1.11
CA ILE A 18 -5.09 8.77 0.03
C ILE A 18 -5.17 9.44 -1.35
N TYR A 19 -4.08 9.50 -2.05
CA TYR A 19 -4.07 10.14 -3.40
C TYR A 19 -4.38 9.10 -4.48
N ARG A 20 -4.81 9.53 -5.63
CA ARG A 20 -5.10 8.56 -6.72
C ARG A 20 -4.25 8.89 -7.96
N SER A 21 -3.79 7.88 -8.64
CA SER A 21 -2.95 8.12 -9.85
C SER A 21 -3.79 8.74 -10.97
N SER A 22 -3.35 9.86 -11.49
CA SER A 22 -4.11 10.52 -12.59
C SER A 22 -4.58 9.50 -13.63
N LYS A 23 -3.74 8.56 -13.97
CA LYS A 23 -4.15 7.54 -14.98
C LYS A 23 -3.48 6.19 -14.69
N ARG A 24 -4.15 5.33 -14.00
CA ARG A 24 -3.57 3.99 -13.68
C ARG A 24 -4.68 3.02 -13.29
N ASP A 25 -4.36 1.77 -13.12
CA ASP A 25 -5.41 0.77 -12.74
C ASP A 25 -6.04 1.18 -11.40
N GLN A 26 -5.33 0.99 -10.33
CA GLN A 26 -5.87 1.36 -9.00
C GLN A 26 -4.72 1.72 -8.05
N THR A 27 -3.88 2.62 -8.45
CA THR A 27 -2.72 3.01 -7.58
C THR A 27 -3.09 4.20 -6.70
N TYR A 28 -2.69 4.18 -5.46
CA TYR A 28 -3.01 5.31 -4.54
C TYR A 28 -1.83 5.61 -3.62
N LEU A 29 -1.58 6.86 -3.35
CA LEU A 29 -0.44 7.22 -2.46
C LEU A 29 -0.97 7.56 -1.06
N TYR A 30 -0.17 7.41 -0.04
CA TYR A 30 -0.64 7.72 1.32
C TYR A 30 0.36 8.63 2.06
N VAL A 31 -0.13 9.62 2.76
CA VAL A 31 0.79 10.53 3.49
C VAL A 31 0.12 11.03 4.78
N GLU A 32 0.91 11.44 5.73
CA GLU A 32 0.32 11.94 7.01
C GLU A 32 -0.48 13.22 6.74
N LYS A 33 -0.26 13.85 5.62
CA LYS A 33 -1.01 15.10 5.31
C LYS A 33 -0.92 15.40 3.80
N LYS A 34 -1.72 16.31 3.33
CA LYS A 34 -1.69 16.65 1.87
C LYS A 34 -0.58 17.67 1.60
N ASP A 35 0.65 17.35 1.87
CA ASP A 35 1.74 18.33 1.63
C ASP A 35 2.49 18.00 0.33
N ASP A 36 3.29 16.97 0.34
CA ASP A 36 4.05 16.62 -0.91
C ASP A 36 4.66 15.22 -0.79
N PHE A 37 5.22 14.74 -1.86
CA PHE A 37 5.86 13.39 -1.84
C PHE A 37 7.33 13.53 -2.25
N SER A 38 8.22 13.53 -1.30
CA SER A 38 9.67 13.67 -1.63
C SER A 38 10.42 12.37 -1.35
N ARG A 39 9.80 11.43 -0.69
CA ARG A 39 10.50 10.16 -0.39
C ARG A 39 10.26 9.13 -1.50
N VAL A 40 9.22 9.32 -2.27
CA VAL A 40 8.95 8.37 -3.38
C VAL A 40 10.07 8.44 -4.42
N PRO A 41 10.52 7.29 -4.84
CA PRO A 41 11.60 7.21 -5.85
C PRO A 41 11.09 7.68 -7.22
N GLU A 42 11.85 8.49 -7.89
CA GLU A 42 11.42 8.99 -9.23
C GLU A 42 11.21 7.82 -10.19
N GLU A 43 11.67 6.65 -9.84
CA GLU A 43 11.49 5.48 -10.75
C GLU A 43 10.04 4.98 -10.66
N LEU A 44 9.47 5.01 -9.49
CA LEU A 44 8.06 4.54 -9.33
C LEU A 44 7.10 5.69 -9.60
N MET A 45 7.34 6.83 -9.02
CA MET A 45 6.44 7.99 -9.25
C MET A 45 6.19 8.17 -10.74
N LYS A 46 7.11 7.73 -11.56
CA LYS A 46 6.91 7.86 -13.03
C LYS A 46 5.53 7.34 -13.43
N GLY A 47 5.08 6.30 -12.79
CA GLY A 47 3.74 5.74 -13.12
C GLY A 47 2.67 6.66 -12.51
N PHE A 48 2.88 7.12 -11.31
CA PHE A 48 1.88 8.01 -10.67
C PHE A 48 1.84 9.36 -11.40
N GLY A 49 2.95 10.05 -11.43
CA GLY A 49 2.98 11.36 -12.12
C GLY A 49 2.38 12.43 -11.22
N GLN A 50 1.19 12.89 -11.55
CA GLN A 50 0.55 13.93 -10.69
C GLN A 50 -0.57 13.30 -9.87
N PRO A 51 -0.31 13.14 -8.60
CA PRO A 51 -1.30 12.54 -7.69
C PRO A 51 -2.46 13.51 -7.43
N GLN A 52 -3.59 13.02 -7.00
CA GLN A 52 -4.74 13.91 -6.74
C GLN A 52 -5.43 13.52 -5.43
N LEU A 53 -6.25 14.38 -4.90
CA LEU A 53 -6.95 14.05 -3.63
C LEU A 53 -8.30 13.40 -3.92
N ALA A 54 -8.36 12.09 -3.84
CA ALA A 54 -9.64 11.39 -4.13
C ALA A 54 -10.27 10.89 -2.83
N MET A 55 -9.48 10.65 -1.81
CA MET A 55 -10.04 10.16 -0.52
C MET A 55 -9.14 10.60 0.64
N ILE A 56 -9.72 11.14 1.68
CA ILE A 56 -8.90 11.58 2.84
C ILE A 56 -9.15 10.67 4.05
N LEU A 57 -8.10 10.20 4.67
CA LEU A 57 -8.27 9.30 5.84
C LEU A 57 -8.27 10.13 7.13
N PRO A 58 -9.35 10.05 7.86
CA PRO A 58 -9.49 10.81 9.13
C PRO A 58 -8.59 10.21 10.22
N LEU A 59 -8.46 10.91 11.32
CA LEU A 59 -7.60 10.39 12.43
C LEU A 59 -8.45 10.12 13.66
N ASP A 60 -9.42 9.27 13.55
CA ASP A 60 -10.29 8.96 14.73
C ASP A 60 -10.04 7.53 15.21
N GLY A 61 -9.28 6.76 14.47
CA GLY A 61 -9.01 5.36 14.89
C GLY A 61 -9.77 4.40 13.97
N ARG A 62 -10.92 4.79 13.51
CA ARG A 62 -11.71 3.90 12.61
C ARG A 62 -11.39 4.22 11.14
N LYS A 63 -10.29 3.71 10.65
CA LYS A 63 -9.91 3.97 9.23
C LYS A 63 -9.58 2.66 8.52
N LYS A 64 -10.51 2.13 7.77
CA LYS A 64 -10.25 0.85 7.04
C LYS A 64 -10.44 1.05 5.54
N LEU A 65 -9.48 0.64 4.76
CA LEU A 65 -9.61 0.80 3.28
C LEU A 65 -9.58 -0.57 2.59
N VAL A 66 -10.03 -0.64 1.38
CA VAL A 66 -10.03 -1.94 0.64
C VAL A 66 -8.86 -1.99 -0.34
N ASN A 67 -8.26 -0.86 -0.61
CA ASN A 67 -7.11 -0.85 -1.57
C ASN A 67 -5.81 -1.20 -0.84
N ALA A 68 -5.43 -0.43 0.14
CA ALA A 68 -4.18 -0.72 0.89
C ALA A 68 -4.48 -0.87 2.38
N ASP A 69 -3.64 -1.57 3.08
CA ASP A 69 -3.86 -1.75 4.54
C ASP A 69 -3.35 -0.54 5.32
N ILE A 70 -4.22 0.24 5.87
CA ILE A 70 -3.79 1.45 6.63
C ILE A 70 -2.69 1.08 7.63
N GLU A 71 -2.72 -0.11 8.15
CA GLU A 71 -1.68 -0.53 9.14
C GLU A 71 -0.32 -0.65 8.46
N LYS A 72 -0.27 -1.16 7.26
CA LYS A 72 1.04 -1.30 6.56
C LYS A 72 1.59 0.09 6.21
N VAL A 73 0.75 1.09 6.26
CA VAL A 73 1.20 2.47 5.94
C VAL A 73 1.70 3.19 7.20
N LYS A 74 1.19 2.80 8.34
CA LYS A 74 1.62 3.45 9.61
C LYS A 74 3.14 3.53 9.68
N GLN A 75 3.80 2.41 9.52
CA GLN A 75 5.29 2.41 9.59
C GLN A 75 5.90 3.11 8.38
N ALA A 76 5.09 3.46 7.41
CA ALA A 76 5.64 4.16 6.21
C ALA A 76 5.63 5.67 6.42
N LEU A 77 4.60 6.20 7.02
CA LEU A 77 4.55 7.68 7.25
C LEU A 77 5.36 8.06 8.49
N THR A 78 5.54 7.14 9.40
CA THR A 78 6.33 7.45 10.63
C THR A 78 7.82 7.36 10.34
N GLU A 79 8.21 6.50 9.43
CA GLU A 79 9.65 6.38 9.09
C GLU A 79 9.99 7.24 7.87
N GLN A 80 9.25 7.08 6.81
CA GLN A 80 9.51 7.90 5.58
C GLN A 80 8.55 9.09 5.54
N GLY A 81 7.28 8.82 5.52
CA GLY A 81 6.28 9.92 5.48
C GLY A 81 5.36 9.74 4.27
N TYR A 82 5.55 8.68 3.52
CA TYR A 82 4.67 8.45 2.33
C TYR A 82 4.57 6.94 2.05
N TYR A 83 3.46 6.51 1.51
CA TYR A 83 3.30 5.06 1.20
C TYR A 83 2.45 4.90 -0.06
N LEU A 84 2.95 4.19 -1.03
CA LEU A 84 2.17 3.98 -2.29
C LEU A 84 1.54 2.59 -2.29
N GLN A 85 0.26 2.50 -2.51
CA GLN A 85 -0.41 1.17 -2.54
C GLN A 85 -0.65 0.72 -3.97
N LEU A 86 -0.29 -0.50 -4.29
CA LEU A 86 -0.50 -1.00 -5.68
C LEU A 86 -1.16 -2.39 -5.63
N PRO A 87 -2.36 -2.47 -6.12
CA PRO A 87 -3.10 -3.76 -6.13
C PRO A 87 -2.45 -4.73 -7.11
N PRO A 88 -1.92 -5.79 -6.56
CA PRO A 88 -1.25 -6.82 -7.39
C PRO A 88 -2.28 -7.65 -8.17
N PRO A 89 -1.79 -8.42 -9.09
CA PRO A 89 -2.67 -9.29 -9.91
C PRO A 89 -3.17 -10.48 -9.09
N PRO A 90 -4.44 -10.71 -9.14
CA PRO A 90 -5.05 -11.84 -8.39
C PRO A 90 -4.69 -13.16 -9.06
N GLU A 91 -5.56 -13.69 -9.88
CA GLU A 91 -5.25 -14.99 -10.55
C GLU A 91 -6.51 -15.56 -11.21
N ASP A 92 -6.38 -16.25 -12.31
CA ASP A 92 -7.58 -16.84 -12.97
C ASP A 92 -7.75 -18.31 -12.55
N LEU A 93 -6.80 -18.82 -11.80
CA LEU A 93 -6.90 -20.25 -11.36
C LEU A 93 -7.12 -21.17 -12.56
N LEU A 94 -7.13 -22.46 -12.33
CA LEU A 94 -7.33 -23.41 -13.45
C LEU A 94 -7.44 -24.84 -12.92
N LYS A 95 -7.30 -25.81 -13.78
CA LYS A 95 -7.39 -27.23 -13.34
C LYS A 95 -6.07 -27.97 -13.59
N GLN A 96 -5.03 -27.61 -12.87
CA GLN A 96 -3.73 -28.29 -13.08
C GLN A 96 -2.97 -28.48 -11.76
N HIS A 97 -3.18 -27.62 -10.80
CA HIS A 97 -2.46 -27.76 -9.50
C HIS A 97 -2.83 -29.08 -8.82
N LEU A 98 -1.99 -29.56 -7.95
CA LEU A 98 -2.29 -30.84 -7.25
C LEU A 98 -2.53 -31.96 -8.27
N SER A 99 -3.24 -32.99 -7.88
CA SER A 99 -3.51 -34.11 -8.83
C SER A 99 -4.68 -34.96 -8.32
N VAL A 100 -5.85 -34.73 -8.83
CA VAL A 100 -7.02 -35.51 -8.36
C VAL A 100 -7.60 -36.34 -9.52
N MET A 101 -7.11 -37.55 -9.69
CA MET A 101 -7.62 -38.41 -10.79
C MET A 101 -7.75 -37.59 -12.08
N GLY A 102 -6.65 -37.32 -12.73
CA GLY A 102 -6.72 -36.53 -14.00
C GLY A 102 -6.38 -37.45 -15.19
N GLN A 103 -6.57 -38.72 -15.04
CA GLN A 103 -6.27 -39.66 -16.15
C GLN A 103 -7.45 -40.60 -16.39
N LYS A 104 -7.29 -41.56 -17.26
CA LYS A 104 -8.42 -42.50 -17.54
C LYS A 104 -8.10 -43.88 -16.97
N THR A 105 -9.06 -44.77 -16.95
CA THR A 105 -8.81 -46.14 -16.42
C THR A 105 -9.04 -47.18 -17.50
N ASP A 106 -8.27 -48.23 -17.51
CA ASP A 106 -8.45 -49.28 -18.56
C ASP A 106 -8.17 -48.71 -19.95
N ASP A 107 -7.47 -49.44 -20.77
CA ASP A 107 -7.15 -48.92 -22.14
C ASP A 107 -7.01 -50.08 -23.12
N THR A 108 -6.56 -49.81 -24.31
CA THR A 108 -6.40 -50.90 -25.32
C THR A 108 -4.93 -51.36 -25.36
N ASN A 109 -4.57 -52.30 -24.53
CA ASN A 109 -3.16 -52.79 -24.53
C ASN A 109 -2.69 -53.05 -25.96
N LYS A 110 -1.78 -52.25 -26.46
CA LYS A 110 -1.28 -52.47 -27.84
C LYS A 110 -0.16 -53.51 -27.85
N GLY A 1 8.41 -1.85 2.82
CA GLY A 1 9.56 -2.79 2.63
C GLY A 1 10.39 -2.85 3.90
N SER A 2 10.13 -3.83 4.74
CA SER A 2 10.91 -3.94 6.01
C SER A 2 10.61 -5.29 6.68
N MET A 3 9.39 -5.47 7.12
CA MET A 3 9.04 -6.76 7.79
C MET A 3 7.66 -7.24 7.30
N PRO A 4 7.48 -8.53 7.30
CA PRO A 4 6.20 -9.12 6.87
C PRO A 4 5.11 -8.86 7.91
N LYS A 5 4.54 -7.68 7.89
CA LYS A 5 3.48 -7.34 8.87
C LYS A 5 4.07 -7.23 10.28
N PRO A 6 3.48 -6.39 11.08
CA PRO A 6 3.95 -6.18 12.47
C PRO A 6 3.62 -7.40 13.33
N GLY A 7 2.37 -7.75 13.44
CA GLY A 7 1.99 -8.92 14.28
C GLY A 7 0.53 -8.78 14.72
N ILE A 8 0.16 -9.45 15.78
CA ILE A 8 -1.26 -9.36 16.25
C ILE A 8 -1.40 -8.22 17.26
N LEU A 9 -2.19 -7.23 16.96
CA LEU A 9 -2.38 -6.10 17.90
C LEU A 9 -3.42 -5.12 17.36
N LYS A 10 -3.13 -4.47 16.26
CA LYS A 10 -4.10 -3.51 15.69
C LYS A 10 -4.46 -2.45 16.73
N SER A 11 -3.86 -1.30 16.66
CA SER A 11 -4.18 -0.23 17.65
C SER A 11 -3.56 1.11 17.21
N LYS A 12 -4.07 1.68 16.15
CA LYS A 12 -3.50 2.97 15.67
C LYS A 12 -4.14 3.38 14.34
N SER A 13 -4.65 4.58 14.25
CA SER A 13 -5.29 5.02 12.98
C SER A 13 -4.71 6.36 12.53
N MET A 14 -4.80 7.38 13.36
CA MET A 14 -4.24 8.71 12.98
C MET A 14 -4.94 9.23 11.73
N PHE A 15 -4.44 10.29 11.16
CA PHE A 15 -5.08 10.84 9.92
C PHE A 15 -4.19 10.56 8.71
N CYS A 16 -4.79 10.32 7.58
CA CYS A 16 -3.96 10.03 6.37
C CYS A 16 -4.68 10.49 5.10
N VAL A 17 -3.94 10.80 4.07
CA VAL A 17 -4.57 11.25 2.80
C VAL A 17 -4.30 10.22 1.69
N ILE A 18 -5.32 9.71 1.07
CA ILE A 18 -5.10 8.71 -0.01
C ILE A 18 -5.18 9.39 -1.39
N TYR A 19 -4.08 9.45 -2.08
CA TYR A 19 -4.07 10.09 -3.43
C TYR A 19 -4.37 9.05 -4.51
N ARG A 20 -4.73 9.49 -5.69
CA ARG A 20 -5.03 8.52 -6.78
C ARG A 20 -4.26 8.90 -8.05
N SER A 21 -3.74 7.93 -8.75
CA SER A 21 -2.98 8.22 -10.00
C SER A 21 -3.93 8.72 -11.08
N SER A 22 -3.53 9.72 -11.81
CA SER A 22 -4.40 10.27 -12.89
C SER A 22 -4.91 9.14 -13.80
N LYS A 23 -4.06 8.20 -14.14
CA LYS A 23 -4.51 7.09 -15.02
C LYS A 23 -3.67 5.83 -14.81
N ARG A 24 -4.17 4.90 -14.05
CA ARG A 24 -3.39 3.65 -13.80
C ARG A 24 -4.34 2.53 -13.36
N ASP A 25 -3.84 1.33 -13.24
CA ASP A 25 -4.71 0.20 -12.81
C ASP A 25 -5.37 0.52 -11.47
N GLN A 26 -4.59 0.85 -10.48
CA GLN A 26 -5.15 1.18 -9.14
C GLN A 26 -4.02 1.64 -8.20
N THR A 27 -3.29 2.64 -8.60
CA THR A 27 -2.17 3.13 -7.75
C THR A 27 -2.65 4.25 -6.83
N TYR A 28 -2.35 4.17 -5.56
CA TYR A 28 -2.79 5.25 -4.62
C TYR A 28 -1.64 5.59 -3.67
N LEU A 29 -1.56 6.83 -3.26
CA LEU A 29 -0.46 7.23 -2.32
C LEU A 29 -1.04 7.51 -0.94
N TYR A 30 -0.25 7.35 0.09
CA TYR A 30 -0.76 7.61 1.47
C TYR A 30 0.21 8.54 2.21
N VAL A 31 -0.31 9.47 2.95
CA VAL A 31 0.58 10.41 3.71
C VAL A 31 -0.13 10.89 4.98
N GLU A 32 0.62 11.17 6.01
CA GLU A 32 0.00 11.65 7.27
C GLU A 32 -0.68 12.99 7.03
N LYS A 33 -0.42 13.60 5.90
CA LYS A 33 -1.05 14.91 5.59
C LYS A 33 -0.95 15.18 4.09
N LYS A 34 -1.72 16.10 3.58
CA LYS A 34 -1.67 16.40 2.12
C LYS A 34 -0.63 17.49 1.83
N ASP A 35 0.62 17.24 2.13
CA ASP A 35 1.66 18.27 1.86
C ASP A 35 2.38 17.98 0.54
N ASP A 36 3.19 16.97 0.51
CA ASP A 36 3.93 16.65 -0.75
C ASP A 36 4.57 15.27 -0.66
N PHE A 37 5.10 14.78 -1.75
CA PHE A 37 5.77 13.45 -1.74
C PHE A 37 7.23 13.60 -2.20
N SER A 38 8.15 13.63 -1.28
CA SER A 38 9.58 13.79 -1.67
C SER A 38 10.36 12.50 -1.39
N ARG A 39 9.75 11.54 -0.77
CA ARG A 39 10.49 10.28 -0.47
C ARG A 39 10.16 9.21 -1.50
N VAL A 40 9.10 9.38 -2.25
CA VAL A 40 8.74 8.36 -3.28
C VAL A 40 9.83 8.31 -4.34
N PRO A 41 10.22 7.10 -4.68
CA PRO A 41 11.28 6.90 -5.70
C PRO A 41 10.78 7.30 -7.08
N GLU A 42 11.60 7.96 -7.84
CA GLU A 42 11.18 8.37 -9.22
C GLU A 42 10.89 7.14 -10.07
N GLU A 43 11.26 5.98 -9.60
CA GLU A 43 11.01 4.73 -10.38
C GLU A 43 9.51 4.43 -10.38
N LEU A 44 8.87 4.65 -9.27
CA LEU A 44 7.40 4.38 -9.19
C LEU A 44 6.63 5.66 -9.52
N MET A 45 6.97 6.75 -8.87
CA MET A 45 6.26 8.03 -9.15
C MET A 45 6.23 8.29 -10.66
N LYS A 46 7.20 7.79 -11.38
CA LYS A 46 7.22 8.01 -12.86
C LYS A 46 5.82 7.79 -13.43
N GLY A 47 5.13 6.80 -12.96
CA GLY A 47 3.75 6.55 -13.47
C GLY A 47 2.78 7.49 -12.77
N PHE A 48 2.90 7.62 -11.48
CA PHE A 48 1.99 8.53 -10.72
C PHE A 48 2.14 9.96 -11.24
N GLY A 49 3.35 10.40 -11.46
CA GLY A 49 3.56 11.78 -11.97
C GLY A 49 2.92 12.79 -10.99
N GLN A 50 1.69 13.14 -11.22
CA GLN A 50 1.02 14.10 -10.31
C GLN A 50 -0.15 13.42 -9.59
N PRO A 51 0.02 13.23 -8.30
CA PRO A 51 -1.03 12.58 -7.49
C PRO A 51 -2.23 13.50 -7.33
N GLN A 52 -3.37 12.96 -7.01
CA GLN A 52 -4.58 13.81 -6.84
C GLN A 52 -5.30 13.46 -5.52
N LEU A 53 -6.21 14.28 -5.10
CA LEU A 53 -6.94 14.01 -3.83
C LEU A 53 -8.24 13.26 -4.13
N ALA A 54 -8.25 11.97 -3.90
CA ALA A 54 -9.49 11.18 -4.18
C ALA A 54 -10.27 10.95 -2.87
N MET A 55 -9.60 10.57 -1.82
CA MET A 55 -10.31 10.32 -0.54
C MET A 55 -9.42 10.73 0.65
N ILE A 56 -9.98 11.41 1.61
CA ILE A 56 -9.18 11.81 2.80
C ILE A 56 -9.58 10.97 4.01
N LEU A 57 -8.62 10.45 4.73
CA LEU A 57 -8.95 9.63 5.93
C LEU A 57 -8.71 10.44 7.20
N PRO A 58 -9.77 10.65 7.95
CA PRO A 58 -9.69 11.41 9.22
C PRO A 58 -9.02 10.57 10.31
N LEU A 59 -8.93 11.11 11.49
CA LEU A 59 -8.31 10.34 12.62
C LEU A 59 -9.33 10.07 13.71
N ASP A 60 -10.48 9.58 13.35
CA ASP A 60 -11.52 9.28 14.36
C ASP A 60 -11.98 7.83 14.22
N GLY A 61 -12.63 7.52 13.13
CA GLY A 61 -13.09 6.12 12.91
C GLY A 61 -11.97 5.33 12.23
N ARG A 62 -11.42 4.35 12.91
CA ARG A 62 -10.32 3.55 12.30
C ARG A 62 -10.90 2.37 11.53
N LYS A 63 -10.92 2.45 10.22
CA LYS A 63 -11.47 1.34 9.41
C LYS A 63 -10.39 0.78 8.47
N LYS A 64 -10.57 -0.41 7.98
CA LYS A 64 -9.56 -1.00 7.07
C LYS A 64 -9.94 -0.72 5.61
N LEU A 65 -8.95 -0.54 4.77
CA LEU A 65 -9.26 -0.26 3.33
C LEU A 65 -9.07 -1.51 2.49
N VAL A 66 -9.67 -1.55 1.33
CA VAL A 66 -9.53 -2.74 0.44
C VAL A 66 -8.35 -2.53 -0.52
N ASN A 67 -7.88 -1.33 -0.63
CA ASN A 67 -6.73 -1.06 -1.54
C ASN A 67 -5.41 -1.37 -0.84
N ALA A 68 -5.07 -0.62 0.18
CA ALA A 68 -3.80 -0.88 0.90
C ALA A 68 -4.06 -1.00 2.41
N ASP A 69 -3.18 -1.64 3.12
CA ASP A 69 -3.40 -1.80 4.59
C ASP A 69 -2.93 -0.53 5.31
N ILE A 70 -3.85 0.23 5.84
CA ILE A 70 -3.47 1.48 6.55
C ILE A 70 -2.45 1.18 7.65
N GLU A 71 -2.44 -0.02 8.17
CA GLU A 71 -1.47 -0.37 9.24
C GLU A 71 -0.06 -0.45 8.64
N LYS A 72 0.09 -1.13 7.53
CA LYS A 72 1.43 -1.24 6.91
C LYS A 72 1.92 0.13 6.46
N VAL A 73 1.03 1.08 6.34
CA VAL A 73 1.43 2.44 5.91
C VAL A 73 1.97 3.24 7.11
N LYS A 74 1.45 2.99 8.28
CA LYS A 74 1.94 3.72 9.47
C LYS A 74 3.46 3.65 9.54
N GLN A 75 4.02 2.46 9.47
CA GLN A 75 5.49 2.33 9.51
C GLN A 75 6.13 3.07 8.34
N ALA A 76 5.36 3.38 7.33
CA ALA A 76 5.91 4.11 6.16
C ALA A 76 5.82 5.61 6.39
N LEU A 77 4.71 6.08 6.89
CA LEU A 77 4.56 7.54 7.13
C LEU A 77 5.36 7.94 8.38
N THR A 78 5.49 7.06 9.32
CA THR A 78 6.27 7.39 10.55
C THR A 78 7.77 7.33 10.26
N GLU A 79 8.17 6.48 9.36
CA GLU A 79 9.61 6.36 9.02
C GLU A 79 9.94 7.22 7.80
N GLN A 80 9.16 7.11 6.76
CA GLN A 80 9.42 7.92 5.53
C GLN A 80 8.45 9.10 5.48
N GLY A 81 7.17 8.83 5.55
CA GLY A 81 6.17 9.92 5.51
C GLY A 81 5.24 9.71 4.32
N TYR A 82 5.45 8.67 3.55
CA TYR A 82 4.57 8.41 2.37
C TYR A 82 4.54 6.92 2.06
N TYR A 83 3.42 6.42 1.58
CA TYR A 83 3.33 4.98 1.25
C TYR A 83 2.51 4.79 -0.02
N LEU A 84 3.09 4.22 -1.04
CA LEU A 84 2.34 4.02 -2.31
C LEU A 84 1.80 2.59 -2.39
N GLN A 85 0.53 2.45 -2.68
CA GLN A 85 -0.04 1.07 -2.77
C GLN A 85 -0.22 0.68 -4.24
N LEU A 86 0.37 -0.42 -4.64
CA LEU A 86 0.24 -0.87 -6.05
C LEU A 86 -0.13 -2.35 -6.10
N PRO A 87 -1.26 -2.64 -6.69
CA PRO A 87 -1.72 -4.05 -6.81
C PRO A 87 -0.87 -4.82 -7.82
N PRO A 88 -1.08 -6.11 -7.85
CA PRO A 88 -0.32 -6.98 -8.78
C PRO A 88 -0.80 -6.77 -10.23
N PRO A 89 0.00 -7.23 -11.16
CA PRO A 89 -0.34 -7.08 -12.59
C PRO A 89 -1.42 -8.10 -13.00
N PRO A 90 -2.01 -7.85 -14.13
CA PRO A 90 -3.06 -8.75 -14.66
C PRO A 90 -2.47 -10.06 -15.19
N GLU A 91 -1.18 -10.13 -15.30
CA GLU A 91 -0.54 -11.38 -15.81
C GLU A 91 -0.69 -12.51 -14.79
N ASP A 92 0.08 -12.46 -13.75
CA ASP A 92 -0.01 -13.54 -12.73
C ASP A 92 -0.02 -14.92 -13.39
N LEU A 93 0.79 -15.10 -14.40
CA LEU A 93 0.84 -16.41 -15.10
C LEU A 93 0.93 -17.56 -14.09
N LEU A 94 0.72 -18.77 -14.55
CA LEU A 94 0.79 -19.93 -13.60
C LEU A 94 1.38 -21.17 -14.28
N LYS A 95 1.69 -21.10 -15.55
CA LYS A 95 2.26 -22.30 -16.25
C LYS A 95 3.77 -22.37 -16.01
N GLN A 96 4.48 -23.03 -16.89
CA GLN A 96 5.95 -23.14 -16.74
C GLN A 96 6.29 -23.72 -15.36
N HIS A 97 5.82 -24.91 -15.08
CA HIS A 97 6.12 -25.54 -13.76
C HIS A 97 6.99 -26.79 -13.95
N LEU A 98 7.77 -27.14 -12.97
CA LEU A 98 8.64 -28.34 -13.09
C LEU A 98 8.70 -29.09 -11.75
N SER A 99 7.71 -29.90 -11.48
CA SER A 99 7.71 -30.66 -10.20
C SER A 99 9.10 -31.25 -9.93
N VAL A 100 9.34 -31.68 -8.72
CA VAL A 100 10.67 -32.25 -8.38
C VAL A 100 10.50 -33.49 -7.49
N MET A 101 9.56 -34.34 -7.82
CA MET A 101 9.35 -35.57 -6.99
C MET A 101 9.03 -36.75 -7.90
N GLY A 102 9.03 -37.94 -7.35
CA GLY A 102 8.73 -39.14 -8.17
C GLY A 102 7.43 -39.79 -7.68
N GLN A 103 7.17 -41.00 -8.06
CA GLN A 103 5.91 -41.68 -7.61
C GLN A 103 6.23 -43.07 -7.04
N LYS A 104 5.24 -43.77 -6.57
CA LYS A 104 5.48 -45.12 -6.00
C LYS A 104 4.69 -46.17 -6.79
N THR A 105 4.92 -47.43 -6.53
CA THR A 105 4.17 -48.49 -7.27
C THR A 105 3.51 -49.46 -6.30
N ASP A 106 2.36 -49.96 -6.64
CA ASP A 106 1.66 -50.92 -5.72
C ASP A 106 0.71 -51.81 -6.53
N ASP A 107 1.18 -52.95 -6.97
CA ASP A 107 0.31 -53.86 -7.77
C ASP A 107 0.08 -55.17 -7.02
N THR A 108 -0.75 -55.16 -6.03
CA THR A 108 -1.00 -56.42 -5.25
C THR A 108 -2.05 -56.15 -4.15
N ASN A 109 -1.62 -55.70 -3.01
CA ASN A 109 -2.59 -55.43 -1.91
C ASN A 109 -3.77 -54.60 -2.42
N LYS A 110 -4.97 -55.08 -2.23
CA LYS A 110 -6.16 -54.32 -2.72
C LYS A 110 -6.32 -53.02 -1.93
N GLY A 1 12.83 -14.78 7.33
CA GLY A 1 11.68 -15.74 7.33
C GLY A 1 10.57 -15.20 6.44
N SER A 2 9.59 -14.54 7.01
CA SER A 2 8.48 -13.99 6.19
C SER A 2 8.25 -12.51 6.53
N MET A 3 8.35 -12.17 7.78
CA MET A 3 8.14 -10.75 8.19
C MET A 3 9.49 -10.04 8.38
N PRO A 4 9.83 -9.23 7.42
CA PRO A 4 11.11 -8.49 7.47
C PRO A 4 11.02 -7.33 8.46
N LYS A 5 11.02 -7.61 9.74
CA LYS A 5 10.93 -6.52 10.75
C LYS A 5 10.92 -7.10 12.16
N PRO A 6 11.70 -6.50 13.02
CA PRO A 6 11.77 -6.96 14.43
C PRO A 6 10.54 -6.50 15.21
N GLY A 7 10.35 -5.21 15.34
CA GLY A 7 9.18 -4.70 16.10
C GLY A 7 9.23 -3.18 16.18
N ILE A 8 9.54 -2.63 17.33
CA ILE A 8 9.61 -1.16 17.47
C ILE A 8 8.44 -0.50 16.73
N LEU A 9 7.33 -0.33 17.40
CA LEU A 9 6.14 0.30 16.73
C LEU A 9 5.51 1.34 17.65
N LYS A 10 5.13 2.47 17.12
CA LYS A 10 4.50 3.52 17.96
C LYS A 10 3.37 4.23 17.20
N SER A 11 2.91 5.34 17.69
CA SER A 11 1.81 6.07 16.98
C SER A 11 0.53 5.22 16.97
N LYS A 12 -0.57 5.83 16.66
CA LYS A 12 -1.86 5.07 16.63
C LYS A 12 -2.94 5.86 15.88
N SER A 13 -3.76 5.20 15.11
CA SER A 13 -4.81 5.91 14.34
C SER A 13 -4.19 7.03 13.50
N MET A 14 -4.11 8.22 14.01
CA MET A 14 -3.52 9.33 13.24
C MET A 14 -4.35 9.62 11.99
N PHE A 15 -3.97 10.60 11.21
CA PHE A 15 -4.73 10.93 9.97
C PHE A 15 -3.86 10.69 8.73
N CYS A 16 -4.44 10.25 7.65
CA CYS A 16 -3.64 10.00 6.43
C CYS A 16 -4.44 10.40 5.18
N VAL A 17 -3.77 10.77 4.13
CA VAL A 17 -4.48 11.18 2.89
C VAL A 17 -4.26 10.13 1.79
N ILE A 18 -5.31 9.76 1.09
CA ILE A 18 -5.15 8.75 0.01
C ILE A 18 -5.22 9.42 -1.36
N TYR A 19 -4.11 9.54 -2.03
CA TYR A 19 -4.11 10.19 -3.37
C TYR A 19 -4.36 9.14 -4.46
N ARG A 20 -4.71 9.58 -5.64
CA ARG A 20 -4.95 8.60 -6.74
C ARG A 20 -4.21 9.05 -8.01
N SER A 21 -3.62 8.12 -8.71
CA SER A 21 -2.88 8.48 -9.95
C SER A 21 -3.85 8.84 -11.08
N SER A 22 -3.57 9.89 -11.81
CA SER A 22 -4.48 10.30 -12.91
C SER A 22 -4.68 9.12 -13.88
N LYS A 23 -3.63 8.41 -14.18
CA LYS A 23 -3.75 7.26 -15.11
C LYS A 23 -2.76 6.17 -14.72
N ARG A 24 -3.19 5.21 -13.95
CA ARG A 24 -2.27 4.12 -13.52
C ARG A 24 -3.07 2.86 -13.15
N ASP A 25 -2.41 1.86 -12.64
CA ASP A 25 -3.14 0.61 -12.24
C ASP A 25 -3.78 0.79 -10.87
N GLN A 26 -4.69 1.73 -10.75
CA GLN A 26 -5.36 1.96 -9.44
C GLN A 26 -4.29 2.21 -8.36
N THR A 27 -3.34 3.07 -8.65
CA THR A 27 -2.28 3.36 -7.65
C THR A 27 -2.73 4.48 -6.70
N TYR A 28 -2.41 4.36 -5.44
CA TYR A 28 -2.83 5.42 -4.47
C TYR A 28 -1.66 5.77 -3.55
N LEU A 29 -1.51 7.03 -3.22
CA LEU A 29 -0.39 7.44 -2.32
C LEU A 29 -0.94 7.74 -0.92
N TYR A 30 -0.18 7.43 0.10
CA TYR A 30 -0.66 7.72 1.49
C TYR A 30 0.34 8.62 2.22
N VAL A 31 -0.14 9.60 2.93
CA VAL A 31 0.78 10.51 3.66
C VAL A 31 0.13 10.99 4.96
N GLU A 32 0.92 11.35 5.93
CA GLU A 32 0.34 11.84 7.21
C GLU A 32 -0.47 13.11 6.94
N LYS A 33 -0.23 13.74 5.83
CA LYS A 33 -0.98 14.98 5.48
C LYS A 33 -0.86 15.23 3.97
N LYS A 34 -1.62 16.16 3.46
CA LYS A 34 -1.54 16.46 2.00
C LYS A 34 -0.50 17.54 1.73
N ASP A 35 0.74 17.30 2.08
CA ASP A 35 1.80 18.33 1.85
C ASP A 35 2.54 18.07 0.53
N ASP A 36 3.36 17.05 0.49
CA ASP A 36 4.11 16.76 -0.76
C ASP A 36 4.74 15.38 -0.70
N PHE A 37 5.29 14.93 -1.79
CA PHE A 37 5.94 13.59 -1.81
C PHE A 37 7.40 13.75 -2.27
N SER A 38 8.32 13.74 -1.35
CA SER A 38 9.76 13.89 -1.75
C SER A 38 10.51 12.60 -1.47
N ARG A 39 9.88 11.67 -0.79
CA ARG A 39 10.55 10.39 -0.47
C ARG A 39 10.20 9.34 -1.51
N VAL A 40 9.15 9.53 -2.26
CA VAL A 40 8.78 8.54 -3.29
C VAL A 40 9.87 8.47 -4.37
N PRO A 41 10.26 7.26 -4.69
CA PRO A 41 11.32 7.05 -5.70
C PRO A 41 10.80 7.41 -7.10
N GLU A 42 11.67 7.89 -7.95
CA GLU A 42 11.24 8.26 -9.33
C GLU A 42 10.89 7.01 -10.14
N GLU A 43 11.15 5.85 -9.60
CA GLU A 43 10.85 4.59 -10.33
C GLU A 43 9.33 4.33 -10.26
N LEU A 44 8.73 4.60 -9.14
CA LEU A 44 7.28 4.38 -8.99
C LEU A 44 6.52 5.67 -9.33
N MET A 45 6.95 6.78 -8.80
CA MET A 45 6.27 8.06 -9.11
C MET A 45 6.22 8.26 -10.62
N LYS A 46 7.05 7.57 -11.35
CA LYS A 46 7.05 7.70 -12.84
C LYS A 46 5.64 7.48 -13.38
N GLY A 47 4.96 6.50 -12.87
CA GLY A 47 3.57 6.23 -13.35
C GLY A 47 2.59 7.19 -12.67
N PHE A 48 2.79 7.43 -11.40
CA PHE A 48 1.89 8.36 -10.66
C PHE A 48 2.01 9.77 -11.25
N GLY A 49 3.21 10.23 -11.48
CA GLY A 49 3.39 11.60 -12.03
C GLY A 49 2.77 12.61 -11.09
N GLN A 50 1.57 13.04 -11.37
CA GLN A 50 0.90 14.03 -10.47
C GLN A 50 -0.21 13.34 -9.67
N PRO A 51 -0.05 13.32 -8.38
CA PRO A 51 -1.06 12.67 -7.50
C PRO A 51 -2.34 13.51 -7.45
N GLN A 52 -3.43 12.90 -7.08
CA GLN A 52 -4.72 13.65 -7.01
C GLN A 52 -5.42 13.37 -5.68
N LEU A 53 -6.31 14.23 -5.27
CA LEU A 53 -7.02 14.01 -3.98
C LEU A 53 -8.34 13.27 -4.22
N ALA A 54 -8.35 11.98 -4.03
CA ALA A 54 -9.62 11.21 -4.25
C ALA A 54 -10.32 10.95 -2.92
N MET A 55 -9.57 10.72 -1.87
CA MET A 55 -10.20 10.44 -0.55
C MET A 55 -9.23 10.77 0.58
N ILE A 56 -9.72 11.29 1.68
CA ILE A 56 -8.82 11.62 2.83
C ILE A 56 -9.18 10.76 4.04
N LEU A 57 -8.24 10.04 4.57
CA LEU A 57 -8.52 9.18 5.76
C LEU A 57 -8.35 9.97 7.05
N PRO A 58 -9.42 10.08 7.80
CA PRO A 58 -9.38 10.82 9.08
C PRO A 58 -8.65 10.00 10.15
N LEU A 59 -8.67 10.45 11.38
CA LEU A 59 -7.97 9.70 12.46
C LEU A 59 -8.99 9.20 13.50
N ASP A 60 -10.04 8.58 13.05
CA ASP A 60 -11.06 8.08 14.02
C ASP A 60 -11.29 6.58 13.79
N GLY A 61 -11.22 6.12 12.58
CA GLY A 61 -11.44 4.68 12.30
C GLY A 61 -10.23 4.11 11.57
N ARG A 62 -9.41 3.35 12.25
CA ARG A 62 -8.21 2.76 11.59
C ARG A 62 -8.52 1.35 11.10
N LYS A 63 -9.10 1.21 9.94
CA LYS A 63 -9.43 -0.14 9.42
C LYS A 63 -8.63 -0.43 8.15
N LYS A 64 -8.74 -1.62 7.62
CA LYS A 64 -7.98 -1.96 6.38
C LYS A 64 -8.70 -1.38 5.16
N LEU A 65 -8.01 -1.28 4.05
CA LEU A 65 -8.66 -0.72 2.83
C LEU A 65 -8.67 -1.76 1.70
N VAL A 66 -9.41 -1.53 0.66
CA VAL A 66 -9.46 -2.52 -0.46
C VAL A 66 -8.26 -2.33 -1.39
N ASN A 67 -7.41 -1.39 -1.11
CA ASN A 67 -6.23 -1.17 -2.00
C ASN A 67 -4.92 -1.37 -1.21
N ALA A 68 -4.73 -0.63 -0.15
CA ALA A 68 -3.48 -0.78 0.65
C ALA A 68 -3.81 -1.01 2.13
N ASP A 69 -2.93 -1.66 2.84
CA ASP A 69 -3.19 -1.90 4.29
C ASP A 69 -2.81 -0.66 5.10
N ILE A 70 -3.77 0.02 5.64
CA ILE A 70 -3.46 1.24 6.44
C ILE A 70 -2.39 0.92 7.48
N GLU A 71 -2.39 -0.28 8.01
CA GLU A 71 -1.37 -0.65 9.03
C GLU A 71 0.03 -0.67 8.40
N LYS A 72 0.14 -1.18 7.21
CA LYS A 72 1.48 -1.22 6.54
C LYS A 72 1.93 0.19 6.18
N VAL A 73 1.01 1.12 6.14
CA VAL A 73 1.38 2.52 5.79
C VAL A 73 1.88 3.27 7.03
N LYS A 74 1.37 2.93 8.18
CA LYS A 74 1.82 3.63 9.42
C LYS A 74 3.35 3.57 9.52
N GLN A 75 3.92 2.41 9.38
CA GLN A 75 5.40 2.28 9.47
C GLN A 75 6.06 3.07 8.33
N ALA A 76 5.29 3.48 7.36
CA ALA A 76 5.86 4.27 6.23
C ALA A 76 5.72 5.76 6.51
N LEU A 77 4.55 6.19 6.91
CA LEU A 77 4.35 7.64 7.20
C LEU A 77 5.08 8.01 8.48
N THR A 78 5.27 7.07 9.37
CA THR A 78 5.98 7.37 10.65
C THR A 78 7.50 7.34 10.41
N GLU A 79 7.95 6.54 9.48
CA GLU A 79 9.41 6.47 9.21
C GLU A 79 9.78 7.43 8.08
N GLN A 80 9.03 7.41 7.01
CA GLN A 80 9.32 8.32 5.87
C GLN A 80 8.29 9.45 5.82
N GLY A 81 7.05 9.10 5.70
CA GLY A 81 5.97 10.13 5.65
C GLY A 81 5.09 9.90 4.41
N TYR A 82 5.39 8.90 3.63
CA TYR A 82 4.57 8.63 2.42
C TYR A 82 4.57 7.13 2.09
N TYR A 83 3.47 6.63 1.61
CA TYR A 83 3.40 5.18 1.26
C TYR A 83 2.57 4.98 0.00
N LEU A 84 3.16 4.46 -1.04
CA LEU A 84 2.41 4.26 -2.31
C LEU A 84 1.87 2.83 -2.38
N GLN A 85 0.60 2.68 -2.61
CA GLN A 85 0.02 1.31 -2.68
C GLN A 85 -0.17 0.90 -4.16
N LEU A 86 0.33 -0.24 -4.54
CA LEU A 86 0.18 -0.69 -5.95
C LEU A 86 -0.51 -2.07 -6.00
N PRO A 87 -1.70 -2.08 -6.53
CA PRO A 87 -2.47 -3.34 -6.64
C PRO A 87 -1.91 -4.21 -7.77
N PRO A 88 -2.33 -5.45 -7.78
CA PRO A 88 -1.87 -6.41 -8.82
C PRO A 88 -2.52 -6.09 -10.17
N PRO A 89 -1.77 -6.30 -11.21
CA PRO A 89 -2.28 -6.05 -12.58
C PRO A 89 -3.29 -7.13 -12.98
N PRO A 90 -3.91 -6.91 -14.11
CA PRO A 90 -4.91 -7.89 -14.62
C PRO A 90 -4.21 -9.14 -15.17
N GLU A 91 -2.93 -9.04 -15.42
CA GLU A 91 -2.18 -10.23 -15.94
C GLU A 91 -1.99 -11.27 -14.84
N ASP A 92 -0.98 -11.11 -14.03
CA ASP A 92 -0.75 -12.10 -12.95
C ASP A 92 0.59 -11.81 -12.23
N LEU A 93 1.60 -11.47 -12.98
CA LEU A 93 2.92 -11.19 -12.35
C LEU A 93 2.95 -9.77 -11.76
N LEU A 94 4.01 -9.45 -11.06
CA LEU A 94 4.11 -8.09 -10.44
C LEU A 94 5.56 -7.83 -10.05
N LYS A 95 5.96 -8.30 -8.89
CA LYS A 95 7.36 -8.09 -8.44
C LYS A 95 8.28 -9.15 -9.04
N GLN A 96 9.42 -9.37 -8.44
CA GLN A 96 10.34 -10.39 -8.99
C GLN A 96 10.93 -11.25 -7.85
N HIS A 97 11.49 -12.39 -8.18
CA HIS A 97 12.07 -13.26 -7.11
C HIS A 97 13.58 -13.07 -7.03
N LEU A 98 14.06 -12.49 -5.97
CA LEU A 98 15.53 -12.29 -5.83
C LEU A 98 16.00 -12.86 -4.49
N SER A 99 16.31 -14.14 -4.46
CA SER A 99 16.77 -14.75 -3.18
C SER A 99 17.29 -16.18 -3.43
N VAL A 100 16.64 -17.17 -2.88
CA VAL A 100 17.12 -18.57 -3.09
C VAL A 100 18.56 -18.72 -2.59
N MET A 101 18.82 -18.27 -1.40
CA MET A 101 20.21 -18.37 -0.85
C MET A 101 20.18 -19.18 0.45
N GLY A 102 21.31 -19.71 0.85
CA GLY A 102 21.35 -20.50 2.11
C GLY A 102 20.56 -19.77 3.21
N GLN A 103 19.65 -20.45 3.84
CA GLN A 103 18.85 -19.80 4.92
C GLN A 103 18.88 -20.67 6.18
N LYS A 104 18.36 -20.17 7.26
CA LYS A 104 18.35 -20.97 8.53
C LYS A 104 16.93 -21.13 9.05
N THR A 105 16.74 -21.95 10.06
CA THR A 105 15.37 -22.14 10.62
C THR A 105 15.36 -21.84 12.12
N ASP A 106 14.25 -21.43 12.64
CA ASP A 106 14.17 -21.12 14.10
C ASP A 106 12.71 -21.03 14.54
N ASP A 107 11.92 -22.03 14.21
CA ASP A 107 10.49 -22.01 14.60
C ASP A 107 10.34 -22.15 16.13
N THR A 108 10.78 -21.17 16.88
CA THR A 108 10.66 -21.26 18.36
C THR A 108 9.71 -20.18 18.86
N ASN A 109 8.43 -20.33 18.63
CA ASN A 109 7.45 -19.31 19.10
C ASN A 109 7.10 -19.55 20.57
N LYS A 110 5.97 -19.07 21.00
CA LYS A 110 5.58 -19.26 22.43
C LYS A 110 6.55 -18.54 23.36
N GLY A 1 9.23 -14.95 7.41
CA GLY A 1 7.73 -14.90 7.47
C GLY A 1 7.28 -15.20 8.90
N SER A 2 7.74 -14.46 9.86
CA SER A 2 7.33 -14.71 11.27
C SER A 2 7.92 -13.63 12.18
N MET A 3 7.54 -12.39 11.96
CA MET A 3 8.05 -11.25 12.80
C MET A 3 9.45 -11.55 13.34
N PRO A 4 10.43 -11.18 12.56
CA PRO A 4 11.84 -11.40 12.96
C PRO A 4 12.25 -10.44 14.07
N LYS A 5 11.38 -9.55 14.45
CA LYS A 5 11.72 -8.57 15.53
C LYS A 5 10.55 -8.44 16.51
N PRO A 6 10.80 -8.81 17.74
CA PRO A 6 9.76 -8.74 18.78
C PRO A 6 9.48 -7.28 19.18
N GLY A 7 8.56 -7.06 20.07
CA GLY A 7 8.25 -5.67 20.50
C GLY A 7 6.77 -5.37 20.21
N ILE A 8 6.23 -4.35 20.83
CA ILE A 8 4.80 -4.01 20.58
C ILE A 8 4.70 -3.00 19.44
N LEU A 9 4.04 -3.36 18.36
CA LEU A 9 3.91 -2.43 17.21
C LEU A 9 2.78 -1.43 17.46
N LYS A 10 2.45 -0.64 16.47
CA LYS A 10 1.35 0.36 16.65
C LYS A 10 1.73 1.41 17.68
N SER A 11 1.09 2.56 17.64
CA SER A 11 1.41 3.64 18.62
C SER A 11 0.12 4.20 19.21
N LYS A 12 -0.74 4.76 18.39
CA LYS A 12 -2.01 5.32 18.92
C LYS A 12 -2.98 5.61 17.77
N SER A 13 -2.71 6.63 16.98
CA SER A 13 -3.61 6.96 15.85
C SER A 13 -3.06 8.14 15.05
N MET A 14 -3.61 8.40 13.89
CA MET A 14 -3.09 9.54 13.08
C MET A 14 -3.97 9.77 11.84
N PHE A 15 -3.70 10.82 11.11
CA PHE A 15 -4.49 11.12 9.88
C PHE A 15 -3.62 10.88 8.64
N CYS A 16 -4.21 10.41 7.57
CA CYS A 16 -3.40 10.16 6.34
C CYS A 16 -4.21 10.54 5.09
N VAL A 17 -3.54 10.86 4.01
CA VAL A 17 -4.26 11.24 2.77
C VAL A 17 -4.04 10.19 1.68
N ILE A 18 -5.10 9.74 1.05
CA ILE A 18 -4.94 8.71 -0.02
C ILE A 18 -5.05 9.36 -1.40
N TYR A 19 -3.94 9.48 -2.10
CA TYR A 19 -3.98 10.10 -3.46
C TYR A 19 -4.22 9.04 -4.52
N ARG A 20 -4.76 9.42 -5.65
CA ARG A 20 -5.00 8.41 -6.73
C ARG A 20 -4.27 8.85 -8.01
N SER A 21 -3.67 7.93 -8.70
CA SER A 21 -2.93 8.29 -9.95
C SER A 21 -3.92 8.62 -11.07
N SER A 22 -3.70 9.69 -11.78
CA SER A 22 -4.63 10.07 -12.88
C SER A 22 -4.77 8.90 -13.86
N LYS A 23 -3.71 8.21 -14.14
CA LYS A 23 -3.78 7.06 -15.09
C LYS A 23 -2.72 6.02 -14.74
N ARG A 24 -3.08 5.02 -13.97
CA ARG A 24 -2.08 3.98 -13.61
C ARG A 24 -2.79 2.69 -13.22
N ASP A 25 -2.05 1.69 -12.79
CA ASP A 25 -2.68 0.41 -12.40
C ASP A 25 -3.24 0.51 -10.97
N GLN A 26 -4.28 1.28 -10.79
CA GLN A 26 -4.88 1.41 -9.43
C GLN A 26 -3.78 1.77 -8.41
N THR A 27 -3.05 2.82 -8.65
CA THR A 27 -1.97 3.21 -7.70
C THR A 27 -2.45 4.34 -6.78
N TYR A 28 -2.22 4.20 -5.49
CA TYR A 28 -2.66 5.28 -4.56
C TYR A 28 -1.51 5.63 -3.61
N LEU A 29 -1.29 6.90 -3.39
CA LEU A 29 -0.18 7.31 -2.47
C LEU A 29 -0.74 7.64 -1.09
N TYR A 30 0.02 7.45 -0.05
CA TYR A 30 -0.47 7.75 1.32
C TYR A 30 0.51 8.67 2.05
N VAL A 31 0.01 9.60 2.80
CA VAL A 31 0.92 10.52 3.55
C VAL A 31 0.24 11.02 4.83
N GLU A 32 1.01 11.31 5.85
CA GLU A 32 0.41 11.80 7.12
C GLU A 32 -0.27 13.15 6.87
N LYS A 33 0.02 13.77 5.76
CA LYS A 33 -0.60 15.08 5.45
C LYS A 33 -0.48 15.37 3.94
N LYS A 34 -1.27 16.27 3.44
CA LYS A 34 -1.19 16.58 1.98
C LYS A 34 -0.09 17.63 1.72
N ASP A 35 1.12 17.32 2.04
CA ASP A 35 2.23 18.29 1.81
C ASP A 35 3.00 17.96 0.53
N ASP A 36 3.77 16.92 0.54
CA ASP A 36 4.55 16.55 -0.68
C ASP A 36 5.12 15.13 -0.56
N PHE A 37 5.69 14.64 -1.63
CA PHE A 37 6.29 13.27 -1.60
C PHE A 37 7.77 13.36 -1.96
N SER A 38 8.64 13.28 -0.99
CA SER A 38 10.09 13.38 -1.29
C SER A 38 10.79 12.03 -1.06
N ARG A 39 10.08 11.05 -0.59
CA ARG A 39 10.71 9.72 -0.35
C ARG A 39 10.40 8.77 -1.50
N VAL A 40 9.34 9.03 -2.22
CA VAL A 40 8.99 8.14 -3.36
C VAL A 40 10.08 8.20 -4.43
N PRO A 41 10.46 7.03 -4.89
CA PRO A 41 11.51 6.94 -5.94
C PRO A 41 10.99 7.48 -7.27
N GLU A 42 11.84 8.11 -8.03
CA GLU A 42 11.40 8.66 -9.34
C GLU A 42 10.96 7.53 -10.29
N GLU A 43 11.29 6.31 -9.97
CA GLU A 43 10.90 5.18 -10.85
C GLU A 43 9.41 4.88 -10.68
N LEU A 44 8.91 4.95 -9.47
CA LEU A 44 7.46 4.69 -9.25
C LEU A 44 6.64 5.95 -9.52
N MET A 45 7.06 7.07 -8.98
CA MET A 45 6.32 8.33 -9.22
C MET A 45 6.12 8.55 -10.72
N LYS A 46 7.00 8.03 -11.52
CA LYS A 46 6.87 8.20 -12.99
C LYS A 46 5.45 7.83 -13.43
N GLY A 47 4.96 6.70 -12.98
CA GLY A 47 3.58 6.29 -13.37
C GLY A 47 2.58 7.23 -12.70
N PHE A 48 2.84 7.62 -11.49
CA PHE A 48 1.90 8.54 -10.78
C PHE A 48 1.96 9.93 -11.41
N GLY A 49 3.13 10.48 -11.56
CA GLY A 49 3.26 11.83 -12.17
C GLY A 49 2.49 12.84 -11.31
N GLN A 50 1.28 13.14 -11.67
CA GLN A 50 0.48 14.10 -10.87
C GLN A 50 -0.60 13.37 -10.09
N PRO A 51 -0.37 13.22 -8.82
CA PRO A 51 -1.35 12.53 -7.93
C PRO A 51 -2.58 13.39 -7.71
N GLN A 52 -3.68 12.78 -7.34
CA GLN A 52 -4.93 13.56 -7.09
C GLN A 52 -5.53 13.17 -5.75
N LEU A 53 -6.34 14.03 -5.17
CA LEU A 53 -6.96 13.70 -3.86
C LEU A 53 -8.24 12.89 -4.07
N ALA A 54 -8.18 11.60 -3.89
CA ALA A 54 -9.40 10.77 -4.09
C ALA A 54 -10.16 10.66 -2.77
N MET A 55 -9.52 10.22 -1.72
CA MET A 55 -10.20 10.09 -0.41
C MET A 55 -9.24 10.45 0.73
N ILE A 56 -9.69 11.19 1.70
CA ILE A 56 -8.79 11.56 2.83
C ILE A 56 -9.11 10.72 4.07
N LEU A 57 -8.11 10.15 4.68
CA LEU A 57 -8.35 9.31 5.89
C LEU A 57 -8.26 10.18 7.15
N PRO A 58 -9.31 10.16 7.92
CA PRO A 58 -9.35 10.96 9.17
C PRO A 58 -8.43 10.34 10.23
N LEU A 59 -8.33 10.96 11.37
CA LEU A 59 -7.46 10.42 12.44
C LEU A 59 -8.29 10.05 13.68
N ASP A 60 -9.17 9.09 13.54
CA ASP A 60 -10.00 8.67 14.70
C ASP A 60 -9.73 7.21 15.01
N GLY A 61 -8.58 6.72 14.64
CA GLY A 61 -8.24 5.30 14.90
C GLY A 61 -7.78 4.64 13.60
N ARG A 62 -8.39 3.56 13.22
CA ARG A 62 -7.98 2.88 11.95
C ARG A 62 -9.20 2.58 11.08
N LYS A 63 -9.33 3.24 9.97
CA LYS A 63 -10.51 2.98 9.08
C LYS A 63 -10.22 1.78 8.18
N LYS A 64 -11.18 1.36 7.41
CA LYS A 64 -10.96 0.18 6.52
C LYS A 64 -10.94 0.62 5.05
N LEU A 65 -9.98 0.18 4.31
CA LEU A 65 -9.90 0.55 2.87
C LEU A 65 -10.04 -0.69 1.99
N VAL A 66 -10.08 -0.52 0.70
CA VAL A 66 -10.21 -1.69 -0.20
C VAL A 66 -8.96 -1.85 -1.07
N ASN A 67 -8.04 -0.94 -0.95
CA ASN A 67 -6.79 -1.04 -1.78
C ASN A 67 -5.57 -1.31 -0.89
N ALA A 68 -5.24 -0.40 -0.01
CA ALA A 68 -4.06 -0.62 0.86
C ALA A 68 -4.49 -0.67 2.34
N ASP A 69 -3.72 -1.33 3.15
CA ASP A 69 -4.09 -1.42 4.60
C ASP A 69 -3.50 -0.23 5.35
N ILE A 70 -4.34 0.67 5.79
CA ILE A 70 -3.85 1.87 6.53
C ILE A 70 -2.80 1.47 7.59
N GLU A 71 -2.94 0.31 8.16
CA GLU A 71 -1.96 -0.13 9.20
C GLU A 71 -0.56 -0.24 8.59
N LYS A 72 -0.41 -0.90 7.48
CA LYS A 72 0.93 -1.04 6.86
C LYS A 72 1.49 0.35 6.52
N VAL A 73 0.64 1.29 6.31
CA VAL A 73 1.12 2.68 5.98
C VAL A 73 1.63 3.36 7.25
N LYS A 74 1.17 2.96 8.39
CA LYS A 74 1.63 3.59 9.66
C LYS A 74 3.16 3.54 9.77
N GLN A 75 3.73 2.39 9.66
CA GLN A 75 5.22 2.27 9.76
C GLN A 75 5.90 2.98 8.58
N ALA A 76 5.15 3.30 7.57
CA ALA A 76 5.76 4.00 6.39
C ALA A 76 5.76 5.52 6.61
N LEU A 77 4.66 6.06 7.08
CA LEU A 77 4.61 7.53 7.30
C LEU A 77 5.40 7.90 8.56
N THR A 78 5.47 7.01 9.52
CA THR A 78 6.23 7.32 10.76
C THR A 78 7.74 7.15 10.51
N GLU A 79 8.10 6.24 9.66
CA GLU A 79 9.54 6.03 9.36
C GLU A 79 9.94 6.81 8.10
N GLN A 80 9.16 6.71 7.06
CA GLN A 80 9.49 7.43 5.80
C GLN A 80 8.64 8.70 5.70
N GLY A 81 7.34 8.56 5.72
CA GLY A 81 6.45 9.74 5.63
C GLY A 81 5.54 9.59 4.42
N TYR A 82 5.69 8.54 3.67
CA TYR A 82 4.82 8.34 2.47
C TYR A 82 4.68 6.84 2.17
N TYR A 83 3.57 6.45 1.62
CA TYR A 83 3.37 4.99 1.30
C TYR A 83 2.55 4.83 0.03
N LEU A 84 3.09 4.18 -0.96
CA LEU A 84 2.34 3.99 -2.23
C LEU A 84 1.77 2.56 -2.30
N GLN A 85 0.52 2.43 -2.60
CA GLN A 85 -0.09 1.07 -2.67
C GLN A 85 -0.28 0.64 -4.13
N LEU A 86 0.15 -0.54 -4.48
CA LEU A 86 -0.03 -1.02 -5.88
C LEU A 86 -0.60 -2.44 -5.87
N PRO A 87 -1.76 -2.58 -6.45
CA PRO A 87 -2.44 -3.91 -6.49
C PRO A 87 -1.71 -4.86 -7.45
N PRO A 88 -1.08 -5.86 -6.88
CA PRO A 88 -0.33 -6.85 -7.69
C PRO A 88 -1.29 -7.89 -8.27
N PRO A 89 -0.74 -8.74 -9.10
CA PRO A 89 -1.56 -9.81 -9.74
C PRO A 89 -1.89 -10.91 -8.71
N PRO A 90 -2.76 -11.79 -9.11
CA PRO A 90 -3.17 -12.90 -8.23
C PRO A 90 -2.10 -14.01 -8.23
N GLU A 91 -2.43 -15.21 -8.66
CA GLU A 91 -1.41 -16.30 -8.68
C GLU A 91 -2.10 -17.65 -8.90
N ASP A 92 -1.35 -18.71 -8.97
CA ASP A 92 -1.98 -20.06 -9.17
C ASP A 92 -1.73 -20.93 -7.94
N LEU A 93 -0.93 -20.47 -7.01
CA LEU A 93 -0.65 -21.28 -5.79
C LEU A 93 -0.38 -22.73 -6.18
N LEU A 94 -0.80 -23.67 -5.36
CA LEU A 94 -0.55 -25.09 -5.68
C LEU A 94 0.96 -25.39 -5.63
N LYS A 95 1.45 -26.21 -6.52
CA LYS A 95 2.91 -26.53 -6.51
C LYS A 95 3.37 -26.87 -5.08
N GLN A 96 2.92 -27.98 -4.56
CA GLN A 96 3.33 -28.38 -3.18
C GLN A 96 4.71 -29.05 -3.21
N HIS A 97 5.53 -28.78 -2.23
CA HIS A 97 6.89 -29.41 -2.21
C HIS A 97 7.11 -30.16 -0.89
N LEU A 98 7.38 -31.43 -0.97
CA LEU A 98 7.60 -32.23 0.27
C LEU A 98 8.86 -33.09 0.12
N SER A 99 9.76 -33.01 1.06
CA SER A 99 11.01 -33.83 0.97
C SER A 99 10.95 -34.99 1.98
N VAL A 100 12.08 -35.36 2.52
CA VAL A 100 12.09 -36.49 3.50
C VAL A 100 11.38 -37.71 2.92
N MET A 101 11.88 -38.22 1.83
CA MET A 101 11.24 -39.42 1.21
C MET A 101 12.02 -39.83 -0.04
N GLY A 102 13.31 -39.98 0.08
CA GLY A 102 14.12 -40.38 -1.11
C GLY A 102 14.29 -39.18 -2.03
N GLN A 103 15.45 -38.57 -2.04
CA GLN A 103 15.67 -37.40 -2.92
C GLN A 103 16.99 -37.55 -3.69
N LYS A 104 17.21 -36.73 -4.67
CA LYS A 104 18.47 -36.81 -5.46
C LYS A 104 19.31 -35.55 -5.23
N THR A 105 20.58 -35.60 -5.57
CA THR A 105 21.44 -34.40 -5.37
C THR A 105 22.38 -34.22 -6.58
N ASP A 106 22.66 -33.00 -6.93
CA ASP A 106 23.57 -32.76 -8.10
C ASP A 106 25.03 -32.75 -7.64
N ASP A 107 25.94 -32.52 -8.53
CA ASP A 107 27.38 -32.49 -8.14
C ASP A 107 28.22 -31.89 -9.26
N THR A 108 28.97 -30.86 -8.97
CA THR A 108 29.82 -30.22 -10.02
C THR A 108 31.29 -30.26 -9.62
N ASN A 109 31.60 -30.95 -8.55
CA ASN A 109 33.02 -31.04 -8.10
C ASN A 109 33.49 -32.49 -8.10
N LYS A 110 34.77 -32.71 -8.20
CA LYS A 110 35.29 -34.12 -8.22
C LYS A 110 36.77 -34.13 -7.80
N GLY A 1 21.09 -15.02 -2.37
CA GLY A 1 21.83 -13.77 -2.07
C GLY A 1 20.96 -12.55 -2.36
N SER A 2 21.30 -11.42 -1.83
CA SER A 2 20.49 -10.20 -2.07
C SER A 2 19.04 -10.42 -1.61
N MET A 3 18.84 -10.72 -0.35
CA MET A 3 17.45 -10.95 0.14
C MET A 3 16.81 -9.62 0.51
N PRO A 4 15.62 -9.42 0.00
CA PRO A 4 14.88 -8.16 0.28
C PRO A 4 14.34 -8.15 1.72
N LYS A 5 14.38 -7.03 2.36
CA LYS A 5 13.88 -6.96 3.77
C LYS A 5 12.40 -6.58 3.78
N PRO A 6 11.69 -7.16 4.72
CA PRO A 6 10.24 -6.89 4.85
C PRO A 6 10.01 -5.48 5.42
N GLY A 7 8.81 -4.99 5.33
CA GLY A 7 8.53 -3.63 5.87
C GLY A 7 8.56 -3.65 7.40
N ILE A 8 8.47 -2.51 8.02
CA ILE A 8 8.49 -2.47 9.52
C ILE A 8 7.08 -2.71 10.07
N LEU A 9 6.97 -3.48 11.12
CA LEU A 9 5.63 -3.75 11.71
C LEU A 9 5.33 -2.76 12.84
N LYS A 10 4.59 -1.72 12.55
CA LYS A 10 4.26 -0.73 13.60
C LYS A 10 3.01 0.08 13.20
N SER A 11 2.17 0.40 14.14
CA SER A 11 0.95 1.18 13.80
C SER A 11 1.07 2.62 14.30
N LYS A 12 0.01 3.37 14.24
CA LYS A 12 0.07 4.79 14.71
C LYS A 12 -1.30 5.45 14.53
N SER A 13 -1.79 6.12 15.54
CA SER A 13 -3.12 6.78 15.43
C SER A 13 -2.96 8.21 14.91
N MET A 14 -3.46 8.49 13.73
CA MET A 14 -3.33 9.87 13.18
C MET A 14 -4.18 10.02 11.91
N PHE A 15 -3.94 11.06 11.17
CA PHE A 15 -4.73 11.28 9.92
C PHE A 15 -3.86 10.99 8.69
N CYS A 16 -4.44 10.45 7.65
CA CYS A 16 -3.65 10.15 6.43
C CYS A 16 -4.44 10.55 5.17
N VAL A 17 -3.77 10.75 4.07
CA VAL A 17 -4.49 11.14 2.83
C VAL A 17 -4.24 10.10 1.72
N ILE A 18 -5.28 9.63 1.10
CA ILE A 18 -5.09 8.61 0.01
C ILE A 18 -5.16 9.29 -1.36
N TYR A 19 -4.05 9.36 -2.05
CA TYR A 19 -4.05 10.01 -3.40
C TYR A 19 -4.34 8.98 -4.48
N ARG A 20 -4.87 9.40 -5.60
CA ARG A 20 -5.16 8.44 -6.70
C ARG A 20 -4.50 8.92 -7.99
N SER A 21 -3.92 8.04 -8.75
CA SER A 21 -3.26 8.46 -10.02
C SER A 21 -4.31 8.88 -11.05
N SER A 22 -4.08 9.96 -11.76
CA SER A 22 -5.07 10.41 -12.77
C SER A 22 -5.33 9.29 -13.78
N LYS A 23 -4.33 8.52 -14.10
CA LYS A 23 -4.51 7.41 -15.07
C LYS A 23 -3.44 6.34 -14.84
N ARG A 24 -3.77 5.32 -14.07
CA ARG A 24 -2.77 4.25 -13.80
C ARG A 24 -3.48 2.95 -13.44
N ASP A 25 -2.76 2.00 -12.89
CA ASP A 25 -3.39 0.70 -12.52
C ASP A 25 -3.90 0.76 -11.07
N GLN A 26 -4.85 1.60 -10.81
CA GLN A 26 -5.39 1.70 -9.42
C GLN A 26 -4.26 1.99 -8.42
N THR A 27 -3.37 2.89 -8.77
CA THR A 27 -2.25 3.22 -7.85
C THR A 27 -2.66 4.33 -6.90
N TYR A 28 -2.44 4.17 -5.62
CA TYR A 28 -2.82 5.23 -4.65
C TYR A 28 -1.64 5.55 -3.72
N LEU A 29 -1.50 6.79 -3.35
CA LEU A 29 -0.39 7.18 -2.44
C LEU A 29 -0.93 7.49 -1.05
N TYR A 30 -0.13 7.34 -0.03
CA TYR A 30 -0.61 7.63 1.35
C TYR A 30 0.37 8.56 2.07
N VAL A 31 -0.14 9.51 2.80
CA VAL A 31 0.75 10.47 3.53
C VAL A 31 0.08 10.94 4.82
N GLU A 32 0.86 11.33 5.79
CA GLU A 32 0.28 11.80 7.08
C GLU A 32 -0.49 13.11 6.87
N LYS A 33 -0.22 13.79 5.79
CA LYS A 33 -0.93 15.07 5.53
C LYS A 33 -0.83 15.45 4.05
N LYS A 34 -1.60 16.41 3.63
CA LYS A 34 -1.57 16.84 2.21
C LYS A 34 -0.40 17.82 1.96
N ASP A 35 0.82 17.39 2.16
CA ASP A 35 1.95 18.32 1.93
C ASP A 35 2.70 18.00 0.63
N ASP A 36 3.47 16.94 0.59
CA ASP A 36 4.21 16.61 -0.66
C ASP A 36 4.80 15.20 -0.58
N PHE A 37 5.34 14.73 -1.68
CA PHE A 37 5.97 13.37 -1.70
C PHE A 37 7.43 13.49 -2.12
N SER A 38 8.34 13.44 -1.19
CA SER A 38 9.79 13.58 -1.54
C SER A 38 10.53 12.26 -1.32
N ARG A 39 9.88 11.28 -0.75
CA ARG A 39 10.57 9.98 -0.49
C ARG A 39 10.19 8.95 -1.54
N VAL A 40 9.15 9.19 -2.29
CA VAL A 40 8.75 8.20 -3.32
C VAL A 40 9.84 8.12 -4.40
N PRO A 41 10.10 6.91 -4.81
CA PRO A 41 11.14 6.67 -5.84
C PRO A 41 10.70 7.20 -7.20
N GLU A 42 11.56 7.89 -7.90
CA GLU A 42 11.19 8.44 -9.23
C GLU A 42 10.80 7.29 -10.17
N GLU A 43 11.12 6.08 -9.80
CA GLU A 43 10.77 4.92 -10.67
C GLU A 43 9.25 4.68 -10.60
N LEU A 44 8.69 4.75 -9.43
CA LEU A 44 7.23 4.53 -9.27
C LEU A 44 6.49 5.85 -9.51
N MET A 45 6.94 6.90 -8.87
CA MET A 45 6.28 8.22 -9.07
C MET A 45 6.20 8.55 -10.56
N LYS A 46 7.17 8.13 -11.31
CA LYS A 46 7.15 8.41 -12.77
C LYS A 46 5.77 8.06 -13.34
N GLY A 47 5.23 6.93 -12.95
CA GLY A 47 3.89 6.54 -13.44
C GLY A 47 2.84 7.44 -12.79
N PHE A 48 3.05 7.79 -11.55
CA PHE A 48 2.07 8.69 -10.85
C PHE A 48 2.16 10.09 -11.44
N GLY A 49 3.36 10.56 -11.71
CA GLY A 49 3.52 11.92 -12.28
C GLY A 49 2.83 12.93 -11.37
N GLN A 50 1.58 13.20 -11.61
CA GLN A 50 0.86 14.17 -10.76
C GLN A 50 -0.23 13.44 -9.96
N PRO A 51 -0.01 13.35 -8.67
CA PRO A 51 -0.98 12.67 -7.78
C PRO A 51 -2.26 13.50 -7.65
N GLN A 52 -3.34 12.88 -7.26
CA GLN A 52 -4.61 13.63 -7.12
C GLN A 52 -5.27 13.29 -5.78
N LEU A 53 -6.17 14.12 -5.32
CA LEU A 53 -6.83 13.85 -4.02
C LEU A 53 -8.07 12.99 -4.23
N ALA A 54 -7.97 11.70 -4.02
CA ALA A 54 -9.17 10.83 -4.20
C ALA A 54 -9.98 10.79 -2.90
N MET A 55 -9.39 10.36 -1.83
CA MET A 55 -10.13 10.30 -0.54
C MET A 55 -9.18 10.64 0.62
N ILE A 56 -9.67 11.32 1.62
CA ILE A 56 -8.81 11.68 2.78
C ILE A 56 -9.17 10.85 4.00
N LEU A 57 -8.20 10.23 4.63
CA LEU A 57 -8.50 9.41 5.84
C LEU A 57 -8.42 10.30 7.09
N PRO A 58 -9.54 10.38 7.78
CA PRO A 58 -9.60 11.20 9.01
C PRO A 58 -8.81 10.54 10.13
N LEU A 59 -8.70 11.19 11.26
CA LEU A 59 -7.95 10.60 12.41
C LEU A 59 -8.91 10.37 13.58
N ASP A 60 -10.00 9.69 13.35
CA ASP A 60 -10.96 9.43 14.45
C ASP A 60 -11.22 7.93 14.58
N GLY A 61 -10.42 7.12 13.96
CA GLY A 61 -10.63 5.64 14.04
C GLY A 61 -11.54 5.18 12.90
N ARG A 62 -10.98 4.96 11.74
CA ARG A 62 -11.81 4.51 10.59
C ARG A 62 -11.61 3.01 10.35
N LYS A 63 -12.36 2.44 9.46
CA LYS A 63 -12.21 0.98 9.17
C LYS A 63 -10.99 0.74 8.27
N LYS A 64 -10.63 -0.49 8.07
CA LYS A 64 -9.45 -0.78 7.20
C LYS A 64 -9.85 -0.71 5.72
N LEU A 65 -8.91 -0.48 4.85
CA LEU A 65 -9.23 -0.40 3.40
C LEU A 65 -9.03 -1.77 2.73
N VAL A 66 -9.37 -1.88 1.47
CA VAL A 66 -9.18 -3.17 0.77
C VAL A 66 -7.95 -3.09 -0.16
N ASN A 67 -7.68 -1.93 -0.68
CA ASN A 67 -6.50 -1.78 -1.59
C ASN A 67 -5.22 -1.87 -0.77
N ALA A 68 -5.02 -0.97 0.16
CA ALA A 68 -3.79 -1.02 0.99
C ALA A 68 -4.15 -1.11 2.47
N ASP A 69 -3.29 -1.65 3.27
CA ASP A 69 -3.59 -1.76 4.72
C ASP A 69 -3.13 -0.49 5.44
N ILE A 70 -4.05 0.31 5.89
CA ILE A 70 -3.67 1.57 6.61
C ILE A 70 -2.67 1.25 7.73
N GLU A 71 -2.76 0.10 8.31
CA GLU A 71 -1.81 -0.26 9.41
C GLU A 71 -0.41 -0.45 8.84
N LYS A 72 -0.29 -1.13 7.73
CA LYS A 72 1.06 -1.35 7.13
C LYS A 72 1.61 -0.02 6.61
N VAL A 73 0.79 0.99 6.54
CA VAL A 73 1.27 2.31 6.05
C VAL A 73 1.79 3.16 7.22
N LYS A 74 1.36 2.85 8.41
CA LYS A 74 1.83 3.63 9.60
C LYS A 74 3.36 3.63 9.67
N GLN A 75 3.97 2.48 9.54
CA GLN A 75 5.45 2.40 9.60
C GLN A 75 6.08 3.15 8.42
N ALA A 76 5.30 3.44 7.41
CA ALA A 76 5.86 4.17 6.23
C ALA A 76 5.78 5.68 6.46
N LEU A 77 4.66 6.16 6.92
CA LEU A 77 4.53 7.62 7.17
C LEU A 77 5.30 8.02 8.43
N THR A 78 5.50 7.09 9.33
CA THR A 78 6.25 7.42 10.57
C THR A 78 7.76 7.32 10.33
N GLU A 79 8.18 6.46 9.44
CA GLU A 79 9.63 6.32 9.16
C GLU A 79 10.00 7.21 7.96
N GLN A 80 9.17 7.23 6.96
CA GLN A 80 9.47 8.07 5.76
C GLN A 80 8.48 9.23 5.69
N GLY A 81 7.22 8.91 5.55
CA GLY A 81 6.18 9.98 5.48
C GLY A 81 5.27 9.75 4.27
N TYR A 82 5.46 8.68 3.56
CA TYR A 82 4.59 8.42 2.37
C TYR A 82 4.57 6.92 2.05
N TYR A 83 3.44 6.41 1.64
CA TYR A 83 3.35 4.96 1.30
C TYR A 83 2.54 4.79 0.01
N LEU A 84 3.06 4.10 -0.95
CA LEU A 84 2.30 3.91 -2.23
C LEU A 84 1.73 2.50 -2.32
N GLN A 85 0.45 2.38 -2.44
CA GLN A 85 -0.17 1.02 -2.55
C GLN A 85 -0.40 0.69 -4.02
N LEU A 86 -0.01 -0.48 -4.45
CA LEU A 86 -0.21 -0.85 -5.88
C LEU A 86 -0.85 -2.23 -5.99
N PRO A 87 -2.05 -2.26 -6.48
CA PRO A 87 -2.77 -3.55 -6.67
C PRO A 87 -2.15 -4.32 -7.82
N PRO A 88 -1.49 -5.40 -7.50
CA PRO A 88 -0.84 -6.23 -8.54
C PRO A 88 -1.87 -7.07 -9.27
N PRO A 89 -1.52 -7.41 -10.49
CA PRO A 89 -2.43 -8.25 -11.32
C PRO A 89 -2.45 -9.69 -10.79
N PRO A 90 -3.50 -10.39 -11.13
CA PRO A 90 -3.66 -11.80 -10.68
C PRO A 90 -2.70 -12.72 -11.43
N GLU A 91 -2.51 -12.51 -12.70
CA GLU A 91 -1.58 -13.39 -13.47
C GLU A 91 -0.29 -12.66 -13.82
N ASP A 92 -0.39 -11.56 -14.50
CA ASP A 92 0.84 -10.81 -14.89
C ASP A 92 1.76 -11.69 -15.74
N LEU A 93 1.19 -12.57 -16.52
CA LEU A 93 2.03 -13.46 -17.36
C LEU A 93 1.21 -14.01 -18.53
N LEU A 94 1.77 -14.93 -19.27
CA LEU A 94 1.03 -15.51 -20.43
C LEU A 94 0.39 -16.84 -20.04
N LYS A 95 -0.76 -17.14 -20.57
CA LYS A 95 -1.44 -18.42 -20.22
C LYS A 95 -0.65 -19.61 -20.80
N GLN A 96 -0.12 -20.44 -19.95
CA GLN A 96 0.66 -21.62 -20.44
C GLN A 96 -0.14 -22.91 -20.22
N HIS A 97 -1.43 -22.79 -20.01
CA HIS A 97 -2.26 -24.01 -19.79
C HIS A 97 -3.65 -23.81 -20.39
N LEU A 98 -3.78 -23.93 -21.69
CA LEU A 98 -5.11 -23.75 -22.33
C LEU A 98 -5.73 -25.10 -22.66
N SER A 99 -4.97 -26.16 -22.58
CA SER A 99 -5.52 -27.51 -22.90
C SER A 99 -6.49 -27.95 -21.79
N VAL A 100 -7.74 -27.62 -21.93
CA VAL A 100 -8.73 -28.02 -20.89
C VAL A 100 -9.96 -28.67 -21.56
N MET A 101 -11.12 -28.08 -21.43
CA MET A 101 -12.33 -28.68 -22.07
C MET A 101 -12.44 -30.16 -21.70
N GLY A 102 -13.47 -30.82 -22.16
CA GLY A 102 -13.62 -32.27 -21.84
C GLY A 102 -14.97 -32.76 -22.37
N GLN A 103 -15.46 -33.86 -21.85
CA GLN A 103 -16.77 -34.40 -22.32
C GLN A 103 -17.75 -34.47 -21.15
N LYS A 104 -19.00 -34.74 -21.43
CA LYS A 104 -20.01 -34.82 -20.33
C LYS A 104 -20.49 -36.26 -20.16
N THR A 105 -20.92 -36.63 -18.99
CA THR A 105 -21.42 -38.02 -18.75
C THR A 105 -22.83 -37.98 -18.18
N ASP A 106 -23.64 -38.96 -18.48
CA ASP A 106 -25.03 -38.97 -17.96
C ASP A 106 -25.75 -37.68 -18.34
N ASP A 107 -26.75 -37.30 -17.60
CA ASP A 107 -27.49 -36.04 -17.94
C ASP A 107 -28.60 -35.79 -16.92
N THR A 108 -29.12 -34.59 -16.90
CA THR A 108 -30.21 -34.26 -15.93
C THR A 108 -31.55 -34.80 -16.43
N ASN A 109 -32.27 -35.49 -15.60
CA ASN A 109 -33.58 -36.05 -16.02
C ASN A 109 -34.61 -34.93 -16.17
N LYS A 110 -34.35 -33.98 -17.03
CA LYS A 110 -35.31 -32.86 -17.20
C LYS A 110 -35.61 -32.18 -15.86
N GLY A 1 4.40 -5.44 -2.77
CA GLY A 1 5.23 -5.24 -4.00
C GLY A 1 6.25 -6.37 -4.11
N SER A 2 7.26 -6.37 -3.28
CA SER A 2 8.28 -7.45 -3.36
C SER A 2 8.43 -8.14 -2.00
N MET A 3 7.63 -7.76 -1.04
CA MET A 3 7.72 -8.40 0.30
C MET A 3 6.32 -8.80 0.79
N PRO A 4 5.85 -9.89 0.28
CA PRO A 4 4.51 -10.40 0.66
C PRO A 4 4.53 -10.96 2.09
N LYS A 5 4.36 -10.12 3.07
CA LYS A 5 4.37 -10.61 4.48
C LYS A 5 3.27 -9.91 5.29
N PRO A 6 2.58 -10.69 6.06
CA PRO A 6 1.49 -10.14 6.91
C PRO A 6 2.06 -9.33 8.08
N GLY A 7 3.07 -9.84 8.72
CA GLY A 7 3.67 -9.09 9.87
C GLY A 7 2.62 -8.81 10.93
N ILE A 8 3.03 -8.64 12.16
CA ILE A 8 2.05 -8.37 13.25
C ILE A 8 2.53 -7.19 14.11
N LEU A 9 1.82 -6.10 14.08
CA LEU A 9 2.24 -4.92 14.89
C LEU A 9 1.04 -4.35 15.64
N LYS A 10 1.15 -3.14 16.11
CA LYS A 10 0.01 -2.52 16.85
C LYS A 10 -0.72 -1.51 15.96
N SER A 11 -0.15 -1.19 14.84
CA SER A 11 -0.80 -0.22 13.91
C SER A 11 -1.11 1.09 14.65
N LYS A 12 -1.84 1.97 14.03
CA LYS A 12 -2.18 3.26 14.70
C LYS A 12 -3.24 4.02 13.88
N SER A 13 -3.98 4.88 14.51
CA SER A 13 -5.02 5.65 13.76
C SER A 13 -4.40 6.89 13.12
N MET A 14 -4.42 8.00 13.81
CA MET A 14 -3.84 9.24 13.24
C MET A 14 -4.58 9.63 11.96
N PHE A 15 -4.14 10.67 11.30
CA PHE A 15 -4.83 11.09 10.04
C PHE A 15 -3.95 10.78 8.84
N CYS A 16 -4.54 10.37 7.75
CA CYS A 16 -3.73 10.04 6.54
C CYS A 16 -4.46 10.50 5.27
N VAL A 17 -3.72 10.80 4.24
CA VAL A 17 -4.37 11.25 2.98
C VAL A 17 -4.17 10.20 1.88
N ILE A 18 -5.21 9.82 1.20
CA ILE A 18 -5.05 8.79 0.13
C ILE A 18 -5.14 9.44 -1.25
N TYR A 19 -4.08 9.42 -2.00
CA TYR A 19 -4.10 10.03 -3.36
C TYR A 19 -4.39 8.95 -4.41
N ARG A 20 -4.86 9.33 -5.57
CA ARG A 20 -5.15 8.31 -6.61
C ARG A 20 -4.50 8.70 -7.94
N SER A 21 -3.92 7.76 -8.62
CA SER A 21 -3.26 8.08 -9.93
C SER A 21 -4.33 8.37 -10.98
N SER A 22 -4.15 9.41 -11.75
CA SER A 22 -5.16 9.74 -12.80
C SER A 22 -5.53 8.48 -13.59
N LYS A 23 -4.58 7.66 -13.92
CA LYS A 23 -4.89 6.42 -14.70
C LYS A 23 -3.82 5.35 -14.43
N ARG A 24 -4.07 4.47 -13.51
CA ARG A 24 -3.08 3.40 -13.20
C ARG A 24 -3.79 2.14 -12.69
N ASP A 25 -3.03 1.13 -12.34
CA ASP A 25 -3.66 -0.12 -11.84
C ASP A 25 -4.10 0.06 -10.38
N GLN A 26 -5.07 0.89 -10.13
CA GLN A 26 -5.53 1.10 -8.74
C GLN A 26 -4.36 1.50 -7.84
N THR A 27 -3.57 2.44 -8.27
CA THR A 27 -2.40 2.88 -7.44
C THR A 27 -2.78 4.08 -6.59
N TYR A 28 -2.47 4.05 -5.31
CA TYR A 28 -2.84 5.20 -4.44
C TYR A 28 -1.68 5.55 -3.50
N LEU A 29 -1.49 6.82 -3.22
CA LEU A 29 -0.39 7.23 -2.31
C LEU A 29 -0.94 7.55 -0.93
N TYR A 30 -0.14 7.44 0.10
CA TYR A 30 -0.63 7.75 1.46
C TYR A 30 0.37 8.65 2.18
N VAL A 31 -0.11 9.52 3.03
CA VAL A 31 0.82 10.44 3.77
C VAL A 31 0.19 10.87 5.09
N GLU A 32 0.99 11.20 6.06
CA GLU A 32 0.43 11.65 7.36
C GLU A 32 -0.25 13.01 7.16
N LYS A 33 -0.04 13.62 6.03
CA LYS A 33 -0.67 14.93 5.74
C LYS A 33 -0.66 15.19 4.22
N LYS A 34 -1.61 15.94 3.74
CA LYS A 34 -1.63 16.22 2.28
C LYS A 34 -0.67 17.36 1.94
N ASP A 35 0.60 17.17 2.21
CA ASP A 35 1.59 18.26 1.91
C ASP A 35 2.26 18.01 0.57
N ASP A 36 3.12 17.03 0.50
CA ASP A 36 3.83 16.74 -0.78
C ASP A 36 4.52 15.37 -0.72
N PHE A 37 5.05 14.94 -1.83
CA PHE A 37 5.75 13.62 -1.85
C PHE A 37 7.20 13.83 -2.32
N SER A 38 8.13 13.86 -1.41
CA SER A 38 9.55 14.07 -1.81
C SER A 38 10.38 12.80 -1.54
N ARG A 39 9.80 11.85 -0.86
CA ARG A 39 10.54 10.61 -0.55
C ARG A 39 10.23 9.52 -1.58
N VAL A 40 9.17 9.66 -2.32
CA VAL A 40 8.83 8.62 -3.33
C VAL A 40 9.90 8.59 -4.42
N PRO A 41 10.31 7.40 -4.76
CA PRO A 41 11.36 7.21 -5.79
C PRO A 41 10.81 7.58 -7.18
N GLU A 42 11.59 8.28 -7.96
CA GLU A 42 11.11 8.66 -9.32
C GLU A 42 10.81 7.41 -10.14
N GLU A 43 11.26 6.26 -9.70
CA GLU A 43 10.98 5.01 -10.45
C GLU A 43 9.50 4.65 -10.31
N LEU A 44 8.95 4.83 -9.14
CA LEU A 44 7.51 4.50 -8.93
C LEU A 44 6.66 5.71 -9.33
N MET A 45 7.00 6.87 -8.83
CA MET A 45 6.21 8.09 -9.19
C MET A 45 6.20 8.25 -10.71
N LYS A 46 7.20 7.76 -11.37
CA LYS A 46 7.26 7.89 -12.85
C LYS A 46 5.88 7.59 -13.45
N GLY A 47 5.21 6.59 -12.95
CA GLY A 47 3.85 6.26 -13.48
C GLY A 47 2.83 7.18 -12.82
N PHE A 48 3.02 7.52 -11.59
CA PHE A 48 2.06 8.43 -10.88
C PHE A 48 2.13 9.83 -11.49
N GLY A 49 3.32 10.28 -11.82
CA GLY A 49 3.47 11.64 -12.41
C GLY A 49 2.84 12.67 -11.47
N GLN A 50 1.61 13.01 -11.69
CA GLN A 50 0.95 13.99 -10.80
C GLN A 50 -0.16 13.30 -10.00
N PRO A 51 0.03 13.23 -8.70
CA PRO A 51 -0.95 12.58 -7.82
C PRO A 51 -2.22 13.44 -7.69
N GLN A 52 -3.29 12.87 -7.20
CA GLN A 52 -4.54 13.66 -7.04
C GLN A 52 -5.19 13.33 -5.69
N LEU A 53 -6.03 14.19 -5.19
CA LEU A 53 -6.69 13.93 -3.89
C LEU A 53 -7.99 13.15 -4.09
N ALA A 54 -7.96 11.86 -3.90
CA ALA A 54 -9.20 11.05 -4.09
C ALA A 54 -10.04 11.06 -2.80
N MET A 55 -9.48 10.58 -1.72
CA MET A 55 -10.23 10.55 -0.43
C MET A 55 -9.28 10.86 0.73
N ILE A 56 -9.78 11.48 1.77
CA ILE A 56 -8.90 11.79 2.94
C ILE A 56 -9.28 10.92 4.13
N LEU A 57 -8.32 10.23 4.70
CA LEU A 57 -8.63 9.37 5.87
C LEU A 57 -8.42 10.15 7.17
N PRO A 58 -9.47 10.29 7.93
CA PRO A 58 -9.40 11.01 9.21
C PRO A 58 -8.73 10.15 10.28
N LEU A 59 -8.68 10.62 11.50
CA LEU A 59 -8.05 9.82 12.58
C LEU A 59 -9.11 9.41 13.61
N ASP A 60 -10.21 8.90 13.16
CA ASP A 60 -11.29 8.48 14.10
C ASP A 60 -11.70 7.03 13.83
N GLY A 61 -12.11 6.74 12.64
CA GLY A 61 -12.53 5.34 12.31
C GLY A 61 -11.32 4.55 11.81
N ARG A 62 -10.83 3.65 12.61
CA ARG A 62 -9.65 2.83 12.17
C ARG A 62 -10.12 1.54 11.52
N LYS A 63 -10.44 1.58 10.25
CA LYS A 63 -10.89 0.34 9.56
C LYS A 63 -9.99 0.05 8.35
N LYS A 64 -10.20 -1.06 7.69
CA LYS A 64 -9.37 -1.40 6.51
C LYS A 64 -9.93 -0.75 5.25
N LEU A 65 -9.08 -0.39 4.33
CA LEU A 65 -9.56 0.26 3.07
C LEU A 65 -9.78 -0.81 1.99
N VAL A 66 -10.28 -0.42 0.85
CA VAL A 66 -10.53 -1.41 -0.24
C VAL A 66 -9.29 -1.54 -1.12
N ASN A 67 -8.29 -0.73 -0.91
CA ASN A 67 -7.06 -0.82 -1.76
C ASN A 67 -5.84 -1.18 -0.91
N ALA A 68 -5.43 -0.32 -0.01
CA ALA A 68 -4.23 -0.63 0.82
C ALA A 68 -4.61 -0.75 2.29
N ASP A 69 -3.80 -1.43 3.06
CA ASP A 69 -4.09 -1.58 4.50
C ASP A 69 -3.47 -0.43 5.28
N ILE A 70 -4.28 0.45 5.80
CA ILE A 70 -3.76 1.61 6.59
C ILE A 70 -2.67 1.13 7.55
N GLU A 71 -2.74 -0.10 7.98
CA GLU A 71 -1.71 -0.61 8.94
C GLU A 71 -0.36 -0.76 8.25
N LYS A 72 -0.34 -1.20 7.03
CA LYS A 72 0.96 -1.37 6.31
C LYS A 72 1.55 -0.01 5.96
N VAL A 73 0.79 1.04 6.08
CA VAL A 73 1.30 2.40 5.74
C VAL A 73 1.87 3.10 6.99
N LYS A 74 1.44 2.69 8.15
CA LYS A 74 1.94 3.36 9.39
C LYS A 74 3.47 3.41 9.41
N GLN A 75 4.12 2.29 9.24
CA GLN A 75 5.62 2.29 9.28
C GLN A 75 6.19 3.12 8.12
N ALA A 76 5.37 3.54 7.20
CA ALA A 76 5.86 4.34 6.05
C ALA A 76 5.71 5.83 6.33
N LEU A 77 4.60 6.23 6.87
CA LEU A 77 4.38 7.67 7.17
C LEU A 77 5.14 8.06 8.43
N THR A 78 5.34 7.12 9.33
CA THR A 78 6.08 7.43 10.58
C THR A 78 7.59 7.46 10.31
N GLU A 79 8.04 6.68 9.36
CA GLU A 79 9.51 6.66 9.05
C GLU A 79 9.80 7.64 7.92
N GLN A 80 9.13 7.52 6.81
CA GLN A 80 9.37 8.45 5.66
C GLN A 80 8.32 9.55 5.65
N GLY A 81 7.07 9.17 5.61
CA GLY A 81 5.98 10.18 5.59
C GLY A 81 5.10 9.95 4.36
N TYR A 82 5.37 8.92 3.61
CA TYR A 82 4.54 8.64 2.40
C TYR A 82 4.52 7.15 2.11
N TYR A 83 3.42 6.64 1.60
CA TYR A 83 3.34 5.18 1.30
C TYR A 83 2.52 4.96 0.03
N LEU A 84 3.08 4.28 -0.94
CA LEU A 84 2.32 4.02 -2.20
C LEU A 84 1.72 2.62 -2.14
N GLN A 85 0.44 2.49 -2.40
CA GLN A 85 -0.18 1.14 -2.33
C GLN A 85 -0.43 0.59 -3.74
N LEU A 86 -0.04 -0.64 -3.97
CA LEU A 86 -0.27 -1.28 -5.30
C LEU A 86 -0.86 -2.67 -5.09
N PRO A 87 -1.96 -2.92 -5.76
CA PRO A 87 -2.63 -4.24 -5.64
C PRO A 87 -1.78 -5.35 -6.25
N PRO A 88 -1.59 -6.39 -5.49
CA PRO A 88 -0.78 -7.54 -5.97
C PRO A 88 -1.56 -8.34 -7.02
N PRO A 89 -0.88 -9.27 -7.63
CA PRO A 89 -1.51 -10.11 -8.66
C PRO A 89 -2.47 -11.11 -8.02
N PRO A 90 -3.43 -11.53 -8.81
CA PRO A 90 -4.44 -12.51 -8.32
C PRO A 90 -3.81 -13.89 -8.15
N GLU A 91 -3.17 -14.39 -9.17
CA GLU A 91 -2.54 -15.74 -9.06
C GLU A 91 -1.60 -15.78 -7.85
N ASP A 92 -0.80 -14.76 -7.69
CA ASP A 92 0.14 -14.73 -6.54
C ASP A 92 0.85 -16.08 -6.38
N LEU A 93 0.95 -16.83 -7.44
CA LEU A 93 1.62 -18.16 -7.35
C LEU A 93 3.04 -17.98 -6.82
N LEU A 94 3.59 -19.00 -6.21
CA LEU A 94 4.98 -18.88 -5.66
C LEU A 94 5.44 -20.22 -5.09
N LYS A 95 4.65 -20.83 -4.25
CA LYS A 95 5.06 -22.13 -3.66
C LYS A 95 4.19 -23.27 -4.22
N GLN A 96 4.56 -24.50 -3.94
CA GLN A 96 3.77 -25.65 -4.45
C GLN A 96 3.48 -26.63 -3.31
N HIS A 97 3.32 -26.14 -2.11
CA HIS A 97 3.03 -27.04 -0.96
C HIS A 97 2.67 -26.21 0.28
N LEU A 98 1.74 -26.69 1.07
CA LEU A 98 1.35 -25.93 2.30
C LEU A 98 2.59 -25.44 3.05
N SER A 99 3.39 -26.34 3.55
CA SER A 99 4.61 -25.92 4.31
C SER A 99 4.20 -25.26 5.64
N VAL A 100 2.98 -25.46 6.04
CA VAL A 100 2.50 -24.84 7.32
C VAL A 100 1.13 -25.40 7.69
N MET A 101 0.97 -26.69 7.67
CA MET A 101 -0.35 -27.29 8.03
C MET A 101 -0.20 -28.79 8.30
N GLY A 102 -0.63 -29.23 9.45
CA GLY A 102 -0.50 -30.69 9.78
C GLY A 102 -0.32 -30.86 11.28
N GLN A 103 -0.99 -30.05 12.07
CA GLN A 103 -0.85 -30.17 13.55
C GLN A 103 -2.22 -30.41 14.19
N LYS A 104 -2.27 -30.53 15.49
CA LYS A 104 -3.58 -30.76 16.17
C LYS A 104 -4.02 -29.50 16.92
N THR A 105 -5.31 -29.33 17.07
CA THR A 105 -5.82 -28.13 17.79
C THR A 105 -7.00 -28.53 18.70
N ASP A 106 -7.21 -27.80 19.76
CA ASP A 106 -8.35 -28.14 20.67
C ASP A 106 -8.45 -27.11 21.80
N ASP A 107 -8.62 -25.86 21.47
CA ASP A 107 -8.73 -24.81 22.52
C ASP A 107 -10.17 -24.31 22.62
N THR A 108 -10.51 -23.67 23.70
CA THR A 108 -11.90 -23.15 23.84
C THR A 108 -11.98 -22.13 24.98
N ASN A 109 -12.95 -21.27 24.96
CA ASN A 109 -13.08 -20.24 26.03
C ASN A 109 -14.06 -20.72 27.10
N LYS A 110 -14.29 -22.01 27.18
CA LYS A 110 -15.24 -22.54 28.20
C LYS A 110 -14.67 -23.79 28.86
N GLY A 1 4.71 -14.44 -2.16
CA GLY A 1 3.46 -13.64 -2.30
C GLY A 1 2.66 -13.71 -1.01
N SER A 2 3.29 -13.47 0.10
CA SER A 2 2.55 -13.52 1.40
C SER A 2 2.76 -12.22 2.18
N MET A 3 3.65 -11.38 1.73
CA MET A 3 3.92 -10.08 2.44
C MET A 3 3.72 -10.23 3.96
N PRO A 4 4.77 -10.62 4.62
CA PRO A 4 4.72 -10.81 6.09
C PRO A 4 4.70 -9.46 6.80
N LYS A 5 4.54 -9.47 8.10
CA LYS A 5 4.51 -8.19 8.87
C LYS A 5 4.33 -8.48 10.36
N PRO A 6 5.23 -7.94 11.14
CA PRO A 6 5.18 -8.14 12.61
C PRO A 6 4.06 -7.31 13.23
N GLY A 7 3.77 -7.52 14.48
CA GLY A 7 2.68 -6.74 15.14
C GLY A 7 3.22 -5.38 15.56
N ILE A 8 2.46 -4.34 15.37
CA ILE A 8 2.93 -2.98 15.76
C ILE A 8 1.75 -2.13 16.26
N LEU A 9 1.69 -1.87 17.53
CA LEU A 9 0.56 -1.05 18.06
C LEU A 9 1.05 -0.16 19.21
N LYS A 10 1.22 1.11 18.96
CA LYS A 10 1.69 2.03 20.02
C LYS A 10 0.68 3.18 20.22
N SER A 11 -0.53 2.99 19.77
CA SER A 11 -1.55 4.07 19.92
C SER A 11 -1.13 5.29 19.10
N LYS A 12 -1.33 5.26 17.82
CA LYS A 12 -0.94 6.42 16.97
C LYS A 12 -2.06 6.76 15.98
N SER A 13 -3.26 6.33 16.26
CA SER A 13 -4.39 6.63 15.33
C SER A 13 -4.33 8.10 14.89
N MET A 14 -3.74 8.37 13.76
CA MET A 14 -3.65 9.79 13.30
C MET A 14 -4.46 9.99 12.02
N PHE A 15 -4.14 11.01 11.28
CA PHE A 15 -4.88 11.31 10.02
C PHE A 15 -3.99 10.99 8.81
N CYS A 16 -4.59 10.49 7.76
CA CYS A 16 -3.79 10.14 6.54
C CYS A 16 -4.56 10.54 5.28
N VAL A 17 -3.86 10.71 4.19
CA VAL A 17 -4.55 11.11 2.93
C VAL A 17 -4.33 10.05 1.84
N ILE A 18 -5.35 9.67 1.14
CA ILE A 18 -5.20 8.66 0.06
C ILE A 18 -5.27 9.33 -1.31
N TYR A 19 -4.16 9.40 -1.99
CA TYR A 19 -4.16 10.05 -3.34
C TYR A 19 -4.46 9.00 -4.42
N ARG A 20 -4.94 9.44 -5.56
CA ARG A 20 -5.24 8.49 -6.66
C ARG A 20 -4.46 8.88 -7.91
N SER A 21 -3.96 7.93 -8.64
CA SER A 21 -3.18 8.26 -9.86
C SER A 21 -4.09 8.88 -10.92
N SER A 22 -3.64 9.91 -11.59
CA SER A 22 -4.48 10.55 -12.64
C SER A 22 -5.06 9.50 -13.58
N LYS A 23 -4.27 8.54 -13.98
CA LYS A 23 -4.79 7.49 -14.91
C LYS A 23 -4.14 6.14 -14.59
N ARG A 24 -4.78 5.33 -13.79
CA ARG A 24 -4.20 4.00 -13.45
C ARG A 24 -5.31 3.04 -13.03
N ASP A 25 -4.98 1.79 -12.83
CA ASP A 25 -6.03 0.81 -12.41
C ASP A 25 -6.48 1.10 -10.98
N GLN A 26 -5.59 0.98 -10.04
CA GLN A 26 -5.96 1.24 -8.61
C GLN A 26 -4.73 1.69 -7.83
N THR A 27 -3.92 2.55 -8.40
CA THR A 27 -2.69 3.02 -7.68
C THR A 27 -3.05 4.19 -6.77
N TYR A 28 -2.67 4.13 -5.53
CA TYR A 28 -2.99 5.25 -4.59
C TYR A 28 -1.82 5.52 -3.64
N LEU A 29 -1.58 6.76 -3.33
CA LEU A 29 -0.46 7.09 -2.39
C LEU A 29 -1.02 7.45 -1.01
N TYR A 30 -0.27 7.24 0.03
CA TYR A 30 -0.76 7.56 1.39
C TYR A 30 0.24 8.48 2.11
N VAL A 31 -0.26 9.49 2.78
CA VAL A 31 0.66 10.42 3.51
C VAL A 31 -0.01 10.91 4.79
N GLU A 32 0.77 11.28 5.77
CA GLU A 32 0.16 11.78 7.04
C GLU A 32 -0.60 13.07 6.77
N LYS A 33 -0.40 13.64 5.60
CA LYS A 33 -1.12 14.91 5.26
C LYS A 33 -1.10 15.11 3.75
N LYS A 34 -2.03 15.87 3.23
CA LYS A 34 -2.06 16.11 1.76
C LYS A 34 -1.12 17.25 1.39
N ASP A 35 0.15 17.11 1.67
CA ASP A 35 1.11 18.20 1.33
C ASP A 35 1.85 17.91 0.03
N ASP A 36 2.76 16.95 0.05
CA ASP A 36 3.52 16.62 -1.18
C ASP A 36 4.26 15.29 -1.02
N PHE A 37 4.86 14.82 -2.07
CA PHE A 37 5.62 13.54 -1.99
C PHE A 37 7.08 13.79 -2.41
N SER A 38 7.96 13.88 -1.46
CA SER A 38 9.39 14.13 -1.79
C SER A 38 10.25 12.89 -1.49
N ARG A 39 9.67 11.89 -0.89
CA ARG A 39 10.47 10.67 -0.58
C ARG A 39 10.29 9.62 -1.68
N VAL A 40 9.21 9.70 -2.41
CA VAL A 40 9.00 8.72 -3.50
C VAL A 40 10.06 8.89 -4.59
N PRO A 41 10.64 7.80 -4.98
CA PRO A 41 11.70 7.81 -6.02
C PRO A 41 11.12 8.15 -7.39
N GLU A 42 11.84 8.86 -8.21
CA GLU A 42 11.32 9.21 -9.55
C GLU A 42 11.12 7.93 -10.38
N GLU A 43 11.73 6.85 -9.97
CA GLU A 43 11.57 5.57 -10.72
C GLU A 43 10.16 5.02 -10.49
N LEU A 44 9.66 5.16 -9.29
CA LEU A 44 8.28 4.66 -9.00
C LEU A 44 7.26 5.76 -9.27
N MET A 45 7.48 6.94 -8.76
CA MET A 45 6.52 8.04 -9.00
C MET A 45 6.30 8.23 -10.50
N LYS A 46 7.24 7.80 -11.29
CA LYS A 46 7.09 7.94 -12.77
C LYS A 46 5.71 7.41 -13.20
N GLY A 47 5.30 6.30 -12.63
CA GLY A 47 3.97 5.74 -13.00
C GLY A 47 2.88 6.65 -12.45
N PHE A 48 3.06 7.14 -11.25
CA PHE A 48 2.05 8.05 -10.65
C PHE A 48 2.07 9.41 -11.36
N GLY A 49 3.21 10.05 -11.39
CA GLY A 49 3.31 11.36 -12.06
C GLY A 49 2.61 12.43 -11.23
N GLN A 50 1.47 12.88 -11.65
CA GLN A 50 0.73 13.92 -10.89
C GLN A 50 -0.39 13.27 -10.08
N PRO A 51 -0.17 13.19 -8.79
CA PRO A 51 -1.18 12.58 -7.89
C PRO A 51 -2.34 13.54 -7.66
N GLN A 52 -3.47 13.02 -7.25
CA GLN A 52 -4.64 13.92 -7.00
C GLN A 52 -5.29 13.56 -5.65
N LEU A 53 -6.11 14.43 -5.13
CA LEU A 53 -6.76 14.14 -3.82
C LEU A 53 -8.13 13.47 -4.06
N ALA A 54 -8.21 12.17 -3.88
CA ALA A 54 -9.50 11.48 -4.10
C ALA A 54 -10.27 11.34 -2.79
N MET A 55 -9.63 10.81 -1.77
CA MET A 55 -10.32 10.65 -0.46
C MET A 55 -9.35 10.90 0.69
N ILE A 56 -9.79 11.57 1.72
CA ILE A 56 -8.89 11.84 2.87
C ILE A 56 -9.33 11.03 4.09
N LEU A 57 -8.41 10.37 4.74
CA LEU A 57 -8.77 9.54 5.93
C LEU A 57 -8.50 10.33 7.21
N PRO A 58 -9.53 10.53 7.99
CA PRO A 58 -9.41 11.27 9.26
C PRO A 58 -8.70 10.41 10.32
N LEU A 59 -8.63 10.88 11.53
CA LEU A 59 -7.96 10.09 12.60
C LEU A 59 -8.98 9.66 13.67
N ASP A 60 -10.07 9.12 13.24
CA ASP A 60 -11.11 8.67 14.21
C ASP A 60 -11.46 7.20 13.97
N GLY A 61 -11.99 6.89 12.83
CA GLY A 61 -12.33 5.46 12.53
C GLY A 61 -11.13 4.80 11.84
N ARG A 62 -10.40 3.98 12.56
CA ARG A 62 -9.22 3.32 11.94
C ARG A 62 -9.63 1.98 11.33
N LYS A 63 -9.86 1.95 10.05
CA LYS A 63 -10.24 0.68 9.38
C LYS A 63 -9.31 0.40 8.20
N LYS A 64 -9.19 -0.83 7.79
CA LYS A 64 -8.28 -1.16 6.65
C LYS A 64 -8.98 -0.84 5.33
N LEU A 65 -8.22 -0.52 4.32
CA LEU A 65 -8.83 -0.19 3.00
C LEU A 65 -8.68 -1.38 2.04
N VAL A 66 -9.73 -1.72 1.35
CA VAL A 66 -9.64 -2.88 0.41
C VAL A 66 -8.41 -2.74 -0.50
N ASN A 67 -7.90 -1.55 -0.64
CA ASN A 67 -6.70 -1.34 -1.50
C ASN A 67 -5.42 -1.52 -0.68
N ALA A 68 -5.21 -0.68 0.30
CA ALA A 68 -3.98 -0.81 1.13
C ALA A 68 -4.34 -0.89 2.61
N ASP A 69 -3.49 -1.45 3.42
CA ASP A 69 -3.80 -1.54 4.87
C ASP A 69 -3.25 -0.31 5.60
N ILE A 70 -4.10 0.54 6.06
CA ILE A 70 -3.63 1.76 6.77
C ILE A 70 -2.56 1.39 7.81
N GLU A 71 -2.68 0.24 8.42
CA GLU A 71 -1.68 -0.17 9.43
C GLU A 71 -0.33 -0.44 8.76
N LYS A 72 -0.33 -1.21 7.70
CA LYS A 72 0.95 -1.51 7.00
C LYS A 72 1.58 -0.20 6.51
N VAL A 73 0.81 0.84 6.44
CA VAL A 73 1.36 2.15 5.98
C VAL A 73 1.97 2.92 7.15
N LYS A 74 1.57 2.58 8.35
CA LYS A 74 2.11 3.29 9.55
C LYS A 74 3.64 3.37 9.48
N GLN A 75 4.29 2.26 9.26
CA GLN A 75 5.78 2.27 9.21
C GLN A 75 6.28 3.09 8.00
N ALA A 76 5.41 3.45 7.10
CA ALA A 76 5.85 4.24 5.93
C ALA A 76 5.68 5.74 6.19
N LEU A 77 4.57 6.12 6.77
CA LEU A 77 4.36 7.57 7.06
C LEU A 77 5.12 7.97 8.31
N THR A 78 5.45 7.03 9.16
CA THR A 78 6.19 7.37 10.40
C THR A 78 7.70 7.39 10.12
N GLU A 79 8.15 6.57 9.20
CA GLU A 79 9.60 6.54 8.88
C GLU A 79 9.89 7.43 7.66
N GLN A 80 9.14 7.27 6.61
CA GLN A 80 9.37 8.09 5.39
C GLN A 80 8.34 9.21 5.32
N GLY A 81 7.07 8.86 5.45
CA GLY A 81 6.01 9.90 5.38
C GLY A 81 5.10 9.63 4.18
N TYR A 82 5.33 8.56 3.47
CA TYR A 82 4.47 8.27 2.28
C TYR A 82 4.41 6.75 2.02
N TYR A 83 3.31 6.29 1.52
CA TYR A 83 3.17 4.83 1.22
C TYR A 83 2.34 4.65 -0.05
N LEU A 84 2.85 3.93 -1.01
CA LEU A 84 2.09 3.74 -2.29
C LEU A 84 1.49 2.34 -2.35
N GLN A 85 0.23 2.24 -2.69
CA GLN A 85 -0.42 0.91 -2.77
C GLN A 85 -0.65 0.54 -4.25
N LEU A 86 -0.22 -0.63 -4.64
CA LEU A 86 -0.40 -1.06 -6.06
C LEU A 86 -1.19 -2.37 -6.13
N PRO A 87 -2.22 -2.37 -6.94
CA PRO A 87 -3.07 -3.57 -7.12
C PRO A 87 -2.35 -4.67 -7.90
N PRO A 88 -3.00 -5.80 -7.99
CA PRO A 88 -2.43 -6.95 -8.72
C PRO A 88 -2.44 -6.68 -10.24
N PRO A 89 -1.89 -7.60 -10.99
CA PRO A 89 -1.83 -7.45 -12.46
C PRO A 89 -3.23 -7.59 -13.06
N PRO A 90 -3.38 -7.12 -14.27
CA PRO A 90 -4.69 -7.19 -14.96
C PRO A 90 -5.01 -8.63 -15.40
N GLU A 91 -4.31 -9.14 -16.37
CA GLU A 91 -4.59 -10.53 -16.84
C GLU A 91 -4.07 -11.55 -15.82
N ASP A 92 -2.90 -12.08 -16.05
CA ASP A 92 -2.33 -13.09 -15.09
C ASP A 92 -0.95 -13.55 -15.58
N LEU A 93 -0.23 -12.69 -16.24
CA LEU A 93 1.12 -13.08 -16.74
C LEU A 93 2.19 -12.67 -15.73
N LEU A 94 3.27 -13.40 -15.67
CA LEU A 94 4.35 -13.05 -14.69
C LEU A 94 5.48 -14.07 -14.78
N LYS A 95 5.69 -14.65 -15.93
CA LYS A 95 6.79 -15.66 -16.07
C LYS A 95 7.78 -15.21 -17.13
N GLN A 96 8.47 -14.13 -16.90
CA GLN A 96 9.46 -13.64 -17.91
C GLN A 96 10.74 -13.16 -17.22
N HIS A 97 10.82 -13.28 -15.92
CA HIS A 97 12.05 -12.83 -15.20
C HIS A 97 11.93 -13.14 -13.70
N LEU A 98 11.39 -14.28 -13.36
CA LEU A 98 11.24 -14.63 -11.92
C LEU A 98 11.85 -16.02 -11.66
N SER A 99 11.53 -16.61 -10.55
CA SER A 99 12.10 -17.95 -10.22
C SER A 99 13.61 -17.86 -10.04
N VAL A 100 14.28 -18.98 -9.97
CA VAL A 100 15.76 -18.96 -9.78
C VAL A 100 16.11 -18.18 -8.51
N MET A 101 16.76 -17.05 -8.63
CA MET A 101 17.12 -16.26 -7.41
C MET A 101 17.74 -14.92 -7.80
N GLY A 102 17.77 -13.98 -6.90
CA GLY A 102 18.35 -12.66 -7.23
C GLY A 102 19.37 -12.27 -6.14
N GLN A 103 20.54 -11.85 -6.54
CA GLN A 103 21.57 -11.47 -5.53
C GLN A 103 22.19 -10.12 -5.89
N LYS A 104 23.06 -9.62 -5.06
CA LYS A 104 23.71 -8.30 -5.34
C LYS A 104 25.21 -8.48 -5.51
N THR A 105 25.88 -7.50 -6.08
CA THR A 105 27.35 -7.61 -6.26
C THR A 105 28.05 -6.36 -5.73
N ASP A 106 29.32 -6.47 -5.42
CA ASP A 106 30.06 -5.29 -4.90
C ASP A 106 31.15 -4.87 -5.89
N ASP A 107 31.84 -3.80 -5.61
CA ASP A 107 32.92 -3.34 -6.53
C ASP A 107 34.30 -3.57 -5.88
N THR A 108 35.35 -3.24 -6.57
CA THR A 108 36.71 -3.44 -6.00
C THR A 108 36.88 -2.58 -4.74
N ASN A 109 38.07 -2.13 -4.46
CA ASN A 109 38.30 -1.29 -3.26
C ASN A 109 38.48 0.18 -3.66
N LYS A 110 38.23 0.50 -4.90
CA LYS A 110 38.39 1.92 -5.35
C LYS A 110 39.77 2.45 -4.93
N GLY A 1 14.23 -7.47 -3.47
CA GLY A 1 13.45 -6.62 -2.52
C GLY A 1 12.92 -7.49 -1.38
N SER A 2 11.76 -7.18 -0.88
CA SER A 2 11.19 -7.99 0.24
C SER A 2 9.89 -7.36 0.76
N MET A 3 8.86 -8.14 0.92
CA MET A 3 7.57 -7.59 1.41
C MET A 3 6.92 -8.55 2.40
N PRO A 4 7.65 -8.92 3.41
CA PRO A 4 7.13 -9.85 4.44
C PRO A 4 6.26 -9.08 5.44
N LYS A 5 5.99 -9.67 6.57
CA LYS A 5 5.14 -8.98 7.58
C LYS A 5 6.03 -8.37 8.68
N PRO A 6 6.15 -7.08 8.63
CA PRO A 6 6.98 -6.36 9.63
C PRO A 6 6.29 -6.39 11.00
N GLY A 7 6.69 -5.52 11.90
CA GLY A 7 6.05 -5.53 13.25
C GLY A 7 6.01 -4.09 13.78
N ILE A 8 4.89 -3.43 13.64
CA ILE A 8 4.78 -2.04 14.17
C ILE A 8 4.79 -2.06 15.70
N LEU A 9 5.11 -0.96 16.32
CA LEU A 9 5.12 -0.94 17.81
C LEU A 9 5.21 0.50 18.33
N LYS A 10 4.61 1.43 17.64
CA LYS A 10 4.66 2.84 18.10
C LYS A 10 3.23 3.41 18.20
N SER A 11 2.98 4.56 17.61
CA SER A 11 1.60 5.13 17.70
C SER A 11 0.94 5.15 16.31
N LYS A 12 -0.21 4.56 16.18
CA LYS A 12 -0.90 4.56 14.87
C LYS A 12 -1.99 5.64 14.85
N SER A 13 -3.16 5.33 14.37
CA SER A 13 -4.25 6.35 14.33
C SER A 13 -3.81 7.58 13.53
N MET A 14 -4.12 8.75 14.00
CA MET A 14 -3.71 9.99 13.28
C MET A 14 -4.51 10.14 11.98
N PHE A 15 -4.27 11.18 11.22
CA PHE A 15 -5.01 11.38 9.95
C PHE A 15 -4.10 11.13 8.76
N CYS A 16 -4.62 10.58 7.70
CA CYS A 16 -3.78 10.31 6.49
C CYS A 16 -4.56 10.66 5.23
N VAL A 17 -3.88 10.92 4.14
CA VAL A 17 -4.60 11.27 2.87
C VAL A 17 -4.32 10.21 1.80
N ILE A 18 -5.35 9.72 1.17
CA ILE A 18 -5.15 8.70 0.10
C ILE A 18 -5.25 9.36 -1.28
N TYR A 19 -4.16 9.48 -1.96
CA TYR A 19 -4.19 10.12 -3.31
C TYR A 19 -4.43 9.07 -4.40
N ARG A 20 -4.77 9.50 -5.57
CA ARG A 20 -5.01 8.52 -6.67
C ARG A 20 -4.21 8.93 -7.90
N SER A 21 -3.70 7.99 -8.64
CA SER A 21 -2.90 8.32 -9.85
C SER A 21 -3.79 8.93 -10.94
N SER A 22 -3.32 9.96 -11.59
CA SER A 22 -4.13 10.60 -12.66
C SER A 22 -4.59 9.57 -13.68
N LYS A 23 -3.80 8.56 -13.93
CA LYS A 23 -4.20 7.53 -14.93
C LYS A 23 -3.50 6.20 -14.64
N ARG A 24 -4.14 5.32 -13.92
CA ARG A 24 -3.52 4.00 -13.62
C ARG A 24 -4.60 2.99 -13.27
N ASP A 25 -4.22 1.75 -13.04
CA ASP A 25 -5.25 0.71 -12.70
C ASP A 25 -5.80 0.95 -11.29
N GLN A 26 -4.96 1.33 -10.36
CA GLN A 26 -5.44 1.58 -8.98
C GLN A 26 -4.28 1.99 -8.07
N THR A 27 -3.43 2.86 -8.54
CA THR A 27 -2.28 3.30 -7.70
C THR A 27 -2.71 4.45 -6.78
N TYR A 28 -2.47 4.32 -5.50
CA TYR A 28 -2.86 5.41 -4.55
C TYR A 28 -1.70 5.77 -3.63
N LEU A 29 -1.57 7.02 -3.28
CA LEU A 29 -0.47 7.45 -2.38
C LEU A 29 -1.01 7.71 -0.97
N TYR A 30 -0.20 7.57 0.03
CA TYR A 30 -0.67 7.80 1.42
C TYR A 30 0.29 8.73 2.18
N VAL A 31 -0.24 9.64 2.96
CA VAL A 31 0.65 10.57 3.72
C VAL A 31 -0.04 11.03 5.01
N GLU A 32 0.72 11.36 6.01
CA GLU A 32 0.11 11.82 7.28
C GLU A 32 -0.69 13.10 7.03
N LYS A 33 -0.44 13.75 5.93
CA LYS A 33 -1.17 15.01 5.61
C LYS A 33 -1.09 15.28 4.10
N LYS A 34 -2.00 16.04 3.57
CA LYS A 34 -1.96 16.34 2.12
C LYS A 34 -0.97 17.47 1.83
N ASP A 35 0.28 17.28 2.19
CA ASP A 35 1.29 18.36 1.95
C ASP A 35 1.99 18.12 0.61
N ASP A 36 2.85 17.15 0.55
CA ASP A 36 3.57 16.87 -0.73
C ASP A 36 4.28 15.51 -0.67
N PHE A 37 4.81 15.06 -1.78
CA PHE A 37 5.53 13.76 -1.77
C PHE A 37 6.96 13.98 -2.27
N SER A 38 7.90 14.05 -1.37
CA SER A 38 9.32 14.27 -1.78
C SER A 38 10.16 13.03 -1.50
N ARG A 39 9.61 12.07 -0.80
CA ARG A 39 10.38 10.84 -0.47
C ARG A 39 10.07 9.74 -1.49
N VAL A 40 9.02 9.88 -2.23
CA VAL A 40 8.68 8.83 -3.25
C VAL A 40 9.77 8.78 -4.32
N PRO A 41 10.22 7.59 -4.59
CA PRO A 41 11.27 7.38 -5.61
C PRO A 41 10.72 7.65 -7.01
N GLU A 42 11.55 8.12 -7.91
CA GLU A 42 11.08 8.39 -9.29
C GLU A 42 10.77 7.08 -10.00
N GLU A 43 11.14 5.97 -9.43
CA GLU A 43 10.85 4.67 -10.07
C GLU A 43 9.35 4.37 -9.99
N LEU A 44 8.75 4.68 -8.87
CA LEU A 44 7.29 4.44 -8.72
C LEU A 44 6.53 5.67 -9.19
N MET A 45 6.91 6.83 -8.73
CA MET A 45 6.23 8.07 -9.18
C MET A 45 6.26 8.14 -10.71
N LYS A 46 7.17 7.44 -11.31
CA LYS A 46 7.24 7.46 -12.80
C LYS A 46 5.83 7.30 -13.38
N GLY A 47 5.05 6.42 -12.81
CA GLY A 47 3.65 6.22 -13.31
C GLY A 47 2.72 7.17 -12.56
N PHE A 48 2.95 7.38 -11.30
CA PHE A 48 2.06 8.30 -10.52
C PHE A 48 2.29 9.74 -10.94
N GLY A 49 3.52 10.17 -11.00
CA GLY A 49 3.81 11.58 -11.40
C GLY A 49 3.20 12.52 -10.37
N GLN A 50 2.09 13.12 -10.68
CA GLN A 50 1.45 14.04 -9.71
C GLN A 50 0.21 13.36 -9.11
N PRO A 51 0.24 13.17 -7.82
CA PRO A 51 -0.89 12.52 -7.12
C PRO A 51 -2.12 13.42 -7.10
N GLN A 52 -3.27 12.86 -6.90
CA GLN A 52 -4.52 13.68 -6.87
C GLN A 52 -5.33 13.34 -5.61
N LEU A 53 -6.19 14.23 -5.20
CA LEU A 53 -7.00 13.96 -3.98
C LEU A 53 -8.25 13.15 -4.35
N ALA A 54 -8.32 11.92 -3.93
CA ALA A 54 -9.50 11.08 -4.26
C ALA A 54 -10.26 10.71 -2.97
N MET A 55 -9.54 10.48 -1.90
CA MET A 55 -10.21 10.12 -0.62
C MET A 55 -9.36 10.57 0.56
N ILE A 56 -9.97 11.20 1.53
CA ILE A 56 -9.18 11.67 2.72
C ILE A 56 -9.51 10.82 3.94
N LEU A 57 -8.52 10.25 4.56
CA LEU A 57 -8.77 9.40 5.76
C LEU A 57 -8.67 10.26 7.04
N PRO A 58 -9.72 10.22 7.80
CA PRO A 58 -9.77 11.02 9.07
C PRO A 58 -8.87 10.38 10.14
N LEU A 59 -8.91 10.90 11.33
CA LEU A 59 -8.05 10.34 12.43
C LEU A 59 -8.94 9.77 13.54
N ASP A 60 -9.73 8.78 13.24
CA ASP A 60 -10.63 8.21 14.28
C ASP A 60 -10.16 6.80 14.67
N GLY A 61 -10.25 5.86 13.76
CA GLY A 61 -9.81 4.48 14.09
C GLY A 61 -10.41 3.49 13.10
N ARG A 62 -11.54 3.82 12.53
CA ARG A 62 -12.18 2.90 11.55
C ARG A 62 -11.69 3.22 10.13
N LYS A 63 -10.56 2.69 9.75
CA LYS A 63 -10.04 2.96 8.39
C LYS A 63 -9.82 1.65 7.63
N LYS A 64 -10.73 1.30 6.76
CA LYS A 64 -10.57 0.03 5.98
C LYS A 64 -10.41 0.35 4.48
N LEU A 65 -9.41 -0.21 3.86
CA LEU A 65 -9.22 0.06 2.40
C LEU A 65 -9.05 -1.26 1.64
N VAL A 66 -9.79 -1.44 0.59
CA VAL A 66 -9.67 -2.70 -0.21
C VAL A 66 -8.44 -2.63 -1.12
N ASN A 67 -7.67 -1.57 -1.01
CA ASN A 67 -6.45 -1.44 -1.86
C ASN A 67 -5.19 -1.60 -1.02
N ALA A 68 -5.00 -0.75 -0.05
CA ALA A 68 -3.79 -0.85 0.82
C ALA A 68 -4.19 -0.98 2.28
N ASP A 69 -3.35 -1.57 3.09
CA ASP A 69 -3.68 -1.73 4.53
C ASP A 69 -3.16 -0.53 5.31
N ILE A 70 -4.04 0.30 5.79
CA ILE A 70 -3.61 1.50 6.57
C ILE A 70 -2.48 1.12 7.53
N GLU A 71 -2.43 -0.11 7.95
CA GLU A 71 -1.35 -0.55 8.89
C GLU A 71 -0.01 -0.60 8.16
N LYS A 72 0.01 -1.18 6.99
CA LYS A 72 1.29 -1.26 6.22
C LYS A 72 1.78 0.15 5.88
N VAL A 73 0.96 1.14 6.04
CA VAL A 73 1.38 2.52 5.72
C VAL A 73 1.93 3.21 6.98
N LYS A 74 1.55 2.75 8.13
CA LYS A 74 2.04 3.38 9.39
C LYS A 74 3.57 3.40 9.41
N GLN A 75 4.20 2.28 9.19
CA GLN A 75 5.68 2.23 9.21
C GLN A 75 6.26 3.08 8.07
N ALA A 76 5.44 3.47 7.14
CA ALA A 76 5.94 4.30 6.01
C ALA A 76 5.78 5.80 6.34
N LEU A 77 4.64 6.18 6.84
CA LEU A 77 4.44 7.62 7.19
C LEU A 77 5.20 7.97 8.46
N THR A 78 5.54 6.98 9.25
CA THR A 78 6.30 7.26 10.50
C THR A 78 7.80 7.22 10.22
N GLU A 79 8.21 6.47 9.24
CA GLU A 79 9.66 6.39 8.90
C GLU A 79 9.99 7.38 7.77
N GLN A 80 9.16 7.44 6.76
CA GLN A 80 9.42 8.38 5.64
C GLN A 80 8.39 9.51 5.65
N GLY A 81 7.13 9.14 5.69
CA GLY A 81 6.06 10.18 5.68
C GLY A 81 5.16 9.98 4.47
N TYR A 82 5.42 8.96 3.68
CA TYR A 82 4.58 8.72 2.48
C TYR A 82 4.54 7.23 2.15
N TYR A 83 3.45 6.76 1.58
CA TYR A 83 3.36 5.32 1.23
C TYR A 83 2.52 5.15 -0.03
N LEU A 84 3.04 4.43 -1.00
CA LEU A 84 2.26 4.23 -2.26
C LEU A 84 1.72 2.81 -2.32
N GLN A 85 0.43 2.67 -2.55
CA GLN A 85 -0.16 1.30 -2.61
C GLN A 85 -0.34 0.87 -4.06
N LEU A 86 0.08 -0.32 -4.39
CA LEU A 86 -0.07 -0.83 -5.78
C LEU A 86 -0.66 -2.25 -5.77
N PRO A 87 -1.65 -2.44 -6.59
CA PRO A 87 -2.31 -3.78 -6.68
C PRO A 87 -1.33 -4.81 -7.27
N PRO A 88 -0.92 -5.71 -6.43
CA PRO A 88 0.04 -6.77 -6.86
C PRO A 88 -0.66 -7.84 -7.71
N PRO A 89 0.07 -8.34 -8.66
CA PRO A 89 -0.46 -9.39 -9.56
C PRO A 89 -0.60 -10.72 -8.80
N PRO A 90 -1.13 -11.71 -9.48
CA PRO A 90 -1.31 -13.04 -8.86
C PRO A 90 0.05 -13.69 -8.56
N GLU A 91 0.98 -13.58 -9.47
CA GLU A 91 2.32 -14.18 -9.23
C GLU A 91 3.15 -13.27 -8.32
N ASP A 92 3.46 -12.09 -8.79
CA ASP A 92 4.25 -11.14 -7.95
C ASP A 92 5.38 -11.87 -7.23
N LEU A 93 5.90 -12.92 -7.80
CA LEU A 93 7.01 -13.66 -7.13
C LEU A 93 8.06 -12.66 -6.63
N LEU A 94 8.73 -12.99 -5.55
CA LEU A 94 9.77 -12.05 -5.02
C LEU A 94 10.60 -12.73 -3.93
N LYS A 95 11.47 -11.99 -3.30
CA LYS A 95 12.32 -12.58 -2.23
C LYS A 95 11.52 -12.73 -0.94
N GLN A 96 12.06 -13.39 0.03
CA GLN A 96 11.34 -13.59 1.31
C GLN A 96 12.28 -14.12 2.40
N HIS A 97 11.75 -14.62 3.48
CA HIS A 97 12.61 -15.15 4.57
C HIS A 97 13.40 -14.01 5.23
N LEU A 98 12.73 -13.01 5.70
CA LEU A 98 13.44 -11.88 6.36
C LEU A 98 12.52 -11.19 7.38
N SER A 99 12.42 -11.74 8.55
CA SER A 99 11.54 -11.12 9.59
C SER A 99 12.21 -9.88 10.18
N VAL A 100 11.78 -9.46 11.34
CA VAL A 100 12.38 -8.25 11.97
C VAL A 100 12.31 -8.37 13.49
N MET A 101 13.40 -8.13 14.17
CA MET A 101 13.38 -8.23 15.67
C MET A 101 14.51 -7.39 16.26
N GLY A 102 14.17 -6.43 17.07
CA GLY A 102 15.22 -5.57 17.69
C GLY A 102 14.61 -4.23 18.08
N GLN A 103 15.13 -3.59 19.10
CA GLN A 103 14.57 -2.28 19.53
C GLN A 103 15.68 -1.23 19.60
N LYS A 104 15.35 -0.03 19.95
CA LYS A 104 16.39 1.04 20.04
C LYS A 104 16.53 1.52 21.49
N THR A 105 17.57 2.27 21.78
CA THR A 105 17.75 2.77 23.16
C THR A 105 17.87 4.30 23.17
N ASP A 106 17.36 4.94 24.19
CA ASP A 106 17.43 6.42 24.26
C ASP A 106 16.57 7.05 23.14
N ASP A 107 15.29 6.83 23.18
CA ASP A 107 14.41 7.42 22.12
C ASP A 107 13.80 8.74 22.62
N THR A 108 13.00 9.38 21.82
CA THR A 108 12.39 10.67 22.25
C THR A 108 10.87 10.62 22.04
N ASN A 109 10.43 10.48 20.83
CA ASN A 109 8.96 10.43 20.57
C ASN A 109 8.29 11.69 21.10
N LYS A 110 8.93 12.82 20.95
CA LYS A 110 8.32 14.09 21.46
C LYS A 110 8.10 14.01 22.97
N GLY A 1 2.64 -18.11 8.41
CA GLY A 1 1.43 -17.57 9.11
C GLY A 1 0.87 -16.39 8.32
N SER A 2 -0.26 -15.87 8.73
CA SER A 2 -0.86 -14.72 8.00
C SER A 2 -1.23 -13.60 8.98
N MET A 3 -2.12 -13.88 9.89
CA MET A 3 -2.54 -12.83 10.87
C MET A 3 -1.31 -12.22 11.55
N PRO A 4 -1.02 -10.99 11.18
CA PRO A 4 0.14 -10.28 11.76
C PRO A 4 -0.21 -9.74 13.15
N LYS A 5 0.73 -9.73 14.04
CA LYS A 5 0.46 -9.22 15.42
C LYS A 5 0.85 -7.74 15.52
N PRO A 6 -0.11 -6.93 15.89
CA PRO A 6 0.14 -5.47 16.03
C PRO A 6 0.99 -5.19 17.28
N GLY A 7 2.24 -4.86 17.11
CA GLY A 7 3.10 -4.58 18.29
C GLY A 7 2.45 -3.53 19.17
N ILE A 8 3.18 -3.01 20.12
CA ILE A 8 2.62 -1.97 21.02
C ILE A 8 1.77 -0.98 20.21
N LEU A 9 0.51 -0.89 20.52
CA LEU A 9 -0.37 0.06 19.77
C LEU A 9 -1.07 1.03 20.73
N LYS A 10 -0.47 1.29 21.86
CA LYS A 10 -1.09 2.23 22.84
C LYS A 10 -1.42 3.55 22.15
N SER A 11 -2.66 3.75 21.79
CA SER A 11 -3.04 5.03 21.12
C SER A 11 -2.31 5.16 19.78
N LYS A 12 -2.80 4.51 18.76
CA LYS A 12 -2.12 4.60 17.44
C LYS A 12 -3.16 4.83 16.33
N SER A 13 -3.61 6.05 16.18
CA SER A 13 -4.62 6.35 15.13
C SER A 13 -4.37 7.76 14.55
N MET A 14 -3.55 7.86 13.55
CA MET A 14 -3.28 9.21 12.96
C MET A 14 -4.16 9.44 11.73
N PHE A 15 -3.93 10.52 11.04
CA PHE A 15 -4.75 10.82 9.83
C PHE A 15 -3.87 10.68 8.57
N CYS A 16 -4.41 10.15 7.51
CA CYS A 16 -3.60 10.00 6.27
C CYS A 16 -4.43 10.38 5.04
N VAL A 17 -3.78 10.81 3.99
CA VAL A 17 -4.54 11.21 2.77
C VAL A 17 -4.26 10.23 1.63
N ILE A 18 -5.30 9.74 1.00
CA ILE A 18 -5.11 8.78 -0.12
C ILE A 18 -5.19 9.51 -1.47
N TYR A 19 -4.09 9.57 -2.19
CA TYR A 19 -4.10 10.24 -3.51
C TYR A 19 -4.39 9.22 -4.61
N ARG A 20 -4.87 9.66 -5.74
CA ARG A 20 -5.16 8.70 -6.84
C ARG A 20 -4.43 9.13 -8.12
N SER A 21 -3.90 8.18 -8.84
CA SER A 21 -3.16 8.52 -10.09
C SER A 21 -4.16 8.92 -11.19
N SER A 22 -3.99 10.09 -11.75
CA SER A 22 -4.93 10.54 -12.82
C SER A 22 -5.16 9.43 -13.83
N LYS A 23 -4.12 8.71 -14.19
CA LYS A 23 -4.29 7.60 -15.17
C LYS A 23 -3.26 6.49 -14.91
N ARG A 24 -3.65 5.49 -14.19
CA ARG A 24 -2.71 4.37 -13.88
C ARG A 24 -3.50 3.11 -13.53
N ASP A 25 -2.82 2.09 -13.05
CA ASP A 25 -3.55 0.84 -12.67
C ASP A 25 -4.11 0.95 -11.26
N GLN A 26 -4.95 1.92 -11.03
CA GLN A 26 -5.55 2.09 -9.67
C GLN A 26 -4.43 2.26 -8.62
N THR A 27 -3.52 3.16 -8.85
CA THR A 27 -2.42 3.38 -7.88
C THR A 27 -2.79 4.51 -6.90
N TYR A 28 -2.52 4.36 -5.64
CA TYR A 28 -2.88 5.43 -4.66
C TYR A 28 -1.71 5.73 -3.73
N LEU A 29 -1.52 6.97 -3.39
CA LEU A 29 -0.40 7.33 -2.47
C LEU A 29 -0.96 7.65 -1.07
N TYR A 30 -0.16 7.52 -0.06
CA TYR A 30 -0.64 7.81 1.32
C TYR A 30 0.34 8.73 2.05
N VAL A 31 -0.15 9.63 2.84
CA VAL A 31 0.75 10.57 3.59
C VAL A 31 0.09 11.02 4.88
N GLU A 32 0.87 11.33 5.88
CA GLU A 32 0.27 11.80 7.17
C GLU A 32 -0.54 13.08 6.93
N LYS A 33 -0.29 13.75 5.84
CA LYS A 33 -1.04 15.01 5.55
C LYS A 33 -0.95 15.32 4.05
N LYS A 34 -1.85 16.12 3.55
CA LYS A 34 -1.82 16.46 2.10
C LYS A 34 -0.79 17.56 1.81
N ASP A 35 0.47 17.32 2.09
CA ASP A 35 1.49 18.38 1.83
C ASP A 35 2.26 18.08 0.53
N ASP A 36 3.11 17.08 0.53
CA ASP A 36 3.88 16.77 -0.71
C ASP A 36 4.55 15.40 -0.60
N PHE A 37 5.13 14.94 -1.67
CA PHE A 37 5.82 13.61 -1.64
C PHE A 37 7.27 13.79 -2.09
N SER A 38 8.18 13.81 -1.16
CA SER A 38 9.62 13.98 -1.52
C SER A 38 10.42 12.70 -1.26
N ARG A 39 9.81 11.72 -0.67
CA ARG A 39 10.56 10.46 -0.40
C ARG A 39 10.22 9.38 -1.43
N VAL A 40 9.17 9.56 -2.18
CA VAL A 40 8.82 8.55 -3.20
C VAL A 40 9.91 8.46 -4.27
N PRO A 41 10.29 7.26 -4.58
CA PRO A 41 11.35 7.02 -5.59
C PRO A 41 10.87 7.39 -7.00
N GLU A 42 11.72 7.99 -7.78
CA GLU A 42 11.32 8.37 -9.17
C GLU A 42 11.00 7.11 -9.99
N GLU A 43 11.35 5.96 -9.49
CA GLU A 43 11.06 4.70 -10.23
C GLU A 43 9.56 4.42 -10.21
N LEU A 44 8.92 4.70 -9.12
CA LEU A 44 7.45 4.45 -9.02
C LEU A 44 6.67 5.72 -9.39
N MET A 45 7.00 6.83 -8.79
CA MET A 45 6.27 8.08 -9.09
C MET A 45 6.20 8.31 -10.61
N LYS A 46 7.19 7.87 -11.34
CA LYS A 46 7.17 8.06 -12.82
C LYS A 46 5.79 7.68 -13.37
N GLY A 47 5.19 6.66 -12.82
CA GLY A 47 3.84 6.25 -13.31
C GLY A 47 2.78 7.14 -12.67
N PHE A 48 2.99 7.53 -11.43
CA PHE A 48 2.00 8.40 -10.75
C PHE A 48 2.03 9.80 -11.36
N GLY A 49 3.19 10.41 -11.42
CA GLY A 49 3.28 11.77 -12.00
C GLY A 49 2.63 12.78 -11.06
N GLN A 50 1.45 13.22 -11.37
CA GLN A 50 0.76 14.20 -10.49
C GLN A 50 -0.36 13.50 -9.69
N PRO A 51 -0.17 13.45 -8.40
CA PRO A 51 -1.18 12.79 -7.53
C PRO A 51 -2.42 13.67 -7.38
N GLN A 52 -3.55 13.08 -7.13
CA GLN A 52 -4.80 13.90 -6.97
C GLN A 52 -5.53 13.49 -5.69
N LEU A 53 -6.35 14.35 -5.17
CA LEU A 53 -7.09 14.01 -3.91
C LEU A 53 -8.39 13.28 -4.24
N ALA A 54 -8.45 12.00 -3.98
CA ALA A 54 -9.69 11.24 -4.28
C ALA A 54 -10.41 10.87 -2.99
N MET A 55 -9.68 10.46 -1.99
CA MET A 55 -10.31 10.08 -0.69
C MET A 55 -9.41 10.47 0.47
N ILE A 56 -9.96 10.97 1.53
CA ILE A 56 -9.13 11.37 2.70
C ILE A 56 -9.49 10.52 3.92
N LEU A 57 -8.50 10.04 4.61
CA LEU A 57 -8.78 9.19 5.81
C LEU A 57 -8.62 10.02 7.09
N PRO A 58 -9.64 9.96 7.91
CA PRO A 58 -9.64 10.73 9.18
C PRO A 58 -8.74 10.04 10.21
N LEU A 59 -8.56 10.66 11.35
CA LEU A 59 -7.71 10.05 12.41
C LEU A 59 -8.54 9.76 13.67
N ASP A 60 -9.62 9.06 13.52
CA ASP A 60 -10.47 8.75 14.70
C ASP A 60 -10.46 7.24 14.99
N GLY A 61 -10.45 6.43 13.97
CA GLY A 61 -10.43 4.96 14.20
C GLY A 61 -11.37 4.27 13.20
N ARG A 62 -11.13 4.44 11.92
CA ARG A 62 -12.02 3.81 10.91
C ARG A 62 -11.46 2.44 10.50
N LYS A 63 -12.16 1.72 9.67
CA LYS A 63 -11.67 0.38 9.24
C LYS A 63 -10.58 0.53 8.17
N LYS A 64 -9.93 -0.54 7.81
CA LYS A 64 -8.85 -0.46 6.78
C LYS A 64 -9.47 -0.40 5.38
N LEU A 65 -8.71 0.02 4.41
CA LEU A 65 -9.24 0.09 3.02
C LEU A 65 -9.04 -1.25 2.31
N VAL A 66 -9.71 -1.46 1.21
CA VAL A 66 -9.57 -2.75 0.48
C VAL A 66 -8.36 -2.68 -0.46
N ASN A 67 -7.72 -1.53 -0.56
CA ASN A 67 -6.55 -1.42 -1.46
C ASN A 67 -5.25 -1.57 -0.66
N ALA A 68 -5.02 -0.71 0.29
CA ALA A 68 -3.77 -0.83 1.10
C ALA A 68 -4.11 -0.97 2.59
N ASP A 69 -3.23 -1.56 3.34
CA ASP A 69 -3.50 -1.74 4.80
C ASP A 69 -3.09 -0.46 5.54
N ILE A 70 -4.04 0.28 6.03
CA ILE A 70 -3.70 1.53 6.76
C ILE A 70 -2.64 1.26 7.83
N GLU A 71 -2.60 0.06 8.36
CA GLU A 71 -1.58 -0.26 9.40
C GLU A 71 -0.21 -0.44 8.77
N LYS A 72 -0.15 -1.04 7.61
CA LYS A 72 1.17 -1.25 6.94
C LYS A 72 1.75 0.10 6.50
N VAL A 73 0.91 1.10 6.41
CA VAL A 73 1.40 2.45 5.99
C VAL A 73 1.96 3.20 7.20
N LYS A 74 1.53 2.85 8.37
CA LYS A 74 2.03 3.54 9.59
C LYS A 74 3.56 3.50 9.63
N GLN A 75 4.13 2.36 9.42
CA GLN A 75 5.62 2.25 9.43
C GLN A 75 6.22 3.03 8.25
N ALA A 76 5.41 3.40 7.30
CA ALA A 76 5.93 4.16 6.14
C ALA A 76 5.90 5.67 6.42
N LEU A 77 4.79 6.16 6.91
CA LEU A 77 4.70 7.61 7.20
C LEU A 77 5.52 7.96 8.45
N THR A 78 5.70 7.01 9.33
CA THR A 78 6.50 7.30 10.55
C THR A 78 8.00 7.15 10.25
N GLU A 79 8.33 6.28 9.33
CA GLU A 79 9.77 6.09 8.98
C GLU A 79 10.15 7.04 7.84
N GLN A 80 9.28 7.17 6.87
CA GLN A 80 9.58 8.08 5.72
C GLN A 80 8.59 9.25 5.72
N GLY A 81 7.32 8.94 5.66
CA GLY A 81 6.30 10.02 5.64
C GLY A 81 5.37 9.83 4.44
N TYR A 82 5.56 8.78 3.69
CA TYR A 82 4.68 8.55 2.50
C TYR A 82 4.60 7.04 2.20
N TYR A 83 3.50 6.60 1.68
CA TYR A 83 3.35 5.16 1.36
C TYR A 83 2.56 4.98 0.06
N LEU A 84 3.04 4.18 -0.84
CA LEU A 84 2.30 3.98 -2.13
C LEU A 84 1.65 2.60 -2.16
N GLN A 85 0.42 2.53 -2.57
CA GLN A 85 -0.27 1.20 -2.62
C GLN A 85 -0.54 0.79 -4.08
N LEU A 86 -0.24 -0.44 -4.41
CA LEU A 86 -0.48 -0.92 -5.79
C LEU A 86 -1.22 -2.26 -5.76
N PRO A 87 -2.34 -2.29 -6.45
CA PRO A 87 -3.16 -3.53 -6.49
C PRO A 87 -2.47 -4.62 -7.30
N PRO A 88 -3.05 -5.79 -7.28
CA PRO A 88 -2.49 -6.95 -8.03
C PRO A 88 -2.70 -6.77 -9.53
N PRO A 89 -1.60 -6.66 -10.24
CA PRO A 89 -1.65 -6.50 -11.71
C PRO A 89 -2.03 -7.82 -12.39
N PRO A 90 -2.18 -7.76 -13.69
CA PRO A 90 -2.55 -8.98 -14.46
C PRO A 90 -1.38 -9.97 -14.47
N GLU A 91 -0.25 -9.57 -13.96
CA GLU A 91 0.92 -10.47 -13.91
C GLU A 91 0.67 -11.59 -12.90
N ASP A 92 1.70 -12.13 -12.31
CA ASP A 92 1.48 -13.21 -11.32
C ASP A 92 2.35 -12.97 -10.07
N LEU A 93 2.38 -11.76 -9.58
CA LEU A 93 3.20 -11.46 -8.38
C LEU A 93 2.38 -11.75 -7.12
N LEU A 94 3.04 -12.06 -6.03
CA LEU A 94 2.30 -12.35 -4.77
C LEU A 94 3.27 -12.48 -3.60
N LYS A 95 3.82 -13.64 -3.40
CA LYS A 95 4.76 -13.83 -2.26
C LYS A 95 6.16 -14.21 -2.77
N GLN A 96 6.85 -13.28 -3.37
CA GLN A 96 8.21 -13.58 -3.89
C GLN A 96 9.20 -13.75 -2.73
N HIS A 97 10.47 -13.69 -2.99
CA HIS A 97 11.46 -13.84 -1.89
C HIS A 97 11.03 -13.00 -0.68
N LEU A 98 10.81 -11.73 -0.89
CA LEU A 98 10.39 -10.84 0.24
C LEU A 98 11.18 -11.18 1.51
N SER A 99 12.41 -10.77 1.58
CA SER A 99 13.23 -11.07 2.78
C SER A 99 13.63 -9.76 3.47
N VAL A 100 12.85 -8.73 3.32
CA VAL A 100 13.19 -7.43 3.96
C VAL A 100 11.92 -6.73 4.45
N MET A 101 11.57 -6.93 5.69
CA MET A 101 10.33 -6.28 6.23
C MET A 101 10.64 -5.58 7.56
N GLY A 102 10.84 -6.34 8.61
CA GLY A 102 11.15 -5.71 9.92
C GLY A 102 11.82 -6.74 10.84
N GLN A 103 12.50 -6.29 11.85
CA GLN A 103 13.17 -7.23 12.78
C GLN A 103 12.57 -7.12 14.18
N LYS A 104 12.86 -8.08 15.03
CA LYS A 104 12.30 -8.02 16.42
C LYS A 104 13.42 -7.72 17.42
N THR A 105 13.07 -7.45 18.64
CA THR A 105 14.11 -7.14 19.67
C THR A 105 14.03 -8.14 20.82
N ASP A 106 15.16 -8.47 21.41
CA ASP A 106 15.16 -9.45 22.54
C ASP A 106 16.21 -9.05 23.58
N ASP A 107 16.56 -9.96 24.44
CA ASP A 107 17.58 -9.64 25.49
C ASP A 107 18.98 -9.68 24.89
N THR A 108 19.59 -10.83 24.85
CA THR A 108 20.95 -10.94 24.27
C THR A 108 21.82 -9.79 24.77
N ASN A 109 21.89 -9.58 26.05
CA ASN A 109 22.72 -8.47 26.59
C ASN A 109 24.19 -8.69 26.23
N LYS A 110 25.09 -7.95 26.84
CA LYS A 110 26.53 -8.13 26.53
C LYS A 110 27.20 -9.04 27.55
N GLY A 1 9.49 -11.39 -0.17
CA GLY A 1 9.97 -11.57 1.22
C GLY A 1 9.79 -13.03 1.64
N SER A 2 8.83 -13.31 2.48
CA SER A 2 8.60 -14.72 2.91
C SER A 2 7.11 -14.98 3.11
N MET A 3 6.51 -14.38 4.10
CA MET A 3 5.05 -14.62 4.34
C MET A 3 4.48 -13.54 5.27
N PRO A 4 3.53 -12.81 4.76
CA PRO A 4 2.90 -11.74 5.56
C PRO A 4 1.89 -12.32 6.55
N LYS A 5 2.36 -12.89 7.62
CA LYS A 5 1.43 -13.47 8.62
C LYS A 5 0.68 -12.37 9.37
N PRO A 6 -0.30 -12.78 10.13
CA PRO A 6 -1.11 -11.81 10.91
C PRO A 6 -0.31 -11.26 12.09
N GLY A 7 0.72 -10.51 11.82
CA GLY A 7 1.54 -9.94 12.93
C GLY A 7 1.04 -8.53 13.26
N ILE A 8 0.49 -8.35 14.43
CA ILE A 8 -0.02 -7.00 14.81
C ILE A 8 1.10 -6.18 15.44
N LEU A 9 1.17 -4.90 15.13
CA LEU A 9 2.23 -4.05 15.70
C LEU A 9 1.62 -2.98 16.62
N LYS A 10 0.59 -2.32 16.16
CA LYS A 10 -0.05 -1.26 17.00
C LYS A 10 0.94 -0.13 17.30
N SER A 11 0.51 1.09 17.22
CA SER A 11 1.42 2.23 17.50
C SER A 11 0.61 3.45 17.95
N LYS A 12 -0.14 4.04 17.05
CA LYS A 12 -0.95 5.24 17.43
C LYS A 12 -1.83 5.67 16.25
N SER A 13 -3.01 6.17 16.53
CA SER A 13 -3.91 6.60 15.42
C SER A 13 -3.52 7.99 14.93
N MET A 14 -3.92 8.35 13.75
CA MET A 14 -3.57 9.69 13.21
C MET A 14 -4.38 9.98 11.94
N PHE A 15 -3.98 10.97 11.20
CA PHE A 15 -4.72 11.31 9.94
C PHE A 15 -3.87 10.92 8.73
N CYS A 16 -4.50 10.48 7.68
CA CYS A 16 -3.73 10.09 6.45
C CYS A 16 -4.47 10.54 5.19
N VAL A 17 -3.74 10.84 4.15
CA VAL A 17 -4.40 11.29 2.89
C VAL A 17 -4.15 10.27 1.78
N ILE A 18 -5.19 9.78 1.17
CA ILE A 18 -5.00 8.77 0.08
C ILE A 18 -5.12 9.44 -1.30
N TYR A 19 -4.06 9.42 -2.07
CA TYR A 19 -4.10 10.06 -3.42
C TYR A 19 -4.37 8.99 -4.49
N ARG A 20 -4.71 9.40 -5.68
CA ARG A 20 -4.98 8.40 -6.76
C ARG A 20 -4.17 8.74 -8.02
N SER A 21 -3.64 7.76 -8.68
CA SER A 21 -2.85 8.03 -9.91
C SER A 21 -3.75 8.56 -11.02
N SER A 22 -3.31 9.57 -11.74
CA SER A 22 -4.16 10.13 -12.83
C SER A 22 -4.58 9.02 -13.80
N LYS A 23 -3.69 8.13 -14.13
CA LYS A 23 -4.06 7.03 -15.06
C LYS A 23 -3.35 5.73 -14.67
N ARG A 24 -4.01 4.89 -13.91
CA ARG A 24 -3.38 3.61 -13.48
C ARG A 24 -4.47 2.61 -13.08
N ASP A 25 -4.09 1.39 -12.80
CA ASP A 25 -5.11 0.38 -12.39
C ASP A 25 -5.67 0.73 -11.01
N GLN A 26 -4.87 0.65 -10.00
CA GLN A 26 -5.35 0.98 -8.63
C GLN A 26 -4.20 1.49 -7.78
N THR A 27 -3.45 2.45 -8.27
CA THR A 27 -2.31 3.00 -7.50
C THR A 27 -2.76 4.15 -6.61
N TYR A 28 -2.43 4.11 -5.35
CA TYR A 28 -2.84 5.22 -4.44
C TYR A 28 -1.68 5.61 -3.52
N LEU A 29 -1.50 6.88 -3.28
CA LEU A 29 -0.39 7.33 -2.40
C LEU A 29 -0.92 7.65 -1.00
N TYR A 30 -0.09 7.56 0.00
CA TYR A 30 -0.54 7.84 1.38
C TYR A 30 0.43 8.81 2.07
N VAL A 31 -0.08 9.69 2.89
CA VAL A 31 0.81 10.66 3.59
C VAL A 31 0.18 11.12 4.90
N GLU A 32 0.98 11.46 5.88
CA GLU A 32 0.41 11.92 7.17
C GLU A 32 -0.33 13.24 6.98
N LYS A 33 -0.07 13.92 5.90
CA LYS A 33 -0.77 15.22 5.65
C LYS A 33 -0.74 15.55 4.16
N LYS A 34 -1.45 16.55 3.76
CA LYS A 34 -1.49 16.93 2.31
C LYS A 34 -0.37 17.93 2.00
N ASP A 35 0.86 17.56 2.18
CA ASP A 35 1.97 18.52 1.88
C ASP A 35 2.64 18.20 0.54
N ASP A 36 3.42 17.16 0.47
CA ASP A 36 4.10 16.82 -0.82
C ASP A 36 4.71 15.41 -0.75
N PHE A 37 5.22 14.95 -1.86
CA PHE A 37 5.85 13.60 -1.88
C PHE A 37 7.31 13.72 -2.35
N SER A 38 8.24 13.72 -1.43
CA SER A 38 9.67 13.83 -1.83
C SER A 38 10.42 12.52 -1.57
N ARG A 39 9.80 11.61 -0.87
CA ARG A 39 10.49 10.32 -0.56
C ARG A 39 10.16 9.28 -1.64
N VAL A 40 9.12 9.49 -2.38
CA VAL A 40 8.77 8.49 -3.44
C VAL A 40 9.88 8.47 -4.50
N PRO A 41 10.30 7.27 -4.83
CA PRO A 41 11.37 7.09 -5.83
C PRO A 41 10.89 7.48 -7.24
N GLU A 42 11.72 8.12 -8.01
CA GLU A 42 11.30 8.52 -9.39
C GLU A 42 10.92 7.28 -10.20
N GLU A 43 11.32 6.12 -9.74
CA GLU A 43 10.97 4.87 -10.49
C GLU A 43 9.47 4.58 -10.33
N LEU A 44 8.94 4.81 -9.17
CA LEU A 44 7.50 4.57 -8.94
C LEU A 44 6.69 5.82 -9.26
N MET A 45 7.19 6.97 -8.87
CA MET A 45 6.47 8.24 -9.15
C MET A 45 6.30 8.41 -10.67
N LYS A 46 7.22 7.91 -11.44
CA LYS A 46 7.11 8.04 -12.92
C LYS A 46 5.67 7.74 -13.37
N GLY A 47 5.07 6.73 -12.81
CA GLY A 47 3.67 6.39 -13.20
C GLY A 47 2.71 7.37 -12.53
N PHE A 48 2.93 7.68 -11.28
CA PHE A 48 2.03 8.64 -10.58
C PHE A 48 2.22 10.04 -11.16
N GLY A 49 3.45 10.51 -11.21
CA GLY A 49 3.69 11.87 -11.77
C GLY A 49 2.87 12.90 -10.98
N GLN A 50 1.64 13.08 -11.35
CA GLN A 50 0.78 14.07 -10.62
C GLN A 50 -0.35 13.34 -9.90
N PRO A 51 -0.21 13.22 -8.61
CA PRO A 51 -1.23 12.54 -7.78
C PRO A 51 -2.49 13.40 -7.65
N GLN A 52 -3.60 12.80 -7.33
CA GLN A 52 -4.85 13.59 -7.18
C GLN A 52 -5.53 13.24 -5.84
N LEU A 53 -6.29 14.15 -5.31
CA LEU A 53 -6.99 13.87 -4.01
C LEU A 53 -8.29 13.14 -4.27
N ALA A 54 -8.36 11.88 -3.93
CA ALA A 54 -9.62 11.10 -4.17
C ALA A 54 -10.30 10.78 -2.84
N MET A 55 -9.54 10.51 -1.81
CA MET A 55 -10.16 10.18 -0.49
C MET A 55 -9.26 10.66 0.65
N ILE A 56 -9.85 11.11 1.72
CA ILE A 56 -9.04 11.59 2.88
C ILE A 56 -9.35 10.76 4.13
N LEU A 57 -8.36 10.14 4.70
CA LEU A 57 -8.59 9.32 5.92
C LEU A 57 -8.49 10.19 7.18
N PRO A 58 -9.56 10.21 7.93
CA PRO A 58 -9.62 11.01 9.18
C PRO A 58 -8.80 10.35 10.28
N LEU A 59 -8.60 11.04 11.36
CA LEU A 59 -7.81 10.47 12.49
C LEU A 59 -8.68 10.34 13.74
N ASP A 60 -9.79 9.68 13.62
CA ASP A 60 -10.69 9.55 14.81
C ASP A 60 -10.98 8.08 15.13
N GLY A 61 -11.27 7.28 14.15
CA GLY A 61 -11.56 5.84 14.43
C GLY A 61 -12.19 5.18 13.20
N ARG A 62 -12.91 5.94 12.40
CA ARG A 62 -13.55 5.34 11.19
C ARG A 62 -12.59 5.42 10.01
N LYS A 63 -11.60 4.56 9.98
CA LYS A 63 -10.62 4.57 8.85
C LYS A 63 -10.48 3.17 8.25
N LYS A 64 -11.17 2.91 7.18
CA LYS A 64 -11.09 1.56 6.54
C LYS A 64 -10.78 1.70 5.05
N LEU A 65 -9.95 0.82 4.53
CA LEU A 65 -9.61 0.90 3.08
C LEU A 65 -9.79 -0.46 2.41
N VAL A 66 -10.10 -0.47 1.15
CA VAL A 66 -10.29 -1.77 0.44
C VAL A 66 -9.13 -2.03 -0.54
N ASN A 67 -8.17 -1.15 -0.57
CA ASN A 67 -7.01 -1.34 -1.48
C ASN A 67 -5.72 -1.55 -0.67
N ALA A 68 -5.39 -0.62 0.19
CA ALA A 68 -4.16 -0.76 1.00
C ALA A 68 -4.52 -0.84 2.48
N ASP A 69 -3.69 -1.47 3.27
CA ASP A 69 -4.00 -1.58 4.72
C ASP A 69 -3.45 -0.35 5.46
N ILE A 70 -4.33 0.50 5.93
CA ILE A 70 -3.88 1.71 6.65
C ILE A 70 -2.80 1.35 7.68
N GLU A 71 -2.80 0.13 8.16
CA GLU A 71 -1.78 -0.29 9.16
C GLU A 71 -0.41 -0.42 8.48
N LYS A 72 -0.34 -1.08 7.36
CA LYS A 72 0.96 -1.24 6.65
C LYS A 72 1.52 0.13 6.26
N VAL A 73 0.69 1.13 6.23
CA VAL A 73 1.17 2.50 5.84
C VAL A 73 1.77 3.21 7.05
N LYS A 74 1.36 2.84 8.24
CA LYS A 74 1.90 3.52 9.45
C LYS A 74 3.44 3.44 9.48
N GLN A 75 3.98 2.27 9.27
CA GLN A 75 5.46 2.12 9.30
C GLN A 75 6.10 2.92 8.16
N ALA A 76 5.33 3.39 7.23
CA ALA A 76 5.91 4.18 6.11
C ALA A 76 5.83 5.67 6.40
N LEU A 77 4.71 6.13 6.88
CA LEU A 77 4.58 7.59 7.20
C LEU A 77 5.37 7.92 8.46
N THR A 78 5.59 6.95 9.31
CA THR A 78 6.36 7.21 10.56
C THR A 78 7.85 7.15 10.28
N GLU A 79 8.25 6.34 9.33
CA GLU A 79 9.70 6.22 9.00
C GLU A 79 10.05 7.18 7.85
N GLN A 80 9.26 7.17 6.82
CA GLN A 80 9.54 8.06 5.66
C GLN A 80 8.56 9.24 5.66
N GLY A 81 7.29 8.95 5.57
CA GLY A 81 6.27 10.03 5.55
C GLY A 81 5.33 9.83 4.36
N TYR A 82 5.56 8.82 3.56
CA TYR A 82 4.68 8.58 2.39
C TYR A 82 4.61 7.08 2.10
N TYR A 83 3.51 6.61 1.59
CA TYR A 83 3.39 5.16 1.28
C TYR A 83 2.55 4.96 0.02
N LEU A 84 3.07 4.26 -0.94
CA LEU A 84 2.31 4.02 -2.20
C LEU A 84 1.76 2.60 -2.21
N GLN A 85 0.49 2.45 -2.43
CA GLN A 85 -0.09 1.07 -2.45
C GLN A 85 -0.37 0.62 -3.89
N LEU A 86 0.12 -0.54 -4.25
CA LEU A 86 -0.10 -1.05 -5.63
C LEU A 86 -0.56 -2.52 -5.57
N PRO A 87 -1.80 -2.73 -5.93
CA PRO A 87 -2.38 -4.09 -5.91
C PRO A 87 -1.88 -4.90 -7.12
N PRO A 88 -1.72 -6.17 -6.90
CA PRO A 88 -1.25 -7.08 -7.97
C PRO A 88 -2.41 -7.42 -8.93
N PRO A 89 -2.03 -7.85 -10.10
CA PRO A 89 -3.04 -8.23 -11.12
C PRO A 89 -3.63 -9.59 -10.81
N PRO A 90 -4.61 -9.97 -11.59
CA PRO A 90 -5.29 -11.28 -11.40
C PRO A 90 -4.35 -12.42 -11.84
N GLU A 91 -3.56 -12.18 -12.84
CA GLU A 91 -2.63 -13.24 -13.33
C GLU A 91 -1.31 -12.60 -13.77
N ASP A 92 -0.52 -13.31 -14.52
CA ASP A 92 0.78 -12.75 -14.99
C ASP A 92 0.89 -12.84 -16.50
N LEU A 93 -0.20 -13.06 -17.17
CA LEU A 93 -0.16 -13.18 -18.66
C LEU A 93 -1.40 -12.51 -19.28
N LEU A 94 -1.56 -12.63 -20.58
CA LEU A 94 -2.75 -12.00 -21.22
C LEU A 94 -3.66 -13.07 -21.83
N LYS A 95 -4.30 -12.78 -22.94
CA LYS A 95 -5.20 -13.79 -23.56
C LYS A 95 -4.38 -14.95 -24.14
N GLN A 96 -4.09 -15.93 -23.34
CA GLN A 96 -3.28 -17.08 -23.83
C GLN A 96 -3.66 -18.35 -23.05
N HIS A 97 -4.93 -18.63 -22.92
CA HIS A 97 -5.35 -19.84 -22.17
C HIS A 97 -5.67 -20.99 -23.13
N LEU A 98 -6.17 -22.08 -22.62
CA LEU A 98 -6.49 -23.24 -23.50
C LEU A 98 -7.16 -24.34 -22.69
N SER A 99 -8.47 -24.40 -22.69
CA SER A 99 -9.18 -25.44 -21.91
C SER A 99 -10.10 -26.26 -22.83
N VAL A 100 -11.39 -26.22 -22.61
CA VAL A 100 -12.31 -27.00 -23.47
C VAL A 100 -11.95 -28.48 -23.42
N MET A 101 -11.66 -28.99 -22.25
CA MET A 101 -11.30 -30.43 -22.13
C MET A 101 -11.96 -31.03 -20.88
N GLY A 102 -12.11 -32.33 -20.86
CA GLY A 102 -12.75 -32.97 -19.67
C GLY A 102 -12.41 -34.46 -19.66
N GLN A 103 -13.37 -35.30 -19.33
CA GLN A 103 -13.11 -36.76 -19.31
C GLN A 103 -14.19 -37.49 -20.10
N LYS A 104 -14.15 -38.79 -20.12
CA LYS A 104 -15.18 -39.56 -20.88
C LYS A 104 -16.05 -40.38 -19.92
N THR A 105 -17.25 -40.70 -20.32
CA THR A 105 -18.15 -41.49 -19.43
C THR A 105 -18.65 -42.73 -20.19
N ASP A 106 -19.01 -43.77 -19.48
CA ASP A 106 -19.50 -45.00 -20.17
C ASP A 106 -20.20 -45.93 -19.17
N ASP A 107 -20.74 -45.39 -18.12
CA ASP A 107 -21.43 -46.25 -17.11
C ASP A 107 -21.96 -45.39 -15.95
N THR A 108 -22.99 -44.63 -16.20
CA THR A 108 -23.56 -43.78 -15.12
C THR A 108 -24.95 -43.28 -15.51
N ASN A 109 -25.03 -42.15 -16.16
CA ASN A 109 -26.35 -41.61 -16.57
C ASN A 109 -27.33 -41.68 -15.40
N LYS A 110 -27.25 -40.75 -14.49
CA LYS A 110 -28.19 -40.77 -13.32
C LYS A 110 -28.23 -39.38 -12.67
N GLY A 1 3.39 -10.68 -11.11
CA GLY A 1 4.15 -11.01 -9.88
C GLY A 1 5.17 -9.91 -9.60
N SER A 2 5.54 -9.72 -8.36
CA SER A 2 6.53 -8.66 -8.02
C SER A 2 7.17 -8.96 -6.67
N MET A 3 7.87 -8.01 -6.11
CA MET A 3 8.52 -8.24 -4.78
C MET A 3 7.51 -8.82 -3.80
N PRO A 4 8.02 -9.59 -2.86
CA PRO A 4 7.14 -10.20 -1.84
C PRO A 4 6.64 -9.13 -0.86
N LYS A 5 6.12 -9.53 0.26
CA LYS A 5 5.62 -8.52 1.24
C LYS A 5 6.44 -8.60 2.54
N PRO A 6 6.58 -7.47 3.18
CA PRO A 6 7.34 -7.40 4.44
C PRO A 6 6.52 -7.98 5.60
N GLY A 7 5.68 -7.19 6.20
CA GLY A 7 4.85 -7.69 7.34
C GLY A 7 3.99 -6.55 7.90
N ILE A 8 3.24 -6.82 8.93
CA ILE A 8 2.38 -5.74 9.51
C ILE A 8 2.85 -5.42 10.93
N LEU A 9 2.63 -4.22 11.39
CA LEU A 9 3.05 -3.85 12.77
C LEU A 9 1.93 -3.09 13.49
N LYS A 10 2.21 -2.59 14.66
CA LYS A 10 1.15 -1.84 15.39
C LYS A 10 1.33 -0.33 15.21
N SER A 11 0.43 0.45 15.74
CA SER A 11 0.55 1.93 15.59
C SER A 11 -0.55 2.62 16.39
N LYS A 12 -0.66 3.92 16.27
CA LYS A 12 -1.72 4.66 17.01
C LYS A 12 -2.71 5.30 16.04
N SER A 13 -3.94 5.46 16.43
CA SER A 13 -4.94 6.08 15.52
C SER A 13 -4.41 7.43 15.02
N MET A 14 -4.69 7.76 13.78
CA MET A 14 -4.18 9.06 13.24
C MET A 14 -4.94 9.44 11.97
N PHE A 15 -4.46 10.43 11.26
CA PHE A 15 -5.14 10.86 10.01
C PHE A 15 -4.23 10.58 8.80
N CYS A 16 -4.82 10.23 7.68
CA CYS A 16 -3.99 9.95 6.47
C CYS A 16 -4.71 10.44 5.22
N VAL A 17 -3.98 10.67 4.16
CA VAL A 17 -4.63 11.15 2.89
C VAL A 17 -4.37 10.15 1.76
N ILE A 18 -5.40 9.70 1.11
CA ILE A 18 -5.20 8.72 0.01
C ILE A 18 -5.31 9.42 -1.35
N TYR A 19 -4.23 9.45 -2.09
CA TYR A 19 -4.26 10.11 -3.42
C TYR A 19 -4.50 9.08 -4.53
N ARG A 20 -4.81 9.53 -5.71
CA ARG A 20 -5.03 8.57 -6.84
C ARG A 20 -4.26 9.02 -8.08
N SER A 21 -3.69 8.10 -8.80
CA SER A 21 -2.92 8.48 -10.02
C SER A 21 -3.87 9.03 -11.08
N SER A 22 -3.46 10.04 -11.79
CA SER A 22 -4.34 10.62 -12.85
C SER A 22 -4.69 9.56 -13.88
N LYS A 23 -3.82 8.61 -14.11
CA LYS A 23 -4.12 7.56 -15.12
C LYS A 23 -3.40 6.25 -14.77
N ARG A 24 -4.06 5.37 -14.08
CA ARG A 24 -3.43 4.07 -13.73
C ARG A 24 -4.51 3.02 -13.44
N ASP A 25 -4.11 1.79 -13.23
CA ASP A 25 -5.13 0.74 -12.96
C ASP A 25 -5.81 1.03 -11.61
N GLN A 26 -5.06 1.55 -10.67
CA GLN A 26 -5.63 1.87 -9.33
C GLN A 26 -4.50 2.18 -8.36
N THR A 27 -3.61 3.06 -8.75
CA THR A 27 -2.48 3.43 -7.85
C THR A 27 -2.90 4.51 -6.85
N TYR A 28 -2.57 4.35 -5.60
CA TYR A 28 -2.97 5.38 -4.59
C TYR A 28 -1.80 5.71 -3.67
N LEU A 29 -1.66 6.95 -3.30
CA LEU A 29 -0.54 7.34 -2.38
C LEU A 29 -1.08 7.66 -0.99
N TYR A 30 -0.26 7.56 0.02
CA TYR A 30 -0.73 7.86 1.40
C TYR A 30 0.22 8.82 2.10
N VAL A 31 -0.30 9.74 2.86
CA VAL A 31 0.57 10.71 3.58
C VAL A 31 -0.13 11.21 4.84
N GLU A 32 0.63 11.65 5.82
CA GLU A 32 0.01 12.15 7.07
C GLU A 32 -0.78 13.43 6.79
N LYS A 33 -0.50 14.07 5.69
CA LYS A 33 -1.23 15.33 5.35
C LYS A 33 -1.11 15.62 3.85
N LYS A 34 -1.91 16.51 3.34
CA LYS A 34 -1.83 16.84 1.89
C LYS A 34 -0.72 17.85 1.61
N ASP A 35 0.51 17.52 1.91
CA ASP A 35 1.60 18.51 1.66
C ASP A 35 2.33 18.21 0.33
N ASP A 36 3.14 17.19 0.29
CA ASP A 36 3.86 16.88 -0.98
C ASP A 36 4.50 15.49 -0.88
N PHE A 37 5.03 15.01 -1.97
CA PHE A 37 5.69 13.68 -1.96
C PHE A 37 7.15 13.82 -2.42
N SER A 38 8.08 13.84 -1.51
CA SER A 38 9.50 13.99 -1.89
C SER A 38 10.28 12.70 -1.58
N ARG A 39 9.70 11.78 -0.89
CA ARG A 39 10.42 10.52 -0.55
C ARG A 39 10.10 9.41 -1.55
N VAL A 40 9.06 9.57 -2.32
CA VAL A 40 8.71 8.52 -3.31
C VAL A 40 9.82 8.40 -4.35
N PRO A 41 10.22 7.19 -4.60
CA PRO A 41 11.30 6.92 -5.59
C PRO A 41 10.83 7.24 -7.02
N GLU A 42 11.71 7.76 -7.82
CA GLU A 42 11.32 8.10 -9.23
C GLU A 42 10.91 6.84 -9.99
N GLU A 43 11.23 5.69 -9.45
CA GLU A 43 10.85 4.42 -10.14
C GLU A 43 9.33 4.23 -10.06
N LEU A 44 8.76 4.53 -8.92
CA LEU A 44 7.29 4.38 -8.77
C LEU A 44 6.59 5.70 -9.14
N MET A 45 7.11 6.81 -8.67
CA MET A 45 6.48 8.12 -8.99
C MET A 45 6.39 8.29 -10.51
N LYS A 46 7.30 7.71 -11.23
CA LYS A 46 7.27 7.84 -12.72
C LYS A 46 5.85 7.60 -13.24
N GLY A 47 5.19 6.58 -12.75
CA GLY A 47 3.80 6.30 -13.22
C GLY A 47 2.84 7.29 -12.57
N PHE A 48 3.05 7.60 -11.32
CA PHE A 48 2.15 8.56 -10.62
C PHE A 48 2.36 9.98 -11.17
N GLY A 49 3.56 10.49 -11.06
CA GLY A 49 3.83 11.86 -11.57
C GLY A 49 3.02 12.88 -10.75
N GLN A 50 1.85 13.22 -11.21
CA GLN A 50 1.02 14.19 -10.45
C GLN A 50 -0.15 13.47 -9.78
N PRO A 51 -0.05 13.31 -8.49
CA PRO A 51 -1.10 12.63 -7.71
C PRO A 51 -2.34 13.51 -7.58
N GLN A 52 -3.43 12.96 -7.12
CA GLN A 52 -4.67 13.77 -6.98
C GLN A 52 -5.37 13.42 -5.66
N LEU A 53 -6.24 14.27 -5.20
CA LEU A 53 -6.96 14.00 -3.92
C LEU A 53 -8.26 13.25 -4.20
N ALA A 54 -8.30 11.97 -3.95
CA ALA A 54 -9.54 11.18 -4.21
C ALA A 54 -10.30 10.95 -2.92
N MET A 55 -9.62 10.58 -1.87
CA MET A 55 -10.31 10.34 -0.57
C MET A 55 -9.42 10.75 0.60
N ILE A 56 -10.01 11.21 1.67
CA ILE A 56 -9.18 11.63 2.84
C ILE A 56 -9.54 10.78 4.07
N LEU A 57 -8.54 10.24 4.72
CA LEU A 57 -8.82 9.39 5.91
C LEU A 57 -8.71 10.24 7.19
N PRO A 58 -9.81 10.35 7.89
CA PRO A 58 -9.85 11.13 9.14
C PRO A 58 -9.19 10.34 10.28
N LEU A 59 -9.03 10.95 11.41
CA LEU A 59 -8.43 10.23 12.56
C LEU A 59 -9.46 10.11 13.68
N ASP A 60 -10.65 9.70 13.34
CA ASP A 60 -11.72 9.57 14.37
C ASP A 60 -12.36 8.18 14.29
N GLY A 61 -13.17 7.96 13.28
CA GLY A 61 -13.85 6.64 13.13
C GLY A 61 -12.82 5.50 13.05
N ARG A 62 -12.92 4.70 12.04
CA ARG A 62 -11.98 3.55 11.89
C ARG A 62 -10.98 3.81 10.76
N LYS A 63 -9.85 3.15 10.79
CA LYS A 63 -8.84 3.35 9.71
C LYS A 63 -8.70 2.06 8.89
N LYS A 64 -9.66 1.76 8.06
CA LYS A 64 -9.57 0.53 7.23
C LYS A 64 -9.80 0.85 5.75
N LEU A 65 -9.07 0.23 4.87
CA LEU A 65 -9.25 0.51 3.42
C LEU A 65 -9.45 -0.80 2.65
N VAL A 66 -10.06 -0.73 1.50
CA VAL A 66 -10.29 -1.96 0.69
C VAL A 66 -9.19 -2.11 -0.36
N ASN A 67 -8.19 -1.27 -0.31
CA ASN A 67 -7.08 -1.35 -1.30
C ASN A 67 -5.76 -1.65 -0.60
N ALA A 68 -5.27 -0.74 0.20
CA ALA A 68 -3.98 -0.98 0.91
C ALA A 68 -4.22 -1.10 2.42
N ASP A 69 -3.36 -1.79 3.11
CA ASP A 69 -3.54 -1.94 4.58
C ASP A 69 -3.01 -0.70 5.30
N ILE A 70 -3.88 0.08 5.86
CA ILE A 70 -3.43 1.31 6.58
C ILE A 70 -2.31 0.95 7.57
N GLU A 71 -2.35 -0.22 8.13
CA GLU A 71 -1.30 -0.63 9.10
C GLU A 71 0.06 -0.69 8.40
N LYS A 72 0.11 -1.21 7.20
CA LYS A 72 1.40 -1.29 6.48
C LYS A 72 1.90 0.11 6.11
N VAL A 73 1.02 1.07 6.12
CA VAL A 73 1.44 2.47 5.76
C VAL A 73 1.92 3.22 7.02
N LYS A 74 1.53 2.78 8.18
CA LYS A 74 1.96 3.46 9.43
C LYS A 74 3.49 3.50 9.52
N GLN A 75 4.13 2.38 9.32
CA GLN A 75 5.62 2.35 9.40
C GLN A 75 6.22 3.14 8.24
N ALA A 76 5.42 3.52 7.29
CA ALA A 76 5.95 4.29 6.12
C ALA A 76 5.88 5.79 6.41
N LEU A 77 4.77 6.25 6.91
CA LEU A 77 4.64 7.72 7.21
C LEU A 77 5.47 8.07 8.44
N THR A 78 5.71 7.12 9.31
CA THR A 78 6.52 7.41 10.52
C THR A 78 8.02 7.30 10.19
N GLU A 79 8.36 6.47 9.25
CA GLU A 79 9.80 6.34 8.87
C GLU A 79 10.11 7.25 7.68
N GLN A 80 9.23 7.31 6.72
CA GLN A 80 9.47 8.17 5.54
C GLN A 80 8.48 9.35 5.55
N GLY A 81 7.21 9.06 5.47
CA GLY A 81 6.19 10.14 5.48
C GLY A 81 5.22 9.93 4.33
N TYR A 82 5.41 8.90 3.55
CA TYR A 82 4.49 8.64 2.41
C TYR A 82 4.45 7.14 2.09
N TYR A 83 3.35 6.65 1.61
CA TYR A 83 3.25 5.20 1.28
C TYR A 83 2.42 5.01 0.01
N LEU A 84 2.94 4.31 -0.96
CA LEU A 84 2.18 4.10 -2.23
C LEU A 84 1.65 2.67 -2.30
N GLN A 85 0.38 2.52 -2.58
CA GLN A 85 -0.19 1.15 -2.68
C GLN A 85 -0.52 0.81 -4.14
N LEU A 86 -0.22 -0.38 -4.56
CA LEU A 86 -0.52 -0.77 -5.98
C LEU A 86 -1.21 -2.13 -6.01
N PRO A 87 -2.47 -2.09 -6.38
CA PRO A 87 -3.27 -3.33 -6.47
C PRO A 87 -2.95 -4.09 -7.76
N PRO A 88 -3.40 -5.31 -7.82
CA PRO A 88 -3.17 -6.16 -9.02
C PRO A 88 -4.08 -5.73 -10.17
N PRO A 89 -3.70 -6.12 -11.36
CA PRO A 89 -4.49 -5.77 -12.57
C PRO A 89 -5.78 -6.59 -12.61
N PRO A 90 -6.72 -6.11 -13.39
CA PRO A 90 -8.02 -6.80 -13.53
C PRO A 90 -7.90 -8.06 -14.38
N GLU A 91 -7.04 -8.06 -15.37
CA GLU A 91 -6.88 -9.27 -16.22
C GLU A 91 -6.25 -10.40 -15.41
N ASP A 92 -5.68 -10.09 -14.28
CA ASP A 92 -5.05 -11.15 -13.44
C ASP A 92 -4.19 -12.08 -14.30
N LEU A 93 -3.58 -11.57 -15.33
CA LEU A 93 -2.72 -12.45 -16.18
C LEU A 93 -1.40 -11.73 -16.51
N LEU A 94 -0.64 -12.28 -17.42
CA LEU A 94 0.66 -11.64 -17.78
C LEU A 94 0.82 -11.59 -19.30
N LYS A 95 1.36 -10.52 -19.82
CA LYS A 95 1.55 -10.41 -21.29
C LYS A 95 2.07 -11.73 -21.86
N GLN A 96 1.20 -12.53 -22.41
CA GLN A 96 1.65 -13.84 -22.98
C GLN A 96 1.44 -13.86 -24.49
N HIS A 97 0.22 -13.75 -24.93
CA HIS A 97 -0.05 -13.77 -26.40
C HIS A 97 -1.08 -12.69 -26.76
N LEU A 98 -1.56 -12.70 -27.98
CA LEU A 98 -2.56 -11.68 -28.39
C LEU A 98 -3.74 -11.66 -27.41
N SER A 99 -4.68 -10.78 -27.61
CA SER A 99 -5.86 -10.71 -26.70
C SER A 99 -6.68 -12.00 -26.80
N VAL A 100 -7.68 -12.14 -25.97
CA VAL A 100 -8.51 -13.37 -26.01
C VAL A 100 -9.81 -13.15 -25.24
N MET A 101 -10.87 -13.80 -25.63
CA MET A 101 -12.17 -13.62 -24.92
C MET A 101 -12.32 -14.68 -23.82
N GLY A 102 -11.42 -14.71 -22.87
CA GLY A 102 -11.52 -15.70 -21.78
C GLY A 102 -10.32 -16.65 -21.83
N GLN A 103 -9.24 -16.29 -21.19
CA GLN A 103 -8.03 -17.17 -21.20
C GLN A 103 -7.65 -17.57 -19.78
N LYS A 104 -6.77 -18.52 -19.62
CA LYS A 104 -6.36 -18.95 -18.26
C LYS A 104 -4.84 -18.78 -18.07
N THR A 105 -4.39 -18.75 -16.85
CA THR A 105 -2.92 -18.59 -16.61
C THR A 105 -2.39 -19.76 -15.78
N ASP A 106 -1.16 -20.13 -15.99
CA ASP A 106 -0.58 -21.27 -15.22
C ASP A 106 0.93 -21.34 -15.44
N ASP A 107 1.53 -22.44 -15.10
CA ASP A 107 3.01 -22.59 -15.29
C ASP A 107 3.32 -23.91 -16.00
N THR A 108 2.60 -24.95 -15.68
CA THR A 108 2.85 -26.26 -16.34
C THR A 108 1.53 -26.97 -16.61
N ASN A 109 0.44 -26.24 -16.63
CA ASN A 109 -0.87 -26.87 -16.90
C ASN A 109 -0.88 -27.52 -18.29
N LYS A 110 -1.97 -28.15 -18.66
CA LYS A 110 -2.02 -28.80 -19.99
C LYS A 110 -3.45 -28.75 -20.54
N GLY A 1 4.53 -10.89 0.93
CA GLY A 1 5.33 -10.54 2.14
C GLY A 1 4.47 -9.69 3.08
N SER A 2 5.04 -9.25 4.17
CA SER A 2 4.25 -8.42 5.13
C SER A 2 5.18 -7.38 5.80
N MET A 3 4.92 -6.12 5.59
CA MET A 3 5.78 -5.07 6.21
C MET A 3 7.24 -5.33 5.86
N PRO A 4 7.72 -4.62 4.89
CA PRO A 4 9.13 -4.77 4.44
C PRO A 4 10.09 -4.23 5.50
N LYS A 5 11.24 -4.84 5.64
CA LYS A 5 12.23 -4.36 6.65
C LYS A 5 11.63 -4.45 8.06
N PRO A 6 12.47 -4.33 9.03
CA PRO A 6 12.03 -4.40 10.45
C PRO A 6 11.26 -3.13 10.83
N GLY A 7 10.55 -3.15 11.93
CA GLY A 7 9.79 -1.94 12.33
C GLY A 7 9.21 -2.15 13.73
N ILE A 8 8.36 -1.26 14.17
CA ILE A 8 7.76 -1.40 15.53
C ILE A 8 6.24 -1.54 15.42
N LEU A 9 5.63 -2.29 16.29
CA LEU A 9 4.15 -2.46 16.24
C LEU A 9 3.48 -1.08 16.33
N LYS A 10 2.20 -1.05 16.61
CA LYS A 10 1.50 0.26 16.72
C LYS A 10 2.33 1.24 17.55
N SER A 11 2.30 2.51 17.20
CA SER A 11 3.10 3.50 17.98
C SER A 11 2.27 4.76 18.23
N LYS A 12 1.53 5.20 17.25
CA LYS A 12 0.70 6.42 17.45
C LYS A 12 -0.31 6.57 16.31
N SER A 13 -1.31 7.40 16.49
CA SER A 13 -2.31 7.59 15.42
C SER A 13 -2.10 8.93 14.73
N MET A 14 -2.75 9.15 13.62
CA MET A 14 -2.57 10.45 12.90
C MET A 14 -3.50 10.52 11.68
N PHE A 15 -3.35 11.55 10.88
CA PHE A 15 -4.21 11.70 9.68
C PHE A 15 -3.38 11.44 8.42
N CYS A 16 -3.95 10.83 7.42
CA CYS A 16 -3.19 10.57 6.17
C CYS A 16 -4.02 10.93 4.94
N VAL A 17 -3.39 11.14 3.82
CA VAL A 17 -4.14 11.50 2.59
C VAL A 17 -3.96 10.41 1.53
N ILE A 18 -5.04 9.90 1.00
CA ILE A 18 -4.93 8.82 -0.03
C ILE A 18 -4.99 9.42 -1.44
N TYR A 19 -3.88 9.44 -2.13
CA TYR A 19 -3.86 10.00 -3.51
C TYR A 19 -4.09 8.88 -4.53
N ARG A 20 -4.60 9.21 -5.68
CA ARG A 20 -4.83 8.15 -6.71
C ARG A 20 -4.15 8.53 -8.03
N SER A 21 -3.52 7.59 -8.66
CA SER A 21 -2.84 7.88 -9.95
C SER A 21 -3.87 8.08 -11.07
N SER A 22 -3.72 9.12 -11.84
CA SER A 22 -4.70 9.38 -12.95
C SER A 22 -4.80 8.16 -13.87
N LYS A 23 -3.69 7.53 -14.16
CA LYS A 23 -3.74 6.34 -15.06
C LYS A 23 -2.84 5.23 -14.49
N ARG A 24 -3.40 4.32 -13.75
CA ARG A 24 -2.58 3.21 -13.18
C ARG A 24 -3.48 2.05 -12.76
N ASP A 25 -2.92 0.98 -12.29
CA ASP A 25 -3.75 -0.18 -11.87
C ASP A 25 -4.27 0.04 -10.44
N GLN A 26 -5.09 1.04 -10.26
CA GLN A 26 -5.65 1.30 -8.90
C GLN A 26 -4.51 1.60 -7.92
N THR A 27 -3.55 2.40 -8.33
CA THR A 27 -2.42 2.73 -7.42
C THR A 27 -2.78 3.94 -6.56
N TYR A 28 -2.45 3.90 -5.29
CA TYR A 28 -2.79 5.06 -4.41
C TYR A 28 -1.62 5.39 -3.47
N LEU A 29 -1.34 6.65 -3.30
CA LEU A 29 -0.23 7.04 -2.39
C LEU A 29 -0.77 7.50 -1.04
N TYR A 30 -0.01 7.35 0.00
CA TYR A 30 -0.49 7.77 1.35
C TYR A 30 0.55 8.65 2.04
N VAL A 31 0.10 9.70 2.68
CA VAL A 31 1.07 10.60 3.38
C VAL A 31 0.43 11.15 4.65
N GLU A 32 1.23 11.47 5.64
CA GLU A 32 0.66 12.02 6.90
C GLU A 32 -0.10 13.31 6.61
N LYS A 33 0.12 13.90 5.47
CA LYS A 33 -0.60 15.17 5.13
C LYS A 33 -0.52 15.40 3.61
N LYS A 34 -1.24 16.38 3.13
CA LYS A 34 -1.22 16.65 1.65
C LYS A 34 -0.11 17.67 1.33
N ASP A 35 1.12 17.34 1.61
CA ASP A 35 2.22 18.30 1.32
C ASP A 35 2.99 17.90 0.06
N ASP A 36 3.76 16.85 0.12
CA ASP A 36 4.55 16.43 -1.07
C ASP A 36 5.12 15.02 -0.89
N PHE A 37 5.70 14.49 -1.93
CA PHE A 37 6.29 13.12 -1.85
C PHE A 37 7.77 13.19 -2.20
N SER A 38 8.64 13.15 -1.23
CA SER A 38 10.11 13.23 -1.52
C SER A 38 10.79 11.89 -1.24
N ARG A 39 10.09 10.95 -0.67
CA ARG A 39 10.72 9.63 -0.38
C ARG A 39 10.46 8.66 -1.53
N VAL A 40 9.40 8.86 -2.25
CA VAL A 40 9.10 7.95 -3.38
C VAL A 40 10.18 8.09 -4.46
N PRO A 41 10.57 6.96 -4.99
CA PRO A 41 11.62 6.94 -6.04
C PRO A 41 11.07 7.53 -7.35
N GLU A 42 11.80 8.41 -7.96
CA GLU A 42 11.33 9.03 -9.22
C GLU A 42 11.01 7.95 -10.26
N GLU A 43 11.48 6.75 -10.04
CA GLU A 43 11.20 5.65 -11.02
C GLU A 43 9.75 5.22 -10.89
N LEU A 44 9.26 5.12 -9.69
CA LEU A 44 7.84 4.70 -9.48
C LEU A 44 6.91 5.91 -9.60
N MET A 45 7.24 6.98 -8.92
CA MET A 45 6.37 8.20 -9.01
C MET A 45 6.21 8.62 -10.47
N LYS A 46 7.16 8.27 -11.30
CA LYS A 46 7.05 8.64 -12.74
C LYS A 46 5.66 8.27 -13.28
N GLY A 47 5.17 7.12 -12.90
CA GLY A 47 3.82 6.71 -13.37
C GLY A 47 2.77 7.59 -12.72
N PHE A 48 2.90 7.84 -11.45
CA PHE A 48 1.91 8.70 -10.74
C PHE A 48 1.95 10.11 -11.34
N GLY A 49 3.11 10.68 -11.49
CA GLY A 49 3.21 12.05 -12.06
C GLY A 49 2.40 13.02 -11.20
N GLN A 50 1.17 13.25 -11.55
CA GLN A 50 0.34 14.18 -10.75
C GLN A 50 -0.75 13.40 -10.02
N PRO A 51 -0.55 13.25 -8.73
CA PRO A 51 -1.53 12.51 -7.90
C PRO A 51 -2.81 13.31 -7.72
N GLN A 52 -3.89 12.67 -7.34
CA GLN A 52 -5.17 13.41 -7.15
C GLN A 52 -5.78 13.07 -5.79
N LEU A 53 -6.50 13.99 -5.21
CA LEU A 53 -7.13 13.72 -3.89
C LEU A 53 -8.48 13.01 -4.08
N ALA A 54 -8.49 11.70 -4.02
CA ALA A 54 -9.76 10.96 -4.20
C ALA A 54 -10.35 10.57 -2.84
N MET A 55 -9.52 10.44 -1.85
CA MET A 55 -10.03 10.07 -0.49
C MET A 55 -9.09 10.57 0.60
N ILE A 56 -9.63 11.13 1.64
CA ILE A 56 -8.78 11.66 2.74
C ILE A 56 -9.00 10.85 4.03
N LEU A 57 -7.94 10.45 4.69
CA LEU A 57 -8.10 9.66 5.94
C LEU A 57 -7.95 10.55 7.17
N PRO A 58 -8.97 10.58 7.98
CA PRO A 58 -8.94 11.40 9.22
C PRO A 58 -7.98 10.80 10.25
N LEU A 59 -7.91 11.39 11.41
CA LEU A 59 -7.01 10.87 12.48
C LEU A 59 -7.82 10.45 13.70
N ASP A 60 -8.56 9.38 13.58
CA ASP A 60 -9.39 8.95 14.73
C ASP A 60 -8.83 7.67 15.38
N GLY A 61 -7.70 7.20 14.93
CA GLY A 61 -7.10 5.98 15.53
C GLY A 61 -7.65 4.72 14.84
N ARG A 62 -8.92 4.50 14.94
CA ARG A 62 -9.50 3.28 14.29
C ARG A 62 -9.92 3.60 12.86
N LYS A 63 -8.99 3.56 11.94
CA LYS A 63 -9.32 3.85 10.52
C LYS A 63 -9.39 2.57 9.71
N LYS A 64 -10.23 2.52 8.71
CA LYS A 64 -10.34 1.30 7.87
C LYS A 64 -10.21 1.68 6.39
N LEU A 65 -9.60 0.84 5.61
CA LEU A 65 -9.45 1.16 4.15
C LEU A 65 -9.98 0.01 3.30
N VAL A 66 -10.03 0.20 2.01
CA VAL A 66 -10.56 -0.87 1.11
C VAL A 66 -9.42 -1.44 0.25
N ASN A 67 -8.52 -0.60 -0.19
CA ASN A 67 -7.41 -1.10 -1.06
C ASN A 67 -6.14 -1.30 -0.22
N ALA A 68 -5.75 -0.34 0.56
CA ALA A 68 -4.51 -0.50 1.37
C ALA A 68 -4.84 -0.60 2.86
N ASP A 69 -3.99 -1.23 3.62
CA ASP A 69 -4.25 -1.35 5.08
C ASP A 69 -3.66 -0.14 5.81
N ILE A 70 -4.49 0.70 6.33
CA ILE A 70 -3.98 1.91 7.04
C ILE A 70 -2.83 1.52 7.99
N GLU A 71 -2.94 0.38 8.61
CA GLU A 71 -1.85 -0.05 9.54
C GLU A 71 -0.55 -0.29 8.77
N LYS A 72 -0.63 -0.91 7.62
CA LYS A 72 0.60 -1.16 6.82
C LYS A 72 1.24 0.17 6.42
N VAL A 73 0.48 1.24 6.46
CA VAL A 73 1.03 2.57 6.08
C VAL A 73 1.59 3.28 7.32
N LYS A 74 1.15 2.90 8.49
CA LYS A 74 1.65 3.55 9.74
C LYS A 74 3.19 3.53 9.76
N GLN A 75 3.78 2.37 9.70
CA GLN A 75 5.27 2.29 9.73
C GLN A 75 5.86 2.96 8.47
N ALA A 76 5.04 3.26 7.51
CA ALA A 76 5.55 3.91 6.28
C ALA A 76 5.61 5.42 6.45
N LEU A 77 4.59 6.00 7.03
CA LEU A 77 4.59 7.47 7.22
C LEU A 77 5.42 7.86 8.44
N THR A 78 5.56 6.95 9.37
CA THR A 78 6.37 7.26 10.59
C THR A 78 7.86 7.04 10.31
N GLU A 79 8.16 6.11 9.43
CA GLU A 79 9.60 5.85 9.10
C GLU A 79 9.99 6.64 7.86
N GLN A 80 9.21 6.57 6.82
CA GLN A 80 9.54 7.33 5.58
C GLN A 80 8.65 8.57 5.48
N GLY A 81 7.36 8.38 5.48
CA GLY A 81 6.43 9.55 5.40
C GLY A 81 5.49 9.37 4.20
N TYR A 82 5.61 8.28 3.49
CA TYR A 82 4.73 8.07 2.31
C TYR A 82 4.55 6.57 2.04
N TYR A 83 3.42 6.17 1.53
CA TYR A 83 3.20 4.73 1.25
C TYR A 83 2.34 4.56 -0.01
N LEU A 84 2.84 3.85 -0.98
CA LEU A 84 2.06 3.65 -2.23
C LEU A 84 1.50 2.23 -2.27
N GLN A 85 0.20 2.09 -2.37
CA GLN A 85 -0.41 0.74 -2.40
C GLN A 85 -0.61 0.29 -3.85
N LEU A 86 -0.18 -0.91 -4.15
CA LEU A 86 -0.34 -1.43 -5.55
C LEU A 86 -0.93 -2.84 -5.50
N PRO A 87 -2.09 -2.98 -6.06
CA PRO A 87 -2.79 -4.29 -6.08
C PRO A 87 -2.07 -5.27 -7.02
N PRO A 88 -1.85 -6.46 -6.52
CA PRO A 88 -1.15 -7.51 -7.31
C PRO A 88 -2.08 -8.05 -8.41
N PRO A 89 -1.55 -8.93 -9.21
CA PRO A 89 -2.35 -9.54 -10.31
C PRO A 89 -3.42 -10.47 -9.73
N PRO A 90 -4.42 -10.75 -10.52
CA PRO A 90 -5.52 -11.63 -10.09
C PRO A 90 -5.06 -13.09 -10.03
N GLU A 91 -4.14 -13.47 -10.86
CA GLU A 91 -3.66 -14.88 -10.84
C GLU A 91 -2.85 -15.16 -9.58
N ASP A 92 -1.64 -14.69 -9.53
CA ASP A 92 -0.79 -14.93 -8.31
C ASP A 92 -0.50 -16.42 -8.16
N LEU A 93 -0.80 -17.20 -9.16
CA LEU A 93 -0.55 -18.66 -9.08
C LEU A 93 0.97 -18.93 -9.03
N LEU A 94 1.35 -20.17 -8.89
CA LEU A 94 2.81 -20.49 -8.83
C LEU A 94 3.03 -21.96 -9.21
N LYS A 95 4.12 -22.26 -9.84
CA LYS A 95 4.39 -23.68 -10.24
C LYS A 95 4.99 -24.45 -9.07
N GLN A 96 4.23 -25.34 -8.48
CA GLN A 96 4.76 -26.13 -7.33
C GLN A 96 5.17 -27.54 -7.80
N HIS A 97 6.07 -28.16 -7.09
CA HIS A 97 6.51 -29.53 -7.49
C HIS A 97 5.57 -30.58 -6.89
N LEU A 98 5.62 -30.76 -5.60
CA LEU A 98 4.73 -31.76 -4.95
C LEU A 98 5.10 -31.92 -3.47
N SER A 99 4.29 -31.42 -2.58
CA SER A 99 4.61 -31.53 -1.14
C SER A 99 5.98 -30.93 -0.86
N VAL A 100 6.39 -30.88 0.38
CA VAL A 100 7.73 -30.30 0.70
C VAL A 100 8.33 -31.01 1.91
N MET A 101 8.86 -32.19 1.72
CA MET A 101 9.47 -32.93 2.86
C MET A 101 10.85 -33.46 2.47
N GLY A 102 11.73 -32.60 2.03
CA GLY A 102 13.10 -33.07 1.64
C GLY A 102 14.08 -32.78 2.78
N GLN A 103 14.46 -33.80 3.51
CA GLN A 103 15.41 -33.58 4.63
C GLN A 103 16.53 -34.62 4.59
N LYS A 104 17.55 -34.43 5.39
CA LYS A 104 18.67 -35.41 5.41
C LYS A 104 18.79 -36.05 6.78
N THR A 105 19.52 -37.13 6.89
CA THR A 105 19.66 -37.80 8.22
C THR A 105 21.15 -38.00 8.54
N ASP A 106 21.51 -37.94 9.80
CA ASP A 106 22.93 -38.12 10.18
C ASP A 106 23.08 -39.37 11.07
N ASP A 107 23.84 -39.26 12.14
CA ASP A 107 24.01 -40.44 13.04
C ASP A 107 24.84 -41.52 12.34
N THR A 108 26.13 -41.31 12.23
CA THR A 108 26.99 -42.33 11.56
C THR A 108 28.45 -42.16 12.00
N ASN A 109 29.11 -43.22 12.36
CA ASN A 109 30.52 -43.11 12.80
C ASN A 109 31.29 -44.41 12.49
N LYS A 110 32.34 -44.67 13.21
CA LYS A 110 33.11 -45.92 12.95
C LYS A 110 33.60 -46.53 14.27
N GLY A 1 6.67 -12.81 0.29
CA GLY A 1 7.58 -11.64 0.38
C GLY A 1 6.81 -10.38 0.00
N SER A 2 6.14 -10.39 -1.13
CA SER A 2 5.37 -9.18 -1.55
C SER A 2 3.91 -9.29 -1.11
N MET A 3 3.55 -10.41 -0.54
CA MET A 3 2.13 -10.58 -0.08
C MET A 3 2.07 -11.53 1.11
N PRO A 4 2.86 -11.23 2.10
CA PRO A 4 2.90 -12.06 3.33
C PRO A 4 1.66 -11.82 4.18
N LYS A 5 1.55 -12.49 5.29
CA LYS A 5 0.35 -12.30 6.17
C LYS A 5 0.25 -10.83 6.60
N PRO A 6 -0.95 -10.43 6.94
CA PRO A 6 -1.19 -9.04 7.38
C PRO A 6 -0.62 -8.81 8.78
N GLY A 7 -0.88 -9.72 9.69
CA GLY A 7 -0.36 -9.56 11.08
C GLY A 7 -1.24 -8.58 11.85
N ILE A 8 -2.24 -9.08 12.52
CA ILE A 8 -3.15 -8.17 13.29
C ILE A 8 -2.34 -7.31 14.26
N LEU A 9 -2.53 -6.02 14.23
CA LEU A 9 -1.78 -5.13 15.16
C LEU A 9 -2.73 -4.15 15.83
N LYS A 10 -3.26 -3.20 15.10
CA LYS A 10 -4.20 -2.21 15.70
C LYS A 10 -3.50 -1.45 16.84
N SER A 11 -2.47 -0.72 16.53
CA SER A 11 -1.74 0.04 17.59
C SER A 11 -1.37 1.43 17.07
N LYS A 12 -2.02 1.88 16.03
CA LYS A 12 -1.69 3.23 15.48
C LYS A 12 -2.79 3.69 14.52
N SER A 13 -3.19 4.93 14.62
CA SER A 13 -4.26 5.43 13.70
C SER A 13 -3.76 6.69 12.97
N MET A 14 -3.88 7.83 13.59
CA MET A 14 -3.41 9.08 12.94
C MET A 14 -4.25 9.40 11.69
N PHE A 15 -3.95 10.48 11.03
CA PHE A 15 -4.71 10.85 9.80
C PHE A 15 -3.80 10.75 8.57
N CYS A 16 -4.32 10.31 7.46
CA CYS A 16 -3.46 10.21 6.25
C CYS A 16 -4.31 10.51 4.99
N VAL A 17 -3.68 10.93 3.93
CA VAL A 17 -4.46 11.25 2.70
C VAL A 17 -4.19 10.22 1.60
N ILE A 18 -5.23 9.70 1.00
CA ILE A 18 -5.05 8.69 -0.07
C ILE A 18 -5.16 9.36 -1.44
N TYR A 19 -4.07 9.49 -2.14
CA TYR A 19 -4.12 10.14 -3.48
C TYR A 19 -4.36 9.09 -4.56
N ARG A 20 -4.78 9.51 -5.72
CA ARG A 20 -5.02 8.53 -6.81
C ARG A 20 -4.21 8.91 -8.06
N SER A 21 -3.71 7.94 -8.76
CA SER A 21 -2.90 8.25 -9.98
C SER A 21 -3.81 8.73 -11.11
N SER A 22 -3.42 9.78 -11.79
CA SER A 22 -4.27 10.30 -12.90
C SER A 22 -4.69 9.17 -13.82
N LYS A 23 -3.79 8.28 -14.14
CA LYS A 23 -4.14 7.14 -15.04
C LYS A 23 -3.19 5.96 -14.81
N ARG A 24 -3.57 5.05 -13.97
CA ARG A 24 -2.69 3.87 -13.70
C ARG A 24 -3.54 2.66 -13.31
N ASP A 25 -2.93 1.60 -12.86
CA ASP A 25 -3.71 0.40 -12.46
C ASP A 25 -4.33 0.62 -11.07
N GLN A 26 -5.07 1.68 -10.90
CA GLN A 26 -5.69 1.97 -9.58
C GLN A 26 -4.63 2.07 -8.48
N THR A 27 -3.66 2.95 -8.66
CA THR A 27 -2.60 3.11 -7.62
C THR A 27 -2.95 4.29 -6.71
N TYR A 28 -2.65 4.18 -5.43
CA TYR A 28 -2.98 5.30 -4.52
C TYR A 28 -1.80 5.61 -3.59
N LEU A 29 -1.61 6.87 -3.27
CA LEU A 29 -0.49 7.25 -2.36
C LEU A 29 -1.03 7.61 -0.97
N TYR A 30 -0.22 7.49 0.04
CA TYR A 30 -0.69 7.84 1.41
C TYR A 30 0.28 8.81 2.09
N VAL A 31 -0.23 9.78 2.80
CA VAL A 31 0.68 10.76 3.48
C VAL A 31 0.01 11.29 4.75
N GLU A 32 0.79 11.67 5.72
CA GLU A 32 0.19 12.21 6.98
C GLU A 32 -0.56 13.50 6.68
N LYS A 33 -0.36 14.06 5.51
CA LYS A 33 -1.06 15.32 5.15
C LYS A 33 -1.02 15.51 3.63
N LYS A 34 -1.80 16.42 3.12
CA LYS A 34 -1.81 16.64 1.65
C LYS A 34 -0.79 17.71 1.26
N ASP A 35 0.47 17.47 1.51
CA ASP A 35 1.50 18.48 1.16
C ASP A 35 2.19 18.12 -0.16
N ASP A 36 3.02 17.12 -0.14
CA ASP A 36 3.74 16.72 -1.39
C ASP A 36 4.40 15.36 -1.22
N PHE A 37 4.93 14.82 -2.27
CA PHE A 37 5.62 13.50 -2.18
C PHE A 37 7.06 13.63 -2.67
N SER A 38 8.00 13.74 -1.77
CA SER A 38 9.43 13.86 -2.18
C SER A 38 10.21 12.61 -1.76
N ARG A 39 9.59 11.73 -1.02
CA ARG A 39 10.29 10.50 -0.57
C ARG A 39 10.05 9.36 -1.55
N VAL A 40 9.01 9.45 -2.34
CA VAL A 40 8.73 8.37 -3.31
C VAL A 40 9.85 8.30 -4.35
N PRO A 41 10.19 7.09 -4.72
CA PRO A 41 11.26 6.87 -5.71
C PRO A 41 10.81 7.30 -7.10
N GLU A 42 11.68 7.90 -7.87
CA GLU A 42 11.29 8.35 -9.24
C GLU A 42 10.94 7.13 -10.10
N GLU A 43 11.29 5.96 -9.66
CA GLU A 43 10.97 4.74 -10.45
C GLU A 43 9.46 4.45 -10.37
N LEU A 44 8.90 4.62 -9.20
CA LEU A 44 7.44 4.37 -9.05
C LEU A 44 6.66 5.67 -9.27
N MET A 45 7.16 6.75 -8.74
CA MET A 45 6.45 8.05 -8.92
C MET A 45 6.38 8.40 -10.42
N LYS A 46 7.27 7.88 -11.21
CA LYS A 46 7.25 8.18 -12.66
C LYS A 46 5.86 7.87 -13.24
N GLY A 47 5.27 6.78 -12.83
CA GLY A 47 3.92 6.44 -13.33
C GLY A 47 2.88 7.31 -12.62
N PHE A 48 3.01 7.45 -11.34
CA PHE A 48 2.04 8.30 -10.58
C PHE A 48 2.16 9.75 -11.04
N GLY A 49 3.37 10.23 -11.21
CA GLY A 49 3.55 11.63 -11.65
C GLY A 49 2.93 12.58 -10.62
N GLN A 50 1.77 13.11 -10.91
CA GLN A 50 1.11 14.03 -9.94
C GLN A 50 -0.10 13.35 -9.32
N PRO A 51 -0.04 13.17 -8.02
CA PRO A 51 -1.15 12.50 -7.29
C PRO A 51 -2.37 13.42 -7.20
N GLN A 52 -3.52 12.87 -6.94
CA GLN A 52 -4.76 13.70 -6.84
C GLN A 52 -5.51 13.35 -5.56
N LEU A 53 -6.32 14.25 -5.07
CA LEU A 53 -7.07 13.96 -3.81
C LEU A 53 -8.37 13.19 -4.13
N ALA A 54 -8.39 11.92 -3.83
CA ALA A 54 -9.62 11.12 -4.11
C ALA A 54 -10.36 10.83 -2.79
N MET A 55 -9.64 10.47 -1.77
CA MET A 55 -10.30 10.18 -0.46
C MET A 55 -9.35 10.51 0.69
N ILE A 56 -9.80 11.24 1.67
CA ILE A 56 -8.92 11.60 2.81
C ILE A 56 -9.25 10.73 4.03
N LEU A 57 -8.26 10.05 4.57
CA LEU A 57 -8.51 9.19 5.76
C LEU A 57 -8.37 10.03 7.04
N PRO A 58 -9.45 10.08 7.79
CA PRO A 58 -9.46 10.85 9.06
C PRO A 58 -8.60 10.18 10.13
N LEU A 59 -8.49 10.79 11.27
CA LEU A 59 -7.69 10.21 12.38
C LEU A 59 -8.57 9.89 13.57
N ASP A 60 -9.47 8.97 13.44
CA ASP A 60 -10.38 8.64 14.58
C ASP A 60 -10.10 7.22 15.11
N GLY A 61 -9.39 6.42 14.36
CA GLY A 61 -9.08 5.04 14.85
C GLY A 61 -9.92 4.03 14.07
N ARG A 62 -11.13 4.37 13.72
CA ARG A 62 -12.00 3.42 12.97
C ARG A 62 -11.81 3.64 11.47
N LYS A 63 -10.72 3.18 10.93
CA LYS A 63 -10.47 3.35 9.46
C LYS A 63 -10.26 2.00 8.79
N LYS A 64 -11.19 1.59 7.95
CA LYS A 64 -11.04 0.27 7.27
C LYS A 64 -10.85 0.50 5.77
N LEU A 65 -9.85 -0.11 5.19
CA LEU A 65 -9.62 0.08 3.72
C LEU A 65 -9.85 -1.24 2.97
N VAL A 66 -10.03 -1.16 1.68
CA VAL A 66 -10.26 -2.39 0.87
C VAL A 66 -9.08 -2.58 -0.09
N ASN A 67 -8.29 -1.56 -0.30
CA ASN A 67 -7.14 -1.69 -1.22
C ASN A 67 -5.83 -1.79 -0.43
N ALA A 68 -5.50 -0.78 0.32
CA ALA A 68 -4.24 -0.82 1.12
C ALA A 68 -4.56 -0.96 2.61
N ASP A 69 -3.66 -1.50 3.38
CA ASP A 69 -3.92 -1.65 4.83
C ASP A 69 -3.37 -0.45 5.58
N ILE A 70 -4.23 0.39 6.09
CA ILE A 70 -3.77 1.59 6.83
C ILE A 70 -2.62 1.22 7.77
N GLU A 71 -2.58 0.01 8.23
CA GLU A 71 -1.48 -0.41 9.14
C GLU A 71 -0.15 -0.46 8.39
N LYS A 72 -0.11 -1.13 7.28
CA LYS A 72 1.16 -1.22 6.50
C LYS A 72 1.62 0.18 6.08
N VAL A 73 0.76 1.16 6.19
CA VAL A 73 1.17 2.54 5.79
C VAL A 73 1.78 3.29 6.98
N LYS A 74 1.45 2.89 8.18
CA LYS A 74 2.01 3.59 9.37
C LYS A 74 3.54 3.51 9.37
N GLN A 75 4.07 2.32 9.22
CA GLN A 75 5.56 2.18 9.21
C GLN A 75 6.17 3.00 8.07
N ALA A 76 5.35 3.44 7.15
CA ALA A 76 5.88 4.24 6.00
C ALA A 76 5.78 5.73 6.32
N LEU A 77 4.65 6.17 6.81
CA LEU A 77 4.50 7.62 7.13
C LEU A 77 5.25 7.96 8.43
N THR A 78 5.48 6.98 9.25
CA THR A 78 6.21 7.24 10.54
C THR A 78 7.72 7.26 10.30
N GLU A 79 8.19 6.50 9.35
CA GLU A 79 9.65 6.48 9.07
C GLU A 79 9.98 7.43 7.91
N GLN A 80 9.17 7.43 6.89
CA GLN A 80 9.42 8.35 5.74
C GLN A 80 8.38 9.46 5.71
N GLY A 81 7.14 9.10 5.55
CA GLY A 81 6.05 10.11 5.52
C GLY A 81 5.16 9.86 4.30
N TYR A 82 5.45 8.86 3.53
CA TYR A 82 4.60 8.57 2.34
C TYR A 82 4.55 7.06 2.07
N TYR A 83 3.45 6.60 1.54
CA TYR A 83 3.33 5.14 1.24
C TYR A 83 2.49 4.93 -0.03
N LEU A 84 2.99 4.19 -0.97
CA LEU A 84 2.22 3.96 -2.23
C LEU A 84 1.64 2.55 -2.25
N GLN A 85 0.34 2.44 -2.34
CA GLN A 85 -0.29 1.10 -2.37
C GLN A 85 -0.63 0.70 -3.80
N LEU A 86 -0.43 -0.54 -4.15
CA LEU A 86 -0.73 -0.99 -5.54
C LEU A 86 -1.56 -2.28 -5.51
N PRO A 87 -2.72 -2.22 -6.12
CA PRO A 87 -3.62 -3.40 -6.16
C PRO A 87 -3.06 -4.47 -7.10
N PRO A 88 -3.33 -5.69 -6.76
CA PRO A 88 -2.85 -6.84 -7.59
C PRO A 88 -3.64 -6.94 -8.89
N PRO A 89 -2.96 -7.40 -9.91
CA PRO A 89 -3.60 -7.55 -11.24
C PRO A 89 -4.50 -8.78 -11.27
N PRO A 90 -5.62 -8.65 -11.92
CA PRO A 90 -6.59 -9.77 -12.02
C PRO A 90 -6.10 -10.81 -13.03
N GLU A 91 -6.48 -10.69 -14.27
CA GLU A 91 -6.03 -11.69 -15.29
C GLU A 91 -6.55 -11.30 -16.68
N ASP A 92 -5.90 -11.77 -17.71
CA ASP A 92 -6.36 -11.45 -19.10
C ASP A 92 -6.59 -12.75 -19.88
N LEU A 93 -6.77 -13.83 -19.17
CA LEU A 93 -6.99 -15.15 -19.85
C LEU A 93 -7.98 -14.99 -21.01
N LEU A 94 -8.13 -16.02 -21.80
CA LEU A 94 -9.07 -15.96 -22.95
C LEU A 94 -10.51 -15.96 -22.44
N LYS A 95 -11.47 -15.92 -23.33
CA LYS A 95 -12.89 -15.92 -22.89
C LYS A 95 -13.44 -17.35 -22.91
N GLN A 96 -12.56 -18.32 -22.97
CA GLN A 96 -12.99 -19.75 -22.98
C GLN A 96 -14.32 -19.91 -23.73
N HIS A 97 -15.41 -19.98 -23.01
CA HIS A 97 -16.73 -20.13 -23.70
C HIS A 97 -17.85 -19.50 -22.87
N LEU A 98 -17.85 -19.72 -21.59
CA LEU A 98 -18.93 -19.13 -20.73
C LEU A 98 -18.57 -19.27 -19.25
N SER A 99 -17.30 -19.32 -18.93
CA SER A 99 -16.90 -19.45 -17.50
C SER A 99 -17.62 -20.63 -16.86
N VAL A 100 -17.85 -20.58 -15.57
CA VAL A 100 -18.55 -21.71 -14.88
C VAL A 100 -19.70 -21.17 -14.03
N MET A 101 -20.91 -21.56 -14.34
CA MET A 101 -22.07 -21.07 -13.52
C MET A 101 -23.22 -22.08 -13.58
N GLY A 102 -23.49 -22.73 -12.47
CA GLY A 102 -24.60 -23.72 -12.45
C GLY A 102 -25.18 -23.79 -11.02
N GLN A 103 -26.38 -24.29 -10.89
CA GLN A 103 -26.98 -24.38 -9.52
C GLN A 103 -27.16 -25.83 -9.11
N LYS A 104 -27.53 -26.06 -7.88
CA LYS A 104 -27.72 -27.46 -7.40
C LYS A 104 -29.18 -27.68 -7.01
N THR A 105 -29.65 -28.89 -7.08
CA THR A 105 -31.07 -29.17 -6.71
C THR A 105 -31.13 -30.26 -5.63
N ASP A 106 -32.15 -30.27 -4.83
CA ASP A 106 -32.26 -31.30 -3.76
C ASP A 106 -33.62 -31.18 -3.05
N ASP A 107 -33.92 -30.02 -2.53
CA ASP A 107 -35.21 -29.85 -1.82
C ASP A 107 -35.40 -30.94 -0.77
N THR A 108 -36.60 -31.11 -0.27
CA THR A 108 -36.86 -32.15 0.76
C THR A 108 -35.70 -32.23 1.75
N ASN A 109 -35.02 -31.14 1.96
CA ASN A 109 -33.87 -31.13 2.91
C ASN A 109 -34.37 -31.29 4.34
N LYS A 110 -35.07 -30.31 4.84
CA LYS A 110 -35.60 -30.41 6.24
C LYS A 110 -37.11 -30.16 6.26
N GLY A 1 18.26 -11.54 1.81
CA GLY A 1 19.00 -10.60 2.71
C GLY A 1 18.02 -9.64 3.37
N SER A 2 17.76 -8.52 2.77
CA SER A 2 16.80 -7.55 3.37
C SER A 2 15.46 -8.24 3.64
N MET A 3 14.84 -7.93 4.75
CA MET A 3 13.53 -8.57 5.06
C MET A 3 12.40 -7.53 5.01
N PRO A 4 11.45 -7.79 4.15
CA PRO A 4 10.29 -6.88 4.01
C PRO A 4 9.38 -6.94 5.23
N LYS A 5 9.67 -7.82 6.15
CA LYS A 5 8.82 -7.94 7.38
C LYS A 5 7.38 -8.31 6.99
N PRO A 6 6.83 -9.22 7.75
CA PRO A 6 5.43 -9.67 7.49
C PRO A 6 4.43 -8.59 7.93
N GLY A 7 4.65 -8.00 9.07
CA GLY A 7 3.72 -6.94 9.54
C GLY A 7 3.54 -7.07 11.06
N ILE A 8 3.96 -6.07 11.79
CA ILE A 8 3.83 -6.13 13.29
C ILE A 8 2.48 -5.57 13.71
N LEU A 9 1.98 -6.00 14.84
CA LEU A 9 0.66 -5.49 15.32
C LEU A 9 0.82 -4.08 15.89
N LYS A 10 1.64 -3.93 16.91
CA LYS A 10 1.86 -2.59 17.53
C LYS A 10 0.55 -1.79 17.55
N SER A 11 0.64 -0.50 17.42
CA SER A 11 -0.60 0.33 17.44
C SER A 11 -0.31 1.74 16.91
N LYS A 12 -0.53 1.96 15.64
CA LYS A 12 -0.27 3.31 15.06
C LYS A 12 -1.59 3.98 14.66
N SER A 13 -1.74 5.24 14.99
CA SER A 13 -3.00 5.94 14.62
C SER A 13 -2.72 7.39 14.26
N MET A 14 -3.48 7.96 13.36
CA MET A 14 -3.25 9.38 12.96
C MET A 14 -4.07 9.72 11.72
N PHE A 15 -3.74 10.78 11.05
CA PHE A 15 -4.50 11.17 9.84
C PHE A 15 -3.65 10.89 8.59
N CYS A 16 -4.27 10.43 7.53
CA CYS A 16 -3.49 10.13 6.29
C CYS A 16 -4.29 10.54 5.06
N VAL A 17 -3.62 10.88 3.99
CA VAL A 17 -4.34 11.30 2.76
C VAL A 17 -4.11 10.25 1.67
N ILE A 18 -5.17 9.74 1.09
CA ILE A 18 -5.00 8.72 0.01
C ILE A 18 -5.06 9.38 -1.36
N TYR A 19 -3.95 9.45 -2.05
CA TYR A 19 -3.94 10.08 -3.40
C TYR A 19 -4.25 9.04 -4.47
N ARG A 20 -4.72 9.49 -5.60
CA ARG A 20 -5.04 8.52 -6.69
C ARG A 20 -4.30 8.94 -7.97
N SER A 21 -3.78 8.00 -8.70
CA SER A 21 -3.04 8.35 -9.94
C SER A 21 -4.01 8.95 -10.98
N SER A 22 -3.66 10.07 -11.54
CA SER A 22 -4.53 10.72 -12.56
C SER A 22 -5.10 9.67 -13.51
N LYS A 23 -4.30 8.73 -13.94
CA LYS A 23 -4.82 7.69 -14.87
C LYS A 23 -4.08 6.36 -14.67
N ARG A 24 -4.63 5.49 -13.87
CA ARG A 24 -3.97 4.17 -13.62
C ARG A 24 -5.03 3.11 -13.33
N ASP A 25 -4.63 1.96 -12.86
CA ASP A 25 -5.63 0.90 -12.55
C ASP A 25 -6.03 0.99 -11.07
N GLN A 26 -5.08 0.91 -10.18
CA GLN A 26 -5.40 0.99 -8.73
C GLN A 26 -4.18 1.50 -7.95
N THR A 27 -3.57 2.57 -8.40
CA THR A 27 -2.38 3.11 -7.68
C THR A 27 -2.79 4.26 -6.75
N TYR A 28 -2.42 4.17 -5.50
CA TYR A 28 -2.79 5.27 -4.55
C TYR A 28 -1.61 5.60 -3.63
N LEU A 29 -1.45 6.85 -3.30
CA LEU A 29 -0.32 7.25 -2.41
C LEU A 29 -0.86 7.58 -1.00
N TYR A 30 -0.07 7.40 0.01
CA TYR A 30 -0.54 7.71 1.39
C TYR A 30 0.47 8.62 2.10
N VAL A 31 -0.01 9.63 2.78
CA VAL A 31 0.92 10.56 3.49
C VAL A 31 0.29 11.03 4.80
N GLU A 32 1.10 11.33 5.76
CA GLU A 32 0.57 11.81 7.08
C GLU A 32 -0.17 13.14 6.89
N LYS A 33 -0.01 13.75 5.75
CA LYS A 33 -0.70 15.04 5.49
C LYS A 33 -0.77 15.31 3.99
N LYS A 34 -1.57 16.25 3.58
CA LYS A 34 -1.68 16.57 2.14
C LYS A 34 -0.67 17.66 1.75
N ASP A 35 0.60 17.38 1.92
CA ASP A 35 1.61 18.43 1.58
C ASP A 35 2.33 18.09 0.27
N ASP A 36 3.17 17.08 0.27
CA ASP A 36 3.90 16.73 -0.98
C ASP A 36 4.55 15.36 -0.84
N PHE A 37 5.11 14.86 -1.92
CA PHE A 37 5.78 13.52 -1.86
C PHE A 37 7.25 13.66 -2.27
N SER A 38 8.15 13.68 -1.31
CA SER A 38 9.59 13.81 -1.65
C SER A 38 10.34 12.51 -1.34
N ARG A 39 9.68 11.54 -0.78
CA ARG A 39 10.35 10.26 -0.45
C ARG A 39 10.03 9.18 -1.47
N VAL A 40 9.00 9.38 -2.26
CA VAL A 40 8.64 8.35 -3.27
C VAL A 40 9.75 8.21 -4.30
N PRO A 41 10.05 6.99 -4.63
CA PRO A 41 11.12 6.70 -5.63
C PRO A 41 10.69 7.14 -7.02
N GLU A 42 11.58 7.75 -7.76
CA GLU A 42 11.22 8.22 -9.14
C GLU A 42 10.78 7.03 -10.00
N GLU A 43 11.05 5.83 -9.57
CA GLU A 43 10.64 4.65 -10.38
C GLU A 43 9.13 4.47 -10.28
N LEU A 44 8.58 4.61 -9.11
CA LEU A 44 7.11 4.47 -8.94
C LEU A 44 6.41 5.79 -9.25
N MET A 45 6.94 6.87 -8.76
CA MET A 45 6.31 8.20 -9.03
C MET A 45 6.19 8.43 -10.54
N LYS A 46 7.14 7.95 -11.30
CA LYS A 46 7.08 8.14 -12.77
C LYS A 46 5.68 7.78 -13.29
N GLY A 47 5.18 6.63 -12.89
CA GLY A 47 3.82 6.22 -13.35
C GLY A 47 2.77 7.12 -12.69
N PHE A 48 3.00 7.52 -11.47
CA PHE A 48 2.02 8.40 -10.78
C PHE A 48 2.05 9.81 -11.40
N GLY A 49 3.21 10.37 -11.54
CA GLY A 49 3.30 11.74 -12.12
C GLY A 49 2.62 12.75 -11.19
N GLN A 50 1.42 13.14 -11.51
CA GLN A 50 0.70 14.11 -10.63
C GLN A 50 -0.41 13.39 -9.88
N PRO A 51 -0.24 13.26 -8.59
CA PRO A 51 -1.25 12.57 -7.75
C PRO A 51 -2.50 13.44 -7.58
N GLN A 52 -3.58 12.86 -7.14
CA GLN A 52 -4.83 13.65 -6.94
C GLN A 52 -5.47 13.30 -5.59
N LEU A 53 -6.32 14.14 -5.08
CA LEU A 53 -6.96 13.85 -3.78
C LEU A 53 -8.29 13.12 -4.01
N ALA A 54 -8.29 11.82 -3.84
CA ALA A 54 -9.55 11.05 -4.05
C ALA A 54 -10.27 10.86 -2.71
N MET A 55 -9.58 10.39 -1.71
CA MET A 55 -10.25 10.18 -0.38
C MET A 55 -9.29 10.58 0.75
N ILE A 56 -9.79 11.28 1.73
CA ILE A 56 -8.92 11.70 2.86
C ILE A 56 -9.20 10.83 4.09
N LEU A 57 -8.20 10.21 4.64
CA LEU A 57 -8.41 9.35 5.83
C LEU A 57 -8.27 10.17 7.11
N PRO A 58 -9.33 10.21 7.87
CA PRO A 58 -9.35 10.99 9.14
C PRO A 58 -8.49 10.29 10.20
N LEU A 59 -8.34 10.90 11.34
CA LEU A 59 -7.53 10.27 12.41
C LEU A 59 -8.43 9.79 13.55
N ASP A 60 -9.35 8.93 13.25
CA ASP A 60 -10.26 8.43 14.31
C ASP A 60 -10.24 6.90 14.35
N GLY A 61 -9.23 6.30 13.79
CA GLY A 61 -9.15 4.81 13.78
C GLY A 61 -10.13 4.25 12.75
N ARG A 62 -9.84 4.38 11.50
CA ARG A 62 -10.76 3.86 10.44
C ARG A 62 -10.38 2.42 10.10
N LYS A 63 -11.20 1.75 9.32
CA LYS A 63 -10.88 0.34 8.95
C LYS A 63 -9.85 0.32 7.82
N LYS A 64 -9.39 -0.85 7.44
CA LYS A 64 -8.39 -0.93 6.35
C LYS A 64 -9.07 -0.78 4.99
N LEU A 65 -8.33 -0.42 3.98
CA LEU A 65 -8.94 -0.25 2.63
C LEU A 65 -8.88 -1.57 1.86
N VAL A 66 -9.71 -1.73 0.88
CA VAL A 66 -9.69 -2.98 0.09
C VAL A 66 -8.45 -3.03 -0.82
N ASN A 67 -7.75 -1.93 -0.92
CA ASN A 67 -6.53 -1.89 -1.77
C ASN A 67 -5.27 -1.98 -0.91
N ALA A 68 -5.01 -0.97 -0.12
CA ALA A 68 -3.81 -1.00 0.75
C ALA A 68 -4.22 -1.13 2.22
N ASP A 69 -3.35 -1.67 3.04
CA ASP A 69 -3.69 -1.81 4.48
C ASP A 69 -3.22 -0.57 5.23
N ILE A 70 -4.14 0.25 5.68
CA ILE A 70 -3.74 1.47 6.42
C ILE A 70 -2.65 1.14 7.46
N GLU A 71 -2.67 -0.06 7.97
CA GLU A 71 -1.65 -0.45 8.97
C GLU A 71 -0.28 -0.59 8.30
N LYS A 72 -0.23 -1.20 7.16
CA LYS A 72 1.08 -1.37 6.44
C LYS A 72 1.62 0.00 6.00
N VAL A 73 0.82 1.03 6.10
CA VAL A 73 1.28 2.38 5.69
C VAL A 73 1.84 3.16 6.90
N LYS A 74 1.38 2.83 8.07
CA LYS A 74 1.85 3.56 9.29
C LYS A 74 3.38 3.53 9.38
N GLN A 75 3.97 2.37 9.33
CA GLN A 75 5.46 2.30 9.44
C GLN A 75 6.13 3.08 8.31
N ALA A 76 5.38 3.51 7.32
CA ALA A 76 5.99 4.28 6.21
C ALA A 76 5.83 5.78 6.46
N LEU A 77 4.66 6.18 6.90
CA LEU A 77 4.44 7.63 7.17
C LEU A 77 5.10 8.02 8.49
N THR A 78 5.27 7.09 9.39
CA THR A 78 5.92 7.40 10.69
C THR A 78 7.44 7.43 10.53
N GLU A 79 7.96 6.62 9.64
CA GLU A 79 9.43 6.59 9.43
C GLU A 79 9.80 7.49 8.25
N GLN A 80 9.05 7.43 7.19
CA GLN A 80 9.34 8.27 6.00
C GLN A 80 8.33 9.42 5.92
N GLY A 81 7.08 9.10 5.75
CA GLY A 81 6.04 10.15 5.66
C GLY A 81 5.19 9.93 4.40
N TYR A 82 5.52 8.93 3.62
CA TYR A 82 4.73 8.66 2.38
C TYR A 82 4.69 7.16 2.10
N TYR A 83 3.63 6.67 1.54
CA TYR A 83 3.55 5.22 1.22
C TYR A 83 2.72 5.00 -0.04
N LEU A 84 3.27 4.35 -1.01
CA LEU A 84 2.51 4.09 -2.28
C LEU A 84 1.89 2.70 -2.24
N GLN A 85 0.63 2.59 -2.57
CA GLN A 85 -0.02 1.25 -2.53
C GLN A 85 -0.27 0.73 -3.96
N LEU A 86 0.22 -0.45 -4.24
CA LEU A 86 0.02 -1.06 -5.59
C LEU A 86 -0.45 -2.51 -5.43
N PRO A 87 -1.64 -2.77 -5.90
CA PRO A 87 -2.22 -4.15 -5.80
C PRO A 87 -1.52 -5.11 -6.76
N PRO A 88 -0.80 -6.04 -6.18
CA PRO A 88 -0.07 -7.05 -7.00
C PRO A 88 -1.03 -8.17 -7.43
N PRO A 89 -0.81 -8.65 -8.63
CA PRO A 89 -1.66 -9.74 -9.18
C PRO A 89 -1.31 -11.08 -8.51
N PRO A 90 -2.24 -12.00 -8.58
CA PRO A 90 -2.04 -13.34 -7.98
C PRO A 90 -1.11 -14.20 -8.85
N GLU A 91 -1.62 -14.73 -9.94
CA GLU A 91 -0.80 -15.58 -10.83
C GLU A 91 -0.59 -16.95 -10.17
N ASP A 92 0.41 -17.67 -10.59
CA ASP A 92 0.64 -19.01 -9.98
C ASP A 92 1.92 -19.01 -9.15
N LEU A 93 2.13 -18.00 -8.34
CA LEU A 93 3.37 -17.95 -7.51
C LEU A 93 3.02 -18.15 -6.03
N LEU A 94 4.01 -18.34 -5.21
CA LEU A 94 3.76 -18.51 -3.75
C LEU A 94 5.06 -18.32 -2.97
N LYS A 95 5.69 -19.38 -2.54
CA LYS A 95 6.96 -19.24 -1.78
C LYS A 95 8.14 -19.75 -2.63
N GLN A 96 9.28 -19.14 -2.51
CA GLN A 96 10.45 -19.60 -3.31
C GLN A 96 11.63 -19.97 -2.41
N HIS A 97 12.53 -20.78 -2.90
CA HIS A 97 13.71 -21.22 -2.10
C HIS A 97 13.35 -21.34 -0.62
N LEU A 98 12.92 -22.51 -0.20
CA LEU A 98 12.55 -22.70 1.23
C LEU A 98 13.53 -23.66 1.90
N SER A 99 13.30 -24.94 1.77
CA SER A 99 14.22 -25.92 2.40
C SER A 99 13.70 -27.36 2.17
N VAL A 100 14.48 -28.34 2.52
CA VAL A 100 14.03 -29.74 2.33
C VAL A 100 13.49 -30.30 3.65
N MET A 101 13.83 -29.68 4.75
CA MET A 101 13.33 -30.18 6.07
C MET A 101 12.46 -29.11 6.73
N GLY A 102 11.31 -29.49 7.21
CA GLY A 102 10.41 -28.50 7.86
C GLY A 102 9.38 -27.98 6.85
N GLN A 103 8.12 -28.16 7.11
CA GLN A 103 7.09 -27.67 6.15
C GLN A 103 6.13 -26.70 6.83
N LYS A 104 5.16 -26.22 6.12
CA LYS A 104 4.18 -25.26 6.72
C LYS A 104 2.86 -25.98 7.01
N THR A 105 2.00 -25.38 7.78
CA THR A 105 0.69 -26.04 8.09
C THR A 105 -0.44 -25.00 8.08
N ASP A 106 -1.64 -25.43 7.81
CA ASP A 106 -2.79 -24.49 7.78
C ASP A 106 -3.38 -24.35 9.17
N ASP A 107 -2.55 -24.22 10.18
CA ASP A 107 -3.09 -24.08 11.57
C ASP A 107 -3.86 -25.33 11.96
N THR A 108 -3.25 -26.48 11.85
CA THR A 108 -3.96 -27.75 12.21
C THR A 108 -2.96 -28.78 12.74
N ASN A 109 -2.14 -28.40 13.67
CA ASN A 109 -1.15 -29.36 14.23
C ASN A 109 -1.82 -30.24 15.30
N LYS A 110 -1.16 -31.29 15.71
CA LYS A 110 -1.76 -32.18 16.74
C LYS A 110 -2.08 -31.39 18.01
N GLY A 1 17.05 -13.09 12.59
CA GLY A 1 17.10 -11.63 12.83
C GLY A 1 15.97 -11.23 13.79
N SER A 2 15.36 -10.10 13.56
CA SER A 2 14.25 -9.67 14.44
C SER A 2 13.61 -8.38 13.90
N MET A 3 14.39 -7.54 13.29
CA MET A 3 13.84 -6.27 12.74
C MET A 3 13.15 -5.47 13.83
N PRO A 4 13.89 -4.56 14.42
CA PRO A 4 13.35 -3.71 15.49
C PRO A 4 12.38 -2.68 14.91
N LYS A 5 11.35 -3.12 14.25
CA LYS A 5 10.38 -2.17 13.65
C LYS A 5 9.59 -1.44 14.75
N PRO A 6 9.70 -0.14 14.76
CA PRO A 6 8.98 0.67 15.75
C PRO A 6 7.50 0.81 15.38
N GLY A 7 6.67 -0.07 15.86
CA GLY A 7 5.23 0.01 15.52
C GLY A 7 4.51 -1.26 15.98
N ILE A 8 3.26 -1.40 15.64
CA ILE A 8 2.51 -2.63 16.06
C ILE A 8 2.76 -2.92 17.53
N LEU A 9 1.97 -2.35 18.40
CA LEU A 9 2.15 -2.61 19.86
C LEU A 9 0.94 -2.10 20.66
N LYS A 10 0.74 -0.82 20.68
CA LYS A 10 -0.42 -0.27 21.44
C LYS A 10 -1.51 0.21 20.46
N SER A 11 -1.28 0.09 19.19
CA SER A 11 -2.29 0.52 18.19
C SER A 11 -2.63 2.01 18.40
N LYS A 12 -2.26 2.85 17.48
CA LYS A 12 -2.56 4.30 17.63
C LYS A 12 -3.48 4.77 16.50
N SER A 13 -4.02 5.95 16.61
CA SER A 13 -4.93 6.46 15.54
C SER A 13 -4.37 7.76 14.95
N MET A 14 -4.45 7.93 13.67
CA MET A 14 -3.92 9.18 13.04
C MET A 14 -4.67 9.48 11.74
N PHE A 15 -4.39 10.60 11.14
CA PHE A 15 -5.08 10.97 9.87
C PHE A 15 -4.11 10.86 8.69
N CYS A 16 -4.57 10.38 7.57
CA CYS A 16 -3.68 10.26 6.39
C CYS A 16 -4.45 10.65 5.11
N VAL A 17 -3.76 11.00 4.07
CA VAL A 17 -4.46 11.40 2.82
C VAL A 17 -4.22 10.36 1.72
N ILE A 18 -5.27 9.83 1.17
CA ILE A 18 -5.12 8.82 0.08
C ILE A 18 -5.16 9.51 -1.29
N TYR A 19 -4.05 9.55 -1.97
CA TYR A 19 -4.02 10.21 -3.32
C TYR A 19 -4.34 9.19 -4.42
N ARG A 20 -4.68 9.67 -5.58
CA ARG A 20 -5.00 8.72 -6.70
C ARG A 20 -4.25 9.14 -7.97
N SER A 21 -3.77 8.20 -8.72
CA SER A 21 -3.04 8.54 -9.97
C SER A 21 -4.04 8.94 -11.07
N SER A 22 -3.74 9.97 -11.80
CA SER A 22 -4.67 10.41 -12.88
C SER A 22 -4.92 9.28 -13.88
N LYS A 23 -3.89 8.54 -14.21
CA LYS A 23 -4.08 7.43 -15.19
C LYS A 23 -3.21 6.22 -14.79
N ARG A 24 -3.78 5.29 -14.07
CA ARG A 24 -3.00 4.09 -13.65
C ARG A 24 -3.94 2.92 -13.33
N ASP A 25 -3.45 1.91 -12.68
CA ASP A 25 -4.34 0.74 -12.35
C ASP A 25 -4.66 0.74 -10.86
N GLN A 26 -5.44 1.70 -10.42
CA GLN A 26 -5.81 1.76 -8.98
C GLN A 26 -4.58 2.08 -8.11
N THR A 27 -3.81 3.05 -8.52
CA THR A 27 -2.60 3.41 -7.72
C THR A 27 -2.93 4.55 -6.77
N TYR A 28 -2.65 4.39 -5.50
CA TYR A 28 -2.97 5.49 -4.53
C TYR A 28 -1.80 5.74 -3.57
N LEU A 29 -1.60 6.97 -3.19
CA LEU A 29 -0.49 7.29 -2.25
C LEU A 29 -1.05 7.61 -0.86
N TYR A 30 -0.27 7.44 0.16
CA TYR A 30 -0.76 7.74 1.53
C TYR A 30 0.23 8.64 2.27
N VAL A 31 -0.26 9.60 2.99
CA VAL A 31 0.65 10.53 3.74
C VAL A 31 -0.01 11.01 5.02
N GLU A 32 0.76 11.33 6.02
CA GLU A 32 0.17 11.81 7.30
C GLU A 32 -0.62 13.10 7.03
N LYS A 33 -0.39 13.70 5.90
CA LYS A 33 -1.11 14.95 5.54
C LYS A 33 -1.06 15.15 4.03
N LYS A 34 -1.83 16.07 3.51
CA LYS A 34 -1.82 16.31 2.04
C LYS A 34 -0.86 17.44 1.69
N ASP A 35 0.40 17.28 1.98
CA ASP A 35 1.39 18.36 1.66
C ASP A 35 2.10 18.06 0.34
N ASP A 36 2.98 17.09 0.33
CA ASP A 36 3.72 16.77 -0.93
C ASP A 36 4.43 15.43 -0.81
N PHE A 37 4.99 14.96 -1.90
CA PHE A 37 5.72 13.66 -1.86
C PHE A 37 7.17 13.88 -2.31
N SER A 38 8.08 13.94 -1.38
CA SER A 38 9.51 14.16 -1.76
C SER A 38 10.34 12.90 -1.47
N ARG A 39 9.77 11.93 -0.82
CA ARG A 39 10.53 10.69 -0.51
C ARG A 39 10.28 9.63 -1.58
N VAL A 40 9.20 9.74 -2.31
CA VAL A 40 8.92 8.74 -3.37
C VAL A 40 9.98 8.82 -4.47
N PRO A 41 10.53 7.69 -4.81
CA PRO A 41 11.57 7.63 -5.86
C PRO A 41 10.97 7.92 -7.24
N GLU A 42 11.74 8.53 -8.11
CA GLU A 42 11.22 8.84 -9.48
C GLU A 42 11.01 7.56 -10.26
N GLU A 43 11.54 6.46 -9.79
CA GLU A 43 11.37 5.17 -10.51
C GLU A 43 9.92 4.69 -10.36
N LEU A 44 9.34 4.89 -9.21
CA LEU A 44 7.93 4.48 -8.99
C LEU A 44 7.00 5.62 -9.38
N MET A 45 7.27 6.80 -8.90
CA MET A 45 6.41 7.96 -9.25
C MET A 45 6.34 8.10 -10.77
N LYS A 46 7.29 7.53 -11.46
CA LYS A 46 7.29 7.61 -12.96
C LYS A 46 5.91 7.25 -13.50
N GLY A 47 5.22 6.36 -12.83
CA GLY A 47 3.86 5.96 -13.30
C GLY A 47 2.82 6.90 -12.69
N PHE A 48 2.93 7.20 -11.43
CA PHE A 48 1.94 8.10 -10.79
C PHE A 48 1.90 9.45 -11.51
N GLY A 49 3.03 10.09 -11.63
CA GLY A 49 3.07 11.41 -12.32
C GLY A 49 2.49 12.48 -11.40
N GLN A 50 1.24 12.82 -11.58
CA GLN A 50 0.62 13.86 -10.70
C GLN A 50 -0.46 13.22 -9.82
N PRO A 51 -0.20 13.23 -8.54
CA PRO A 51 -1.15 12.65 -7.56
C PRO A 51 -2.36 13.56 -7.39
N GLN A 52 -3.50 13.00 -7.09
CA GLN A 52 -4.73 13.83 -6.91
C GLN A 52 -5.45 13.43 -5.61
N LEU A 53 -6.27 14.30 -5.08
CA LEU A 53 -7.00 13.97 -3.82
C LEU A 53 -8.30 13.24 -4.15
N ALA A 54 -8.35 11.96 -3.93
CA ALA A 54 -9.59 11.19 -4.21
C ALA A 54 -10.33 10.87 -2.91
N MET A 55 -9.60 10.50 -1.90
CA MET A 55 -10.26 10.19 -0.59
C MET A 55 -9.35 10.61 0.57
N ILE A 56 -9.92 11.17 1.61
CA ILE A 56 -9.11 11.59 2.77
C ILE A 56 -9.36 10.67 3.96
N LEU A 57 -8.33 10.11 4.51
CA LEU A 57 -8.50 9.19 5.68
C LEU A 57 -8.59 10.02 6.97
N PRO A 58 -9.72 9.89 7.63
CA PRO A 58 -9.96 10.63 8.89
C PRO A 58 -9.14 10.04 10.03
N LEU A 59 -9.07 10.74 11.12
CA LEU A 59 -8.30 10.25 12.31
C LEU A 59 -9.24 10.01 13.48
N ASP A 60 -10.20 9.14 13.32
CA ASP A 60 -11.16 8.87 14.43
C ASP A 60 -11.04 7.42 14.88
N GLY A 61 -9.96 6.78 14.54
CA GLY A 61 -9.78 5.35 14.95
C GLY A 61 -9.11 4.58 13.82
N ARG A 62 -9.74 3.54 13.35
CA ARG A 62 -9.14 2.73 12.24
C ARG A 62 -10.17 2.50 11.12
N LYS A 63 -10.08 3.24 10.06
CA LYS A 63 -11.07 3.04 8.94
C LYS A 63 -10.65 1.83 8.10
N LYS A 64 -11.60 1.07 7.64
CA LYS A 64 -11.26 -0.14 6.82
C LYS A 64 -11.12 0.23 5.34
N LEU A 65 -10.03 -0.18 4.72
CA LEU A 65 -9.83 0.12 3.28
C LEU A 65 -9.98 -1.15 2.45
N VAL A 66 -9.92 -1.04 1.16
CA VAL A 66 -10.06 -2.26 0.30
C VAL A 66 -8.82 -2.43 -0.61
N ASN A 67 -7.99 -1.44 -0.68
CA ASN A 67 -6.78 -1.56 -1.55
C ASN A 67 -5.51 -1.64 -0.71
N ALA A 68 -5.28 -0.68 0.15
CA ALA A 68 -4.05 -0.72 1.00
C ALA A 68 -4.42 -0.90 2.47
N ASP A 69 -3.52 -1.45 3.25
CA ASP A 69 -3.82 -1.65 4.69
C ASP A 69 -3.26 -0.46 5.49
N ILE A 70 -4.13 0.35 6.00
CA ILE A 70 -3.66 1.53 6.79
C ILE A 70 -2.55 1.10 7.77
N GLU A 71 -2.66 -0.08 8.31
CA GLU A 71 -1.61 -0.55 9.27
C GLU A 71 -0.26 -0.68 8.57
N LYS A 72 -0.24 -1.28 7.42
CA LYS A 72 1.03 -1.44 6.67
C LYS A 72 1.54 -0.07 6.20
N VAL A 73 0.75 0.95 6.35
CA VAL A 73 1.19 2.31 5.90
C VAL A 73 1.82 3.09 7.06
N LYS A 74 1.46 2.76 8.27
CA LYS A 74 2.03 3.48 9.45
C LYS A 74 3.56 3.46 9.45
N GLN A 75 4.15 2.30 9.35
CA GLN A 75 5.64 2.22 9.37
C GLN A 75 6.24 3.03 8.21
N ALA A 76 5.43 3.44 7.26
CA ALA A 76 5.97 4.23 6.12
C ALA A 76 5.83 5.72 6.40
N LEU A 77 4.69 6.14 6.91
CA LEU A 77 4.50 7.58 7.21
C LEU A 77 5.29 7.97 8.46
N THR A 78 5.62 7.02 9.27
CA THR A 78 6.41 7.33 10.51
C THR A 78 7.91 7.28 10.19
N GLU A 79 8.30 6.47 9.24
CA GLU A 79 9.73 6.38 8.88
C GLU A 79 10.04 7.30 7.70
N GLN A 80 9.22 7.29 6.69
CA GLN A 80 9.45 8.17 5.52
C GLN A 80 8.44 9.31 5.53
N GLY A 81 7.18 8.99 5.51
CA GLY A 81 6.13 10.05 5.52
C GLY A 81 5.17 9.82 4.34
N TYR A 82 5.36 8.77 3.60
CA TYR A 82 4.46 8.51 2.45
C TYR A 82 4.40 7.01 2.15
N TYR A 83 3.27 6.52 1.73
CA TYR A 83 3.15 5.07 1.41
C TYR A 83 2.31 4.89 0.15
N LEU A 84 2.88 4.33 -0.87
CA LEU A 84 2.12 4.13 -2.14
C LEU A 84 1.55 2.71 -2.21
N GLN A 85 0.28 2.59 -2.48
CA GLN A 85 -0.34 1.24 -2.58
C GLN A 85 -0.54 0.88 -4.05
N LEU A 86 -0.01 -0.24 -4.46
CA LEU A 86 -0.16 -0.66 -5.89
C LEU A 86 -0.68 -2.11 -5.96
N PRO A 87 -1.75 -2.29 -6.68
CA PRO A 87 -2.35 -3.64 -6.84
C PRO A 87 -1.48 -4.50 -7.75
N PRO A 88 -1.87 -5.74 -7.90
CA PRO A 88 -1.13 -6.68 -8.77
C PRO A 88 -1.29 -6.27 -10.23
N PRO A 89 -0.22 -5.83 -10.82
CA PRO A 89 -0.26 -5.38 -12.23
C PRO A 89 -0.41 -6.57 -13.17
N PRO A 90 -0.73 -6.26 -14.40
CA PRO A 90 -0.93 -7.31 -15.44
C PRO A 90 0.42 -7.92 -15.84
N GLU A 91 1.49 -7.37 -15.36
CA GLU A 91 2.84 -7.91 -15.69
C GLU A 91 2.93 -9.36 -15.23
N ASP A 92 4.07 -9.75 -14.71
CA ASP A 92 4.20 -11.15 -14.24
C ASP A 92 5.33 -11.26 -13.21
N LEU A 93 5.52 -10.23 -12.43
CA LEU A 93 6.60 -10.28 -11.40
C LEU A 93 6.29 -9.33 -10.24
N LEU A 94 6.80 -9.63 -9.08
CA LEU A 94 6.53 -8.75 -7.89
C LEU A 94 7.43 -9.18 -6.72
N LYS A 95 7.64 -8.31 -5.77
CA LYS A 95 8.52 -8.68 -4.61
C LYS A 95 8.18 -10.10 -4.12
N GLN A 96 9.15 -10.82 -3.63
CA GLN A 96 8.88 -12.21 -3.15
C GLN A 96 9.51 -12.42 -1.77
N HIS A 97 9.62 -13.65 -1.35
CA HIS A 97 10.22 -13.93 -0.02
C HIS A 97 11.48 -14.80 -0.18
N LEU A 98 12.40 -14.38 -1.01
CA LEU A 98 13.64 -15.18 -1.22
C LEU A 98 14.67 -14.84 -0.14
N SER A 99 14.51 -15.38 1.04
CA SER A 99 15.48 -15.09 2.14
C SER A 99 15.81 -13.60 2.17
N VAL A 100 16.93 -13.24 2.73
CA VAL A 100 17.30 -11.79 2.78
C VAL A 100 18.40 -11.48 1.77
N MET A 101 18.21 -10.48 0.95
CA MET A 101 19.24 -10.13 -0.07
C MET A 101 19.70 -11.40 -0.81
N GLY A 102 20.69 -11.27 -1.64
CA GLY A 102 21.18 -12.46 -2.39
C GLY A 102 20.00 -13.24 -2.97
N GLN A 103 19.58 -12.91 -4.17
CA GLN A 103 18.44 -13.63 -4.78
C GLN A 103 18.90 -14.36 -6.05
N LYS A 104 18.03 -15.14 -6.64
CA LYS A 104 18.42 -15.89 -7.87
C LYS A 104 17.70 -15.31 -9.09
N THR A 105 18.25 -15.52 -10.26
CA THR A 105 17.60 -15.00 -11.49
C THR A 105 17.49 -16.11 -12.54
N ASP A 106 16.48 -16.05 -13.38
CA ASP A 106 16.33 -17.11 -14.41
C ASP A 106 15.51 -16.59 -15.59
N ASP A 107 15.47 -17.33 -16.67
CA ASP A 107 14.69 -16.89 -17.85
C ASP A 107 13.85 -18.04 -18.39
N THR A 108 14.37 -19.24 -18.35
CA THR A 108 13.58 -20.40 -18.85
C THR A 108 12.33 -20.61 -18.00
N ASN A 109 11.18 -20.44 -18.59
CA ASN A 109 9.92 -20.63 -17.81
C ASN A 109 8.79 -21.08 -18.75
N LYS A 110 7.87 -21.84 -18.24
CA LYS A 110 6.75 -22.32 -19.11
C LYS A 110 5.63 -22.94 -18.26
N GLY A 1 17.58 -7.69 6.72
CA GLY A 1 16.61 -8.23 7.72
C GLY A 1 15.37 -8.75 6.99
N SER A 2 14.20 -8.43 7.49
CA SER A 2 12.96 -8.91 6.82
C SER A 2 11.77 -8.02 7.22
N MET A 3 10.68 -8.12 6.51
CA MET A 3 9.49 -7.28 6.84
C MET A 3 8.22 -7.94 6.30
N PRO A 4 7.99 -9.16 6.74
CA PRO A 4 6.79 -9.91 6.31
C PRO A 4 5.53 -9.35 6.98
N LYS A 5 5.66 -8.88 8.19
CA LYS A 5 4.46 -8.32 8.89
C LYS A 5 4.91 -7.33 9.97
N PRO A 6 4.10 -6.33 10.18
CA PRO A 6 4.40 -5.30 11.20
C PRO A 6 4.21 -5.86 12.61
N GLY A 7 3.11 -6.51 12.87
CA GLY A 7 2.86 -7.08 14.23
C GLY A 7 2.16 -6.03 15.10
N ILE A 8 2.90 -5.19 15.75
CA ILE A 8 2.26 -4.16 16.62
C ILE A 8 3.15 -2.91 16.73
N LEU A 9 2.56 -1.78 16.98
CA LEU A 9 3.36 -0.53 17.10
C LEU A 9 2.78 0.37 18.20
N LYS A 10 2.78 1.66 18.00
CA LYS A 10 2.24 2.57 19.04
C LYS A 10 1.58 3.80 18.38
N SER A 11 0.69 3.57 17.44
CA SER A 11 0.04 4.72 16.76
C SER A 11 -1.48 4.46 16.63
N LYS A 12 -1.93 4.07 15.46
CA LYS A 12 -3.39 3.81 15.29
C LYS A 12 -4.20 5.02 15.75
N SER A 13 -3.91 6.18 15.24
CA SER A 13 -4.67 7.40 15.65
C SER A 13 -4.11 8.63 14.94
N MET A 14 -3.70 8.47 13.70
CA MET A 14 -3.15 9.63 12.95
C MET A 14 -3.99 9.90 11.69
N PHE A 15 -3.68 10.94 10.97
CA PHE A 15 -4.47 11.24 9.74
C PHE A 15 -3.61 10.94 8.50
N CYS A 16 -4.23 10.47 7.45
CA CYS A 16 -3.47 10.17 6.21
C CYS A 16 -4.25 10.61 4.98
N VAL A 17 -3.57 10.91 3.89
CA VAL A 17 -4.29 11.34 2.66
C VAL A 17 -4.12 10.29 1.57
N ILE A 18 -5.21 9.81 1.04
CA ILE A 18 -5.11 8.78 -0.04
C ILE A 18 -5.22 9.44 -1.42
N TYR A 19 -4.13 9.58 -2.11
CA TYR A 19 -4.18 10.22 -3.46
C TYR A 19 -4.42 9.15 -4.54
N ARG A 20 -4.86 9.56 -5.69
CA ARG A 20 -5.09 8.57 -6.78
C ARG A 20 -4.27 8.96 -8.02
N SER A 21 -3.72 7.99 -8.70
CA SER A 21 -2.91 8.31 -9.91
C SER A 21 -3.80 8.70 -11.08
N SER A 22 -3.44 9.74 -11.79
CA SER A 22 -4.28 10.18 -12.94
C SER A 22 -4.44 9.04 -13.94
N LYS A 23 -3.40 8.28 -14.17
CA LYS A 23 -3.51 7.14 -15.12
C LYS A 23 -2.73 5.94 -14.57
N ARG A 24 -3.39 5.04 -13.89
CA ARG A 24 -2.69 3.86 -13.35
C ARG A 24 -3.69 2.74 -13.03
N ASP A 25 -3.22 1.64 -12.50
CA ASP A 25 -4.14 0.52 -12.16
C ASP A 25 -4.64 0.68 -10.73
N GLN A 26 -5.44 1.68 -10.50
CA GLN A 26 -5.99 1.91 -9.12
C GLN A 26 -4.85 2.08 -8.12
N THR A 27 -3.86 2.88 -8.45
CA THR A 27 -2.73 3.11 -7.50
C THR A 27 -3.01 4.35 -6.65
N TYR A 28 -2.66 4.31 -5.39
CA TYR A 28 -2.92 5.50 -4.52
C TYR A 28 -1.71 5.80 -3.63
N LEU A 29 -1.50 7.05 -3.32
CA LEU A 29 -0.35 7.42 -2.44
C LEU A 29 -0.88 7.80 -1.05
N TYR A 30 -0.13 7.53 -0.02
CA TYR A 30 -0.61 7.89 1.34
C TYR A 30 0.41 8.78 2.05
N VAL A 31 -0.05 9.81 2.71
CA VAL A 31 0.88 10.72 3.42
C VAL A 31 0.25 11.18 4.74
N GLU A 32 1.07 11.52 5.70
CA GLU A 32 0.52 11.97 7.01
C GLU A 32 -0.19 13.33 6.86
N LYS A 33 -0.03 13.96 5.73
CA LYS A 33 -0.70 15.29 5.52
C LYS A 33 -0.76 15.62 4.02
N LYS A 34 -1.66 16.49 3.65
CA LYS A 34 -1.78 16.85 2.21
C LYS A 34 -0.71 17.90 1.84
N ASP A 35 0.54 17.56 1.98
CA ASP A 35 1.61 18.56 1.64
C ASP A 35 2.30 18.21 0.32
N ASP A 36 3.13 17.20 0.33
CA ASP A 36 3.86 16.84 -0.92
C ASP A 36 4.53 15.47 -0.79
N PHE A 37 5.08 14.98 -1.87
CA PHE A 37 5.79 13.66 -1.83
C PHE A 37 7.25 13.87 -2.27
N SER A 38 8.15 13.92 -1.33
CA SER A 38 9.58 14.14 -1.70
C SER A 38 10.41 12.89 -1.42
N ARG A 39 9.86 11.92 -0.74
CA ARG A 39 10.64 10.68 -0.44
C ARG A 39 10.40 9.62 -1.50
N VAL A 40 9.33 9.72 -2.23
CA VAL A 40 9.04 8.69 -3.28
C VAL A 40 10.12 8.76 -4.36
N PRO A 41 10.67 7.61 -4.68
CA PRO A 41 11.73 7.54 -5.71
C PRO A 41 11.17 7.85 -7.10
N GLU A 42 11.93 8.52 -7.91
CA GLU A 42 11.45 8.86 -9.28
C GLU A 42 11.11 7.58 -10.06
N GLU A 43 11.55 6.45 -9.58
CA GLU A 43 11.25 5.18 -10.29
C GLU A 43 9.78 4.80 -10.09
N LEU A 44 9.25 5.04 -8.92
CA LEU A 44 7.82 4.69 -8.67
C LEU A 44 6.92 5.84 -9.11
N MET A 45 7.22 7.04 -8.72
CA MET A 45 6.38 8.20 -9.12
C MET A 45 6.25 8.24 -10.64
N LYS A 46 7.25 7.78 -11.35
CA LYS A 46 7.18 7.80 -12.84
C LYS A 46 5.79 7.34 -13.29
N GLY A 47 5.20 6.42 -12.58
CA GLY A 47 3.85 5.94 -12.96
C GLY A 47 2.79 6.88 -12.37
N PHE A 48 2.99 7.29 -11.14
CA PHE A 48 2.02 8.23 -10.51
C PHE A 48 2.09 9.60 -11.19
N GLY A 49 3.25 10.19 -11.23
CA GLY A 49 3.40 11.52 -11.87
C GLY A 49 2.56 12.56 -11.13
N GLN A 50 1.31 12.68 -11.48
CA GLN A 50 0.44 13.69 -10.79
C GLN A 50 -0.67 12.99 -10.00
N PRO A 51 -0.49 12.95 -8.71
CA PRO A 51 -1.51 12.31 -7.83
C PRO A 51 -2.72 13.23 -7.65
N GLN A 52 -3.83 12.68 -7.24
CA GLN A 52 -5.04 13.53 -7.05
C GLN A 52 -5.71 13.21 -5.71
N LEU A 53 -6.50 14.10 -5.19
CA LEU A 53 -7.19 13.84 -3.89
C LEU A 53 -8.47 13.06 -4.12
N ALA A 54 -8.47 11.78 -3.87
CA ALA A 54 -9.70 10.97 -4.07
C ALA A 54 -10.38 10.69 -2.72
N MET A 55 -9.60 10.51 -1.69
CA MET A 55 -10.20 10.23 -0.36
C MET A 55 -9.25 10.65 0.77
N ILE A 56 -9.74 11.37 1.74
CA ILE A 56 -8.86 11.81 2.86
C ILE A 56 -9.16 10.99 4.11
N LEU A 57 -8.14 10.50 4.78
CA LEU A 57 -8.36 9.69 6.01
C LEU A 57 -8.14 10.54 7.26
N PRO A 58 -9.18 10.66 8.04
CA PRO A 58 -9.12 11.47 9.29
C PRO A 58 -8.36 10.73 10.40
N LEU A 59 -8.04 11.43 11.46
CA LEU A 59 -7.31 10.79 12.59
C LEU A 59 -8.16 10.82 13.86
N ASP A 60 -9.23 10.10 13.90
CA ASP A 60 -10.07 10.13 15.13
C ASP A 60 -10.33 8.72 15.69
N GLY A 61 -11.20 7.98 15.06
CA GLY A 61 -11.49 6.62 15.58
C GLY A 61 -10.84 5.57 14.68
N ARG A 62 -11.63 4.86 13.92
CA ARG A 62 -11.06 3.82 13.02
C ARG A 62 -11.39 4.16 11.56
N LYS A 63 -10.38 4.29 10.74
CA LYS A 63 -10.63 4.63 9.30
C LYS A 63 -9.96 3.59 8.40
N LYS A 64 -10.64 2.50 8.14
CA LYS A 64 -10.05 1.45 7.27
C LYS A 64 -10.46 1.67 5.81
N LEU A 65 -9.60 1.33 4.88
CA LEU A 65 -9.94 1.52 3.44
C LEU A 65 -10.12 0.16 2.76
N VAL A 66 -10.92 0.12 1.73
CA VAL A 66 -11.13 -1.17 1.01
C VAL A 66 -10.04 -1.37 -0.04
N ASN A 67 -8.98 -0.60 0.04
CA ASN A 67 -7.87 -0.74 -0.95
C ASN A 67 -6.57 -1.09 -0.24
N ALA A 68 -6.05 -0.19 0.57
CA ALA A 68 -4.77 -0.46 1.28
C ALA A 68 -5.01 -0.58 2.78
N ASP A 69 -4.15 -1.29 3.47
CA ASP A 69 -4.32 -1.44 4.94
C ASP A 69 -3.64 -0.28 5.67
N ILE A 70 -4.41 0.58 6.26
CA ILE A 70 -3.83 1.74 6.99
C ILE A 70 -2.67 1.28 7.87
N GLU A 71 -2.66 0.04 8.26
CA GLU A 71 -1.56 -0.49 9.13
C GLU A 71 -0.26 -0.57 8.33
N LYS A 72 -0.30 -1.20 7.18
CA LYS A 72 0.94 -1.32 6.36
C LYS A 72 1.45 0.07 5.97
N VAL A 73 0.66 1.08 6.16
CA VAL A 73 1.09 2.46 5.80
C VAL A 73 1.77 3.15 7.00
N LYS A 74 1.51 2.67 8.18
CA LYS A 74 2.14 3.30 9.39
C LYS A 74 3.66 3.22 9.31
N GLN A 75 4.19 2.07 8.97
CA GLN A 75 5.67 1.94 8.89
C GLN A 75 6.25 2.82 7.77
N ALA A 76 5.40 3.37 6.95
CA ALA A 76 5.91 4.24 5.85
C ALA A 76 5.76 5.72 6.23
N LEU A 77 4.64 6.10 6.76
CA LEU A 77 4.45 7.52 7.14
C LEU A 77 5.15 7.80 8.49
N THR A 78 5.40 6.77 9.25
CA THR A 78 6.08 6.98 10.56
C THR A 78 7.60 7.05 10.35
N GLU A 79 8.11 6.34 9.39
CA GLU A 79 9.57 6.38 9.12
C GLU A 79 9.88 7.40 8.02
N GLN A 80 9.17 7.34 6.94
CA GLN A 80 9.42 8.29 5.81
C GLN A 80 8.36 9.39 5.80
N GLY A 81 7.12 9.01 5.63
CA GLY A 81 6.03 10.02 5.60
C GLY A 81 5.15 9.80 4.36
N TYR A 82 5.44 8.77 3.60
CA TYR A 82 4.61 8.50 2.39
C TYR A 82 4.52 6.99 2.14
N TYR A 83 3.44 6.54 1.57
CA TYR A 83 3.28 5.08 1.30
C TYR A 83 2.46 4.86 0.03
N LEU A 84 3.02 4.20 -0.94
CA LEU A 84 2.27 3.95 -2.21
C LEU A 84 1.63 2.55 -2.17
N GLN A 85 0.33 2.50 -2.31
CA GLN A 85 -0.36 1.18 -2.26
C GLN A 85 -0.85 0.77 -3.66
N LEU A 86 -0.73 -0.49 -3.98
CA LEU A 86 -1.22 -0.97 -5.31
C LEU A 86 -2.14 -2.17 -5.11
N PRO A 87 -3.40 -1.96 -5.37
CA PRO A 87 -4.40 -3.04 -5.20
C PRO A 87 -4.34 -4.03 -6.35
N PRO A 88 -5.05 -5.11 -6.18
CA PRO A 88 -5.11 -6.18 -7.20
C PRO A 88 -6.01 -5.76 -8.38
N PRO A 89 -6.08 -6.60 -9.36
CA PRO A 89 -6.93 -6.31 -10.55
C PRO A 89 -8.41 -6.28 -10.15
N PRO A 90 -9.24 -5.98 -11.12
CA PRO A 90 -10.71 -5.91 -10.86
C PRO A 90 -11.25 -7.29 -10.48
N GLU A 91 -10.45 -8.32 -10.61
CA GLU A 91 -10.92 -9.69 -10.24
C GLU A 91 -11.06 -9.78 -8.72
N ASP A 92 -10.93 -10.95 -8.17
CA ASP A 92 -11.06 -11.08 -6.69
C ASP A 92 -10.43 -12.39 -6.21
N LEU A 93 -9.34 -12.80 -6.79
CA LEU A 93 -8.70 -14.07 -6.36
C LEU A 93 -7.60 -13.77 -5.34
N LEU A 94 -6.92 -14.79 -4.87
CA LEU A 94 -5.84 -14.55 -3.88
C LEU A 94 -4.83 -15.69 -3.92
N LYS A 95 -3.66 -15.48 -3.38
CA LYS A 95 -2.63 -16.54 -3.38
C LYS A 95 -3.15 -17.78 -2.67
N GLN A 96 -3.85 -18.63 -3.38
CA GLN A 96 -4.40 -19.86 -2.73
C GLN A 96 -4.09 -21.09 -3.59
N HIS A 97 -4.21 -22.26 -3.03
CA HIS A 97 -3.93 -23.50 -3.82
C HIS A 97 -5.21 -23.99 -4.48
N LEU A 98 -5.43 -25.28 -4.50
CA LEU A 98 -6.67 -25.82 -5.13
C LEU A 98 -7.85 -25.67 -4.17
N SER A 99 -7.79 -26.28 -3.02
CA SER A 99 -8.92 -26.16 -2.05
C SER A 99 -10.25 -26.40 -2.77
N VAL A 100 -11.34 -26.22 -2.07
CA VAL A 100 -12.67 -26.43 -2.72
C VAL A 100 -13.68 -25.43 -2.19
N MET A 101 -14.47 -24.84 -3.05
CA MET A 101 -15.48 -23.86 -2.59
C MET A 101 -16.76 -24.59 -2.15
N GLY A 102 -17.55 -23.95 -1.33
CA GLY A 102 -18.81 -24.62 -0.87
C GLY A 102 -19.97 -24.22 -1.79
N GLN A 103 -20.26 -25.04 -2.76
CA GLN A 103 -21.38 -24.71 -3.69
C GLN A 103 -22.49 -25.76 -3.58
N LYS A 104 -23.64 -25.48 -4.11
CA LYS A 104 -24.76 -26.47 -4.02
C LYS A 104 -25.27 -26.82 -5.43
N THR A 105 -26.13 -27.79 -5.54
CA THR A 105 -26.67 -28.17 -6.88
C THR A 105 -28.18 -28.00 -6.92
N ASP A 106 -28.75 -27.99 -8.09
CA ASP A 106 -30.24 -27.82 -8.21
C ASP A 106 -30.64 -26.39 -7.85
N ASP A 107 -30.75 -25.53 -8.83
CA ASP A 107 -31.13 -24.13 -8.54
C ASP A 107 -32.15 -23.63 -9.57
N THR A 108 -32.07 -22.40 -9.97
CA THR A 108 -33.03 -21.88 -10.99
C THR A 108 -32.67 -22.39 -12.38
N ASN A 109 -33.63 -22.91 -13.10
CA ASN A 109 -33.35 -23.43 -14.46
C ASN A 109 -33.79 -22.42 -15.53
N LYS A 110 -32.94 -22.14 -16.48
CA LYS A 110 -33.32 -21.16 -17.54
C LYS A 110 -32.36 -21.30 -18.73
N GLY A 1 -19.23 -11.88 -11.12
CA GLY A 1 -18.83 -10.69 -11.92
C GLY A 1 -17.71 -9.94 -11.21
N SER A 2 -18.01 -9.29 -10.13
CA SER A 2 -16.96 -8.53 -9.39
C SER A 2 -16.78 -9.12 -7.98
N MET A 3 -15.63 -8.91 -7.39
CA MET A 3 -15.39 -9.46 -6.02
C MET A 3 -14.24 -8.70 -5.35
N PRO A 4 -14.58 -7.93 -4.36
CA PRO A 4 -13.55 -7.15 -3.63
C PRO A 4 -12.71 -8.07 -2.72
N LYS A 5 -12.07 -7.53 -1.73
CA LYS A 5 -11.24 -8.38 -0.83
C LYS A 5 -11.60 -8.10 0.65
N PRO A 6 -11.92 -9.16 1.34
CA PRO A 6 -12.29 -9.03 2.78
C PRO A 6 -11.03 -8.77 3.63
N GLY A 7 -10.42 -9.81 4.13
CA GLY A 7 -9.20 -9.61 4.97
C GLY A 7 -9.60 -9.60 6.45
N ILE A 8 -8.70 -9.22 7.32
CA ILE A 8 -9.03 -9.19 8.77
C ILE A 8 -8.25 -8.08 9.47
N LEU A 9 -8.78 -6.88 9.46
CA LEU A 9 -8.06 -5.75 10.13
C LEU A 9 -8.85 -5.29 11.36
N LYS A 10 -8.22 -5.29 12.51
CA LYS A 10 -8.94 -4.85 13.74
C LYS A 10 -8.04 -3.92 14.57
N SER A 11 -7.67 -2.80 14.01
CA SER A 11 -6.79 -1.86 14.77
C SER A 11 -6.54 -0.59 13.94
N LYS A 12 -5.40 0.03 14.11
CA LYS A 12 -5.10 1.27 13.34
C LYS A 12 -5.98 2.43 13.81
N SER A 13 -5.45 3.63 13.82
CA SER A 13 -6.27 4.79 14.26
C SER A 13 -5.49 6.09 14.04
N MET A 14 -5.88 6.88 13.06
CA MET A 14 -5.17 8.16 12.80
C MET A 14 -5.65 8.77 11.49
N PHE A 15 -4.99 9.79 11.02
CA PHE A 15 -5.43 10.42 9.74
C PHE A 15 -4.45 10.10 8.61
N CYS A 16 -4.96 9.94 7.43
CA CYS A 16 -4.07 9.64 6.25
C CYS A 16 -4.73 10.16 4.98
N VAL A 17 -3.95 10.67 4.06
CA VAL A 17 -4.54 11.20 2.81
C VAL A 17 -4.29 10.21 1.67
N ILE A 18 -5.33 9.70 1.09
CA ILE A 18 -5.16 8.73 -0.03
C ILE A 18 -5.24 9.45 -1.37
N TYR A 19 -4.13 9.60 -2.05
CA TYR A 19 -4.15 10.29 -3.36
C TYR A 19 -4.38 9.27 -4.48
N ARG A 20 -4.80 9.72 -5.63
CA ARG A 20 -5.05 8.77 -6.75
C ARG A 20 -4.24 9.19 -7.98
N SER A 21 -3.68 8.24 -8.69
CA SER A 21 -2.88 8.58 -9.90
C SER A 21 -3.79 9.17 -10.99
N SER A 22 -3.35 10.24 -11.61
CA SER A 22 -4.17 10.88 -12.68
C SER A 22 -4.73 9.82 -13.65
N LYS A 23 -3.93 8.87 -14.02
CA LYS A 23 -4.42 7.83 -14.97
C LYS A 23 -3.68 6.51 -14.75
N ARG A 24 -4.25 5.63 -13.94
CA ARG A 24 -3.58 4.33 -13.69
C ARG A 24 -4.63 3.27 -13.33
N ASP A 25 -4.20 2.11 -12.91
CA ASP A 25 -5.19 1.05 -12.55
C ASP A 25 -5.73 1.30 -11.14
N GLN A 26 -4.88 1.19 -10.15
CA GLN A 26 -5.33 1.43 -8.75
C GLN A 26 -4.16 1.93 -7.90
N THR A 27 -3.41 2.87 -8.42
CA THR A 27 -2.26 3.41 -7.64
C THR A 27 -2.71 4.54 -6.71
N TYR A 28 -2.39 4.44 -5.44
CA TYR A 28 -2.81 5.51 -4.49
C TYR A 28 -1.65 5.86 -3.56
N LEU A 29 -1.51 7.12 -3.24
CA LEU A 29 -0.41 7.54 -2.33
C LEU A 29 -0.97 7.85 -0.94
N TYR A 30 -0.18 7.69 0.08
CA TYR A 30 -0.67 7.96 1.46
C TYR A 30 0.27 8.92 2.19
N VAL A 31 -0.27 9.78 3.03
CA VAL A 31 0.58 10.74 3.78
C VAL A 31 -0.15 11.18 5.05
N GLU A 32 0.59 11.56 6.06
CA GLU A 32 -0.08 12.02 7.32
C GLU A 32 -0.79 13.35 7.07
N LYS A 33 -0.47 14.00 5.98
CA LYS A 33 -1.13 15.29 5.66
C LYS A 33 -1.04 15.56 4.15
N LYS A 34 -1.79 16.50 3.65
CA LYS A 34 -1.74 16.80 2.19
C LYS A 34 -0.68 17.87 1.91
N ASP A 35 0.57 17.59 2.20
CA ASP A 35 1.62 18.61 1.94
C ASP A 35 2.33 18.34 0.61
N ASP A 36 3.15 17.33 0.55
CA ASP A 36 3.87 17.04 -0.72
C ASP A 36 4.53 15.66 -0.66
N PHE A 37 5.07 15.21 -1.76
CA PHE A 37 5.76 13.88 -1.78
C PHE A 37 7.21 14.06 -2.21
N SER A 38 8.13 14.08 -1.28
CA SER A 38 9.56 14.25 -1.64
C SER A 38 10.35 12.98 -1.36
N ARG A 39 9.73 12.02 -0.72
CA ARG A 39 10.47 10.75 -0.39
C ARG A 39 10.16 9.67 -1.42
N VAL A 40 9.11 9.82 -2.18
CA VAL A 40 8.78 8.79 -3.19
C VAL A 40 9.87 8.73 -4.26
N PRO A 41 10.30 7.53 -4.54
CA PRO A 41 11.36 7.31 -5.56
C PRO A 41 10.82 7.60 -6.95
N GLU A 42 11.64 8.16 -7.81
CA GLU A 42 11.18 8.46 -9.19
C GLU A 42 10.85 7.16 -9.94
N GLU A 43 11.21 6.04 -9.37
CA GLU A 43 10.92 4.74 -10.04
C GLU A 43 9.43 4.42 -9.95
N LEU A 44 8.84 4.65 -8.81
CA LEU A 44 7.38 4.38 -8.65
C LEU A 44 6.56 5.60 -9.09
N MET A 45 6.95 6.77 -8.65
CA MET A 45 6.19 8.00 -9.03
C MET A 45 6.11 8.11 -10.55
N LYS A 46 7.14 7.71 -11.25
CA LYS A 46 7.11 7.79 -12.74
C LYS A 46 5.76 7.27 -13.26
N GLY A 47 5.26 6.24 -12.65
CA GLY A 47 3.94 5.68 -13.08
C GLY A 47 2.82 6.51 -12.47
N PHE A 48 3.02 6.97 -11.26
CA PHE A 48 1.97 7.80 -10.60
C PHE A 48 1.86 9.16 -11.30
N GLY A 49 2.97 9.77 -11.60
CA GLY A 49 2.95 11.09 -12.28
C GLY A 49 2.44 12.16 -11.31
N GLN A 50 1.23 12.61 -11.48
CA GLN A 50 0.69 13.66 -10.57
C GLN A 50 -0.40 13.06 -9.67
N PRO A 51 -0.16 13.10 -8.39
CA PRO A 51 -1.14 12.56 -7.42
C PRO A 51 -2.36 13.48 -7.29
N GLN A 52 -3.50 12.94 -7.00
CA GLN A 52 -4.72 13.79 -6.86
C GLN A 52 -5.45 13.44 -5.56
N LEU A 53 -6.24 14.35 -5.06
CA LEU A 53 -6.98 14.08 -3.80
C LEU A 53 -8.31 13.39 -4.09
N ALA A 54 -8.36 12.09 -3.97
CA ALA A 54 -9.64 11.37 -4.24
C ALA A 54 -10.39 11.13 -2.93
N MET A 55 -9.70 10.68 -1.91
CA MET A 55 -10.38 10.43 -0.61
C MET A 55 -9.37 10.60 0.53
N ILE A 56 -9.75 11.28 1.58
CA ILE A 56 -8.81 11.48 2.72
C ILE A 56 -9.30 10.70 3.94
N LEU A 57 -8.42 9.96 4.56
CA LEU A 57 -8.82 9.17 5.77
C LEU A 57 -8.76 10.05 7.02
N PRO A 58 -9.89 10.22 7.65
CA PRO A 58 -9.99 11.06 8.87
C PRO A 58 -9.36 10.35 10.08
N LEU A 59 -9.15 11.07 11.14
CA LEU A 59 -8.57 10.46 12.38
C LEU A 59 -9.57 10.56 13.52
N ASP A 60 -10.77 10.10 13.33
CA ASP A 60 -11.78 10.19 14.42
C ASP A 60 -12.38 8.82 14.71
N GLY A 61 -11.88 7.80 14.07
CA GLY A 61 -12.43 6.45 14.31
C GLY A 61 -11.63 5.41 13.54
N ARG A 62 -12.30 4.52 12.87
CA ARG A 62 -11.60 3.47 12.09
C ARG A 62 -12.19 3.36 10.68
N LYS A 63 -11.36 3.37 9.67
CA LYS A 63 -11.88 3.27 8.28
C LYS A 63 -11.13 2.17 7.52
N LYS A 64 -11.81 1.11 7.17
CA LYS A 64 -11.13 0.00 6.44
C LYS A 64 -11.11 0.30 4.93
N LEU A 65 -10.03 0.00 4.27
CA LEU A 65 -9.95 0.26 2.80
C LEU A 65 -9.88 -1.06 2.04
N VAL A 66 -9.95 -1.01 0.74
CA VAL A 66 -9.88 -2.27 -0.07
C VAL A 66 -8.69 -2.23 -1.02
N ASN A 67 -7.86 -1.24 -0.91
CA ASN A 67 -6.67 -1.15 -1.82
C ASN A 67 -5.38 -1.29 -1.03
N ALA A 68 -5.21 -0.51 0.00
CA ALA A 68 -3.95 -0.60 0.81
C ALA A 68 -4.27 -0.81 2.28
N ASP A 69 -3.37 -1.40 3.02
CA ASP A 69 -3.63 -1.62 4.46
C ASP A 69 -3.05 -0.45 5.25
N ILE A 70 -3.90 0.36 5.82
CA ILE A 70 -3.41 1.53 6.60
C ILE A 70 -2.27 1.09 7.55
N GLU A 71 -2.29 -0.13 7.99
CA GLU A 71 -1.22 -0.61 8.90
C GLU A 71 0.14 -0.54 8.20
N LYS A 72 0.23 -1.09 7.02
CA LYS A 72 1.53 -1.05 6.28
C LYS A 72 1.91 0.40 6.00
N VAL A 73 0.95 1.29 6.00
CA VAL A 73 1.25 2.72 5.73
C VAL A 73 1.86 3.38 6.98
N LYS A 74 1.47 2.93 8.14
CA LYS A 74 2.02 3.52 9.39
C LYS A 74 3.55 3.47 9.38
N GLN A 75 4.10 2.30 9.20
CA GLN A 75 5.59 2.18 9.17
C GLN A 75 6.17 2.99 8.02
N ALA A 76 5.34 3.41 7.10
CA ALA A 76 5.85 4.20 5.94
C ALA A 76 5.78 5.70 6.27
N LEU A 77 4.68 6.15 6.81
CA LEU A 77 4.56 7.60 7.16
C LEU A 77 5.38 7.91 8.41
N THR A 78 5.58 6.94 9.26
CA THR A 78 6.37 7.18 10.50
C THR A 78 7.87 7.14 10.17
N GLU A 79 8.26 6.34 9.21
CA GLU A 79 9.70 6.27 8.85
C GLU A 79 10.02 7.25 7.73
N GLN A 80 9.24 7.24 6.69
CA GLN A 80 9.50 8.18 5.55
C GLN A 80 8.49 9.33 5.60
N GLY A 81 7.22 9.00 5.57
CA GLY A 81 6.17 10.07 5.62
C GLY A 81 5.21 9.88 4.44
N TYR A 82 5.41 8.86 3.66
CA TYR A 82 4.50 8.63 2.50
C TYR A 82 4.46 7.14 2.17
N TYR A 83 3.34 6.64 1.70
CA TYR A 83 3.25 5.19 1.35
C TYR A 83 2.46 5.02 0.06
N LEU A 84 3.07 4.44 -0.94
CA LEU A 84 2.35 4.23 -2.23
C LEU A 84 1.80 2.82 -2.31
N GLN A 85 0.54 2.68 -2.61
CA GLN A 85 -0.05 1.31 -2.69
C GLN A 85 -0.29 0.91 -4.15
N LEU A 86 0.24 -0.22 -4.54
CA LEU A 86 0.05 -0.71 -5.94
C LEU A 86 -0.37 -2.17 -5.94
N PRO A 87 -1.46 -2.45 -6.59
CA PRO A 87 -1.98 -3.84 -6.65
C PRO A 87 -1.10 -4.73 -7.54
N PRO A 88 -0.60 -5.78 -6.95
CA PRO A 88 0.27 -6.73 -7.69
C PRO A 88 -0.58 -7.66 -8.57
N PRO A 89 -0.34 -7.60 -9.85
CA PRO A 89 -1.09 -8.45 -10.81
C PRO A 89 -0.64 -9.91 -10.70
N PRO A 90 -1.60 -10.80 -10.81
CA PRO A 90 -1.31 -12.24 -10.72
C PRO A 90 -0.65 -12.75 -12.00
N GLU A 91 -1.41 -13.20 -12.95
CA GLU A 91 -0.82 -13.71 -14.22
C GLU A 91 -1.76 -13.42 -15.39
N ASP A 92 -1.73 -14.23 -16.41
CA ASP A 92 -2.62 -14.00 -17.58
C ASP A 92 -3.08 -15.34 -18.17
N LEU A 93 -3.30 -16.32 -17.33
CA LEU A 93 -3.76 -17.64 -17.84
C LEU A 93 -5.05 -18.07 -17.13
N LEU A 94 -5.43 -19.31 -17.26
CA LEU A 94 -6.68 -19.78 -16.60
C LEU A 94 -6.42 -20.16 -15.14
N LYS A 95 -5.24 -19.93 -14.66
CA LYS A 95 -4.92 -20.29 -13.24
C LYS A 95 -4.96 -19.04 -12.36
N GLN A 96 -6.01 -18.87 -11.59
CA GLN A 96 -6.09 -17.67 -10.71
C GLN A 96 -6.61 -18.06 -9.32
N HIS A 97 -5.75 -18.06 -8.34
CA HIS A 97 -6.19 -18.43 -6.96
C HIS A 97 -5.36 -17.67 -5.92
N LEU A 98 -5.60 -17.92 -4.66
CA LEU A 98 -4.83 -17.22 -3.60
C LEU A 98 -4.60 -18.15 -2.40
N SER A 99 -3.41 -18.17 -1.88
CA SER A 99 -3.13 -19.06 -0.71
C SER A 99 -1.84 -18.60 0.00
N VAL A 100 -1.36 -19.39 0.93
CA VAL A 100 -0.12 -19.01 1.66
C VAL A 100 0.78 -20.22 1.86
N MET A 101 0.39 -21.14 2.71
CA MET A 101 1.23 -22.35 2.95
C MET A 101 0.40 -23.43 3.66
N GLY A 102 -0.31 -23.07 4.69
CA GLY A 102 -1.12 -24.07 5.43
C GLY A 102 -1.70 -23.43 6.69
N GLN A 103 -2.50 -24.16 7.42
CA GLN A 103 -3.09 -23.59 8.66
C GLN A 103 -2.56 -24.33 9.90
N LYS A 104 -2.90 -23.87 11.07
CA LYS A 104 -2.41 -24.54 12.30
C LYS A 104 -3.58 -25.19 13.05
N THR A 105 -3.29 -26.08 13.96
CA THR A 105 -4.39 -26.75 14.72
C THR A 105 -4.01 -26.87 16.20
N ASP A 106 -4.97 -26.73 17.07
CA ASP A 106 -4.67 -26.82 18.53
C ASP A 106 -4.05 -28.20 18.85
N ASP A 107 -4.41 -29.20 18.10
CA ASP A 107 -3.84 -30.56 18.36
C ASP A 107 -2.32 -30.51 18.31
N THR A 108 -1.68 -30.36 19.44
CA THR A 108 -0.19 -30.31 19.47
C THR A 108 0.38 -31.40 20.36
N ASN A 109 -0.47 -32.28 20.84
CA ASN A 109 0.03 -33.37 21.73
C ASN A 109 -0.23 -34.74 21.08
N LYS A 110 -1.46 -35.19 21.07
CA LYS A 110 -1.77 -36.51 20.46
C LYS A 110 -3.06 -36.42 19.64
N GLY A 1 7.52 -14.82 1.09
CA GLY A 1 8.97 -14.66 0.73
C GLY A 1 9.81 -14.62 2.00
N SER A 2 9.94 -13.47 2.62
CA SER A 2 10.75 -13.38 3.87
C SER A 2 9.92 -12.76 5.00
N MET A 3 8.62 -12.89 4.93
CA MET A 3 7.77 -12.30 6.00
C MET A 3 8.19 -10.86 6.28
N PRO A 4 7.66 -9.96 5.50
CA PRO A 4 7.98 -8.51 5.66
C PRO A 4 7.29 -7.96 6.91
N LYS A 5 6.41 -8.71 7.50
CA LYS A 5 5.71 -8.23 8.72
C LYS A 5 6.72 -7.82 9.80
N PRO A 6 6.77 -6.54 10.06
CA PRO A 6 7.71 -6.02 11.08
C PRO A 6 7.18 -6.33 12.49
N GLY A 7 7.73 -5.70 13.48
CA GLY A 7 7.27 -5.95 14.88
C GLY A 7 5.74 -5.88 14.93
N ILE A 8 5.10 -6.90 15.42
CA ILE A 8 3.61 -6.89 15.50
C ILE A 8 3.15 -6.38 16.87
N LEU A 9 2.92 -5.10 17.00
CA LEU A 9 2.46 -4.56 18.31
C LEU A 9 2.21 -3.05 18.20
N LYS A 10 3.04 -2.36 17.47
CA LYS A 10 2.84 -0.89 17.31
C LYS A 10 1.43 -0.59 16.80
N SER A 11 0.62 0.05 17.61
CA SER A 11 -0.77 0.37 17.17
C SER A 11 -1.05 1.86 17.35
N LYS A 12 -0.47 2.69 16.54
CA LYS A 12 -0.70 4.16 16.66
C LYS A 12 -1.78 4.62 15.69
N SER A 13 -2.36 5.76 15.92
CA SER A 13 -3.42 6.27 15.00
C SER A 13 -3.13 7.73 14.63
N MET A 14 -3.72 8.20 13.55
CA MET A 14 -3.48 9.61 13.13
C MET A 14 -4.29 9.93 11.88
N PHE A 15 -3.92 10.98 11.18
CA PHE A 15 -4.65 11.34 9.94
C PHE A 15 -3.80 11.02 8.72
N CYS A 16 -4.43 10.60 7.65
CA CYS A 16 -3.65 10.27 6.42
C CYS A 16 -4.42 10.71 5.17
N VAL A 17 -3.74 10.91 4.08
CA VAL A 17 -4.44 11.33 2.83
C VAL A 17 -4.21 10.30 1.73
N ILE A 18 -5.25 9.80 1.13
CA ILE A 18 -5.07 8.79 0.05
C ILE A 18 -5.13 9.46 -1.31
N TYR A 19 -4.04 9.46 -2.03
CA TYR A 19 -4.02 10.10 -3.37
C TYR A 19 -4.29 9.06 -4.46
N ARG A 20 -4.69 9.49 -5.62
CA ARG A 20 -4.95 8.52 -6.72
C ARG A 20 -4.18 8.94 -7.98
N SER A 21 -3.62 8.00 -8.68
CA SER A 21 -2.86 8.35 -9.92
C SER A 21 -3.82 8.81 -11.02
N SER A 22 -3.48 9.86 -11.70
CA SER A 22 -4.37 10.35 -12.79
C SER A 22 -4.55 9.26 -13.85
N LYS A 23 -3.53 8.49 -14.11
CA LYS A 23 -3.64 7.41 -15.13
C LYS A 23 -2.74 6.23 -14.77
N ARG A 24 -3.26 5.25 -14.09
CA ARG A 24 -2.43 4.07 -13.71
C ARG A 24 -3.34 2.88 -13.39
N ASP A 25 -2.81 1.86 -12.78
CA ASP A 25 -3.66 0.68 -12.45
C ASP A 25 -4.18 0.80 -11.00
N GLN A 26 -5.07 1.71 -10.77
CA GLN A 26 -5.63 1.89 -9.40
C GLN A 26 -4.50 2.12 -8.39
N THR A 27 -3.57 2.98 -8.72
CA THR A 27 -2.44 3.26 -7.78
C THR A 27 -2.86 4.36 -6.79
N TYR A 28 -2.50 4.22 -5.54
CA TYR A 28 -2.88 5.26 -4.55
C TYR A 28 -1.70 5.57 -3.61
N LEU A 29 -1.51 6.83 -3.30
CA LEU A 29 -0.39 7.20 -2.38
C LEU A 29 -0.94 7.53 -1.01
N TYR A 30 -0.14 7.42 0.02
CA TYR A 30 -0.64 7.73 1.39
C TYR A 30 0.35 8.65 2.11
N VAL A 31 -0.14 9.66 2.77
CA VAL A 31 0.78 10.60 3.49
C VAL A 31 0.15 11.06 4.80
N GLU A 32 0.96 11.40 5.76
CA GLU A 32 0.41 11.87 7.06
C GLU A 32 -0.39 13.15 6.84
N LYS A 33 -0.17 13.79 5.72
CA LYS A 33 -0.90 15.05 5.41
C LYS A 33 -0.90 15.27 3.89
N LYS A 34 -1.64 16.24 3.43
CA LYS A 34 -1.68 16.50 1.96
C LYS A 34 -0.70 17.62 1.61
N ASP A 35 0.57 17.41 1.86
CA ASP A 35 1.57 18.47 1.54
C ASP A 35 2.26 18.18 0.21
N ASP A 36 3.10 17.17 0.17
CA ASP A 36 3.81 16.86 -1.10
C ASP A 36 4.47 15.48 -1.00
N PHE A 37 5.01 15.00 -2.08
CA PHE A 37 5.67 13.67 -2.05
C PHE A 37 7.13 13.81 -2.49
N SER A 38 8.04 13.87 -1.56
CA SER A 38 9.48 14.01 -1.92
C SER A 38 10.25 12.74 -1.55
N ARG A 39 9.64 11.86 -0.81
CA ARG A 39 10.36 10.61 -0.41
C ARG A 39 10.10 9.50 -1.42
N VAL A 40 9.05 9.60 -2.19
CA VAL A 40 8.77 8.53 -3.20
C VAL A 40 9.88 8.51 -4.25
N PRO A 41 10.29 7.32 -4.58
CA PRO A 41 11.36 7.14 -5.59
C PRO A 41 10.87 7.54 -6.99
N GLU A 42 11.69 8.23 -7.74
CA GLU A 42 11.26 8.63 -9.11
C GLU A 42 10.98 7.39 -9.96
N GLU A 43 11.39 6.24 -9.49
CA GLU A 43 11.13 4.99 -10.27
C GLU A 43 9.65 4.65 -10.21
N LEU A 44 9.03 4.83 -9.08
CA LEU A 44 7.58 4.52 -8.94
C LEU A 44 6.76 5.77 -9.28
N MET A 45 7.12 6.89 -8.73
CA MET A 45 6.36 8.14 -9.03
C MET A 45 6.19 8.30 -10.54
N LYS A 46 7.12 7.77 -11.30
CA LYS A 46 7.02 7.88 -12.78
C LYS A 46 5.62 7.49 -13.25
N GLY A 47 5.06 6.45 -12.69
CA GLY A 47 3.70 6.02 -13.11
C GLY A 47 2.66 6.97 -12.50
N PHE A 48 2.87 7.41 -11.30
CA PHE A 48 1.90 8.34 -10.65
C PHE A 48 1.94 9.71 -11.34
N GLY A 49 3.10 10.30 -11.43
CA GLY A 49 3.20 11.64 -12.08
C GLY A 49 2.49 12.68 -11.23
N GLN A 50 1.28 13.03 -11.59
CA GLN A 50 0.53 14.04 -10.79
C GLN A 50 -0.57 13.34 -9.99
N PRO A 51 -0.34 13.24 -8.71
CA PRO A 51 -1.32 12.58 -7.81
C PRO A 51 -2.57 13.45 -7.63
N GLN A 52 -3.68 12.85 -7.29
CA GLN A 52 -4.93 13.63 -7.10
C GLN A 52 -5.58 13.25 -5.76
N LEU A 53 -6.36 14.14 -5.20
CA LEU A 53 -7.02 13.82 -3.89
C LEU A 53 -8.32 13.05 -4.13
N ALA A 54 -8.31 11.77 -3.91
CA ALA A 54 -9.54 10.97 -4.13
C ALA A 54 -10.30 10.81 -2.81
N MET A 55 -9.59 10.63 -1.72
CA MET A 55 -10.27 10.47 -0.40
C MET A 55 -9.31 10.85 0.72
N ILE A 56 -9.79 11.51 1.73
CA ILE A 56 -8.90 11.91 2.87
C ILE A 56 -9.24 11.10 4.12
N LEU A 57 -8.26 10.46 4.71
CA LEU A 57 -8.52 9.65 5.92
C LEU A 57 -8.39 10.52 7.18
N PRO A 58 -9.46 10.61 7.92
CA PRO A 58 -9.47 11.42 9.16
C PRO A 58 -8.67 10.71 10.26
N LEU A 59 -8.60 11.30 11.41
CA LEU A 59 -7.84 10.67 12.53
C LEU A 59 -8.77 10.32 13.69
N ASP A 60 -9.86 9.67 13.39
CA ASP A 60 -10.81 9.29 14.48
C ASP A 60 -11.10 7.78 14.43
N GLY A 61 -11.14 7.20 13.26
CA GLY A 61 -11.42 5.75 13.15
C GLY A 61 -10.39 5.08 12.23
N ARG A 62 -9.55 4.25 12.77
CA ARG A 62 -8.53 3.57 11.93
C ARG A 62 -9.09 2.24 11.39
N LYS A 63 -9.58 2.24 10.18
CA LYS A 63 -10.13 0.98 9.61
C LYS A 63 -9.25 0.48 8.46
N LYS A 64 -9.52 -0.70 7.97
CA LYS A 64 -8.69 -1.24 6.85
C LYS A 64 -9.33 -0.89 5.51
N LEU A 65 -8.56 -0.41 4.58
CA LEU A 65 -9.12 -0.06 3.24
C LEU A 65 -9.15 -1.31 2.35
N VAL A 66 -9.96 -1.30 1.33
CA VAL A 66 -10.04 -2.49 0.43
C VAL A 66 -8.87 -2.49 -0.56
N ASN A 67 -8.06 -1.46 -0.57
CA ASN A 67 -6.91 -1.44 -1.52
C ASN A 67 -5.60 -1.60 -0.75
N ALA A 68 -5.33 -0.73 0.19
CA ALA A 68 -4.07 -0.85 0.98
C ALA A 68 -4.39 -0.99 2.46
N ASP A 69 -3.52 -1.59 3.21
CA ASP A 69 -3.78 -1.74 4.68
C ASP A 69 -3.27 -0.50 5.42
N ILE A 70 -4.16 0.29 5.92
CA ILE A 70 -3.73 1.53 6.65
C ILE A 70 -2.62 1.17 7.65
N GLU A 71 -2.64 -0.02 8.18
CA GLU A 71 -1.59 -0.42 9.16
C GLU A 71 -0.24 -0.58 8.45
N LYS A 72 -0.21 -1.27 7.35
CA LYS A 72 1.07 -1.46 6.61
C LYS A 72 1.61 -0.11 6.13
N VAL A 73 0.81 0.92 6.22
CA VAL A 73 1.27 2.26 5.77
C VAL A 73 1.89 3.02 6.94
N LYS A 74 1.54 2.67 8.15
CA LYS A 74 2.10 3.38 9.33
C LYS A 74 3.63 3.34 9.29
N GLN A 75 4.21 2.18 9.14
CA GLN A 75 5.70 2.10 9.11
C GLN A 75 6.28 2.95 7.98
N ALA A 76 5.46 3.40 7.08
CA ALA A 76 5.97 4.24 5.96
C ALA A 76 5.81 5.73 6.30
N LEU A 77 4.67 6.11 6.82
CA LEU A 77 4.45 7.54 7.17
C LEU A 77 5.18 7.87 8.48
N THR A 78 5.35 6.89 9.32
CA THR A 78 6.05 7.15 10.62
C THR A 78 7.56 7.23 10.38
N GLU A 79 8.05 6.54 9.38
CA GLU A 79 9.51 6.57 9.09
C GLU A 79 9.80 7.61 8.00
N GLN A 80 9.13 7.51 6.88
CA GLN A 80 9.37 8.49 5.79
C GLN A 80 8.28 9.56 5.80
N GLY A 81 7.05 9.14 5.65
CA GLY A 81 5.92 10.10 5.65
C GLY A 81 5.04 9.85 4.41
N TYR A 82 5.38 8.88 3.62
CA TYR A 82 4.55 8.59 2.41
C TYR A 82 4.52 7.09 2.14
N TYR A 83 3.44 6.60 1.59
CA TYR A 83 3.34 5.15 1.28
C TYR A 83 2.50 4.95 0.02
N LEU A 84 3.05 4.28 -0.96
CA LEU A 84 2.28 4.07 -2.22
C LEU A 84 1.77 2.64 -2.32
N GLN A 85 0.52 2.47 -2.65
CA GLN A 85 -0.05 1.11 -2.77
C GLN A 85 -0.30 0.76 -4.24
N LEU A 86 0.18 -0.36 -4.70
CA LEU A 86 -0.03 -0.74 -6.13
C LEU A 86 -0.75 -2.09 -6.22
N PRO A 87 -1.97 -2.04 -6.69
CA PRO A 87 -2.79 -3.27 -6.83
C PRO A 87 -2.36 -4.16 -8.01
N PRO A 88 -1.79 -3.59 -9.06
CA PRO A 88 -1.39 -4.42 -10.22
C PRO A 88 -0.14 -5.26 -9.90
N PRO A 89 -0.21 -6.51 -10.26
CA PRO A 89 0.92 -7.44 -10.02
C PRO A 89 2.00 -7.25 -11.08
N PRO A 90 3.10 -7.93 -10.91
CA PRO A 90 4.21 -7.84 -11.88
C PRO A 90 3.87 -8.58 -13.17
N GLU A 91 3.05 -9.59 -13.08
CA GLU A 91 2.66 -10.36 -14.29
C GLU A 91 1.38 -11.15 -14.04
N ASP A 92 1.49 -12.26 -13.38
CA ASP A 92 0.29 -13.10 -13.08
C ASP A 92 0.68 -14.32 -12.26
N LEU A 93 1.72 -14.99 -12.66
CA LEU A 93 2.19 -16.19 -11.91
C LEU A 93 2.67 -15.79 -10.51
N LEU A 94 2.80 -16.74 -9.62
CA LEU A 94 3.26 -16.42 -8.25
C LEU A 94 4.47 -15.47 -8.31
N LYS A 95 4.35 -14.32 -7.71
CA LYS A 95 5.49 -13.36 -7.72
C LYS A 95 6.08 -13.26 -6.31
N GLN A 96 6.43 -14.37 -5.74
CA GLN A 96 7.01 -14.37 -4.37
C GLN A 96 8.45 -14.88 -4.40
N HIS A 97 9.31 -14.19 -5.11
CA HIS A 97 10.73 -14.62 -5.19
C HIS A 97 11.46 -14.33 -3.88
N LEU A 98 12.49 -15.08 -3.59
CA LEU A 98 13.26 -14.84 -2.33
C LEU A 98 14.48 -13.96 -2.62
N SER A 99 15.59 -14.56 -2.95
CA SER A 99 16.82 -13.77 -3.25
C SER A 99 17.38 -14.15 -4.62
N VAL A 100 18.66 -13.99 -4.82
CA VAL A 100 19.26 -14.35 -6.14
C VAL A 100 20.47 -15.26 -5.94
N MET A 101 20.75 -15.64 -4.73
CA MET A 101 21.92 -16.52 -4.46
C MET A 101 21.63 -17.47 -3.29
N GLY A 102 22.65 -17.94 -2.63
CA GLY A 102 22.42 -18.87 -1.48
C GLY A 102 23.35 -18.50 -0.33
N GLN A 103 23.16 -19.09 0.81
CA GLN A 103 24.04 -18.78 1.98
C GLN A 103 24.49 -20.07 2.67
N LYS A 104 25.30 -19.95 3.68
CA LYS A 104 25.78 -21.17 4.39
C LYS A 104 25.22 -21.20 5.82
N THR A 105 25.24 -22.33 6.45
CA THR A 105 24.70 -22.42 7.84
C THR A 105 25.68 -23.15 8.77
N ASP A 106 25.70 -22.80 10.02
CA ASP A 106 26.63 -23.47 10.98
C ASP A 106 28.09 -23.23 10.57
N ASP A 107 28.31 -22.33 9.65
CA ASP A 107 29.71 -22.04 9.20
C ASP A 107 30.54 -23.33 9.16
N THR A 108 31.75 -23.29 9.68
CA THR A 108 32.60 -24.51 9.66
C THR A 108 33.02 -24.87 11.09
N ASN A 109 32.36 -25.83 11.69
CA ASN A 109 32.73 -26.23 13.07
C ASN A 109 33.70 -27.42 13.05
N LYS A 110 34.86 -27.25 13.60
CA LYS A 110 35.85 -28.37 13.61
C LYS A 110 35.54 -29.35 14.73
N GLY A 1 12.13 -0.25 -6.51
CA GLY A 1 11.18 -1.26 -5.97
C GLY A 1 11.72 -1.84 -4.65
N SER A 2 11.75 -1.04 -3.62
CA SER A 2 12.26 -1.54 -2.31
C SER A 2 11.13 -1.61 -1.28
N MET A 3 10.42 -2.71 -1.24
CA MET A 3 9.31 -2.84 -0.27
C MET A 3 9.66 -3.86 0.81
N PRO A 4 10.32 -3.39 1.83
CA PRO A 4 10.72 -4.29 2.95
C PRO A 4 9.49 -4.66 3.78
N LYS A 5 9.50 -5.83 4.37
CA LYS A 5 8.33 -6.25 5.19
C LYS A 5 8.43 -5.67 6.60
N PRO A 6 7.55 -4.75 6.89
CA PRO A 6 7.53 -4.11 8.23
C PRO A 6 6.94 -5.07 9.26
N GLY A 7 7.10 -4.78 10.53
CA GLY A 7 6.54 -5.68 11.57
C GLY A 7 5.10 -5.29 11.86
N ILE A 8 4.51 -5.92 12.83
CA ILE A 8 3.10 -5.60 13.17
C ILE A 8 3.06 -4.88 14.52
N LEU A 9 2.58 -3.67 14.55
CA LEU A 9 2.52 -2.92 15.83
C LEU A 9 1.07 -2.88 16.33
N LYS A 10 0.74 -1.92 17.15
CA LYS A 10 -0.65 -1.83 17.68
C LYS A 10 -0.90 -0.45 18.28
N SER A 11 -2.11 -0.19 18.71
CA SER A 11 -2.42 1.13 19.31
C SER A 11 -2.16 2.25 18.30
N LYS A 12 -2.77 2.18 17.15
CA LYS A 12 -2.56 3.24 16.13
C LYS A 12 -3.83 4.09 15.99
N SER A 13 -3.68 5.34 15.62
CA SER A 13 -4.88 6.22 15.46
C SER A 13 -4.45 7.61 14.98
N MET A 14 -4.26 7.76 13.69
CA MET A 14 -3.84 9.08 13.17
C MET A 14 -4.62 9.43 11.89
N PHE A 15 -4.21 10.47 11.21
CA PHE A 15 -4.91 10.88 9.97
C PHE A 15 -4.01 10.62 8.75
N CYS A 16 -4.58 10.22 7.64
CA CYS A 16 -3.74 9.98 6.43
C CYS A 16 -4.50 10.38 5.16
N VAL A 17 -3.79 10.75 4.12
CA VAL A 17 -4.47 11.17 2.86
C VAL A 17 -4.27 10.11 1.77
N ILE A 18 -5.32 9.73 1.11
CA ILE A 18 -5.19 8.71 0.03
C ILE A 18 -5.25 9.37 -1.35
N TYR A 19 -4.16 9.36 -2.06
CA TYR A 19 -4.16 9.98 -3.41
C TYR A 19 -4.43 8.92 -4.49
N ARG A 20 -4.89 9.33 -5.65
CA ARG A 20 -5.17 8.35 -6.73
C ARG A 20 -4.39 8.73 -7.99
N SER A 21 -3.86 7.76 -8.67
CA SER A 21 -3.07 8.06 -9.90
C SER A 21 -3.99 8.60 -11.00
N SER A 22 -3.54 9.59 -11.72
CA SER A 22 -4.39 10.18 -12.81
C SER A 22 -4.84 9.08 -13.78
N LYS A 23 -3.97 8.16 -14.10
CA LYS A 23 -4.37 7.07 -15.04
C LYS A 23 -3.69 5.75 -14.65
N ARG A 24 -4.36 4.94 -13.89
CA ARG A 24 -3.77 3.63 -13.48
C ARG A 24 -4.87 2.66 -13.05
N ASP A 25 -4.52 1.43 -12.77
CA ASP A 25 -5.56 0.45 -12.34
C ASP A 25 -6.12 0.86 -10.98
N GLN A 26 -5.32 0.79 -9.95
CA GLN A 26 -5.79 1.18 -8.60
C GLN A 26 -4.61 1.65 -7.76
N THR A 27 -3.75 2.45 -8.31
CA THR A 27 -2.57 2.94 -7.55
C THR A 27 -2.95 4.12 -6.66
N TYR A 28 -2.59 4.08 -5.41
CA TYR A 28 -2.94 5.21 -4.49
C TYR A 28 -1.76 5.52 -3.56
N LEU A 29 -1.55 6.77 -3.26
CA LEU A 29 -0.44 7.14 -2.35
C LEU A 29 -0.99 7.51 -0.98
N TYR A 30 -0.24 7.30 0.06
CA TYR A 30 -0.75 7.66 1.41
C TYR A 30 0.27 8.54 2.14
N VAL A 31 -0.19 9.52 2.86
CA VAL A 31 0.74 10.42 3.58
C VAL A 31 0.10 10.92 4.88
N GLU A 32 0.90 11.21 5.87
CA GLU A 32 0.33 11.70 7.16
C GLU A 32 -0.35 13.05 6.90
N LYS A 33 -0.10 13.64 5.76
CA LYS A 33 -0.73 14.95 5.43
C LYS A 33 -0.74 15.14 3.91
N LYS A 34 -1.52 16.07 3.44
CA LYS A 34 -1.57 16.31 1.96
C LYS A 34 -0.57 17.40 1.56
N ASP A 35 0.68 17.19 1.86
CA ASP A 35 1.70 18.23 1.51
C ASP A 35 2.44 17.88 0.21
N ASP A 36 3.28 16.89 0.24
CA ASP A 36 4.03 16.52 -0.99
C ASP A 36 4.71 15.16 -0.83
N PHE A 37 5.29 14.66 -1.89
CA PHE A 37 5.98 13.34 -1.83
C PHE A 37 7.44 13.52 -2.25
N SER A 38 8.34 13.54 -1.31
CA SER A 38 9.78 13.72 -1.67
C SER A 38 10.56 12.42 -1.42
N ARG A 39 9.94 11.45 -0.79
CA ARG A 39 10.67 10.17 -0.53
C ARG A 39 10.43 9.21 -1.69
N VAL A 40 9.35 9.38 -2.40
CA VAL A 40 9.07 8.47 -3.54
C VAL A 40 10.14 8.65 -4.63
N PRO A 41 10.65 7.54 -5.09
CA PRO A 41 11.70 7.57 -6.14
C PRO A 41 11.12 8.01 -7.48
N GLU A 42 11.85 8.81 -8.22
CA GLU A 42 11.34 9.28 -9.54
C GLU A 42 11.10 8.08 -10.46
N GLU A 43 11.65 6.94 -10.12
CA GLU A 43 11.45 5.74 -10.97
C GLU A 43 10.04 5.19 -10.78
N LEU A 44 9.57 5.15 -9.56
CA LEU A 44 8.20 4.64 -9.31
C LEU A 44 7.17 5.75 -9.59
N MET A 45 7.43 6.92 -9.08
CA MET A 45 6.49 8.05 -9.33
C MET A 45 6.27 8.22 -10.83
N LYS A 46 7.22 7.80 -11.62
CA LYS A 46 7.08 7.92 -13.09
C LYS A 46 5.71 7.40 -13.53
N GLY A 47 5.21 6.40 -12.87
CA GLY A 47 3.87 5.86 -13.22
C GLY A 47 2.79 6.75 -12.61
N PHE A 48 2.99 7.19 -11.40
CA PHE A 48 1.99 8.07 -10.73
C PHE A 48 1.99 9.45 -11.39
N GLY A 49 3.15 9.97 -11.69
CA GLY A 49 3.22 11.31 -12.33
C GLY A 49 2.62 12.35 -11.38
N GLN A 50 1.40 12.75 -11.61
CA GLN A 50 0.76 13.76 -10.73
C GLN A 50 -0.33 13.10 -9.89
N PRO A 51 -0.11 13.05 -8.61
CA PRO A 51 -1.09 12.44 -7.68
C PRO A 51 -2.32 13.35 -7.53
N GLN A 52 -3.43 12.79 -7.12
CA GLN A 52 -4.66 13.61 -6.96
C GLN A 52 -5.32 13.30 -5.61
N LEU A 53 -6.07 14.22 -5.08
CA LEU A 53 -6.73 13.98 -3.77
C LEU A 53 -8.09 13.30 -3.98
N ALA A 54 -8.13 12.00 -3.90
CA ALA A 54 -9.42 11.28 -4.08
C ALA A 54 -10.22 11.30 -2.78
N MET A 55 -9.65 10.83 -1.71
CA MET A 55 -10.38 10.82 -0.41
C MET A 55 -9.41 11.00 0.75
N ILE A 56 -9.78 11.78 1.73
CA ILE A 56 -8.88 12.00 2.90
C ILE A 56 -9.34 11.15 4.07
N LEU A 57 -8.43 10.49 4.74
CA LEU A 57 -8.84 9.63 5.89
C LEU A 57 -8.54 10.34 7.22
N PRO A 58 -9.59 10.55 7.98
CA PRO A 58 -9.46 11.22 9.29
C PRO A 58 -8.86 10.25 10.32
N LEU A 59 -8.75 10.66 11.56
CA LEU A 59 -8.20 9.75 12.59
C LEU A 59 -9.26 9.44 13.63
N ASP A 60 -10.43 9.10 13.17
CA ASP A 60 -11.53 8.78 14.12
C ASP A 60 -12.15 7.43 13.74
N GLY A 61 -12.86 7.39 12.64
CA GLY A 61 -13.48 6.11 12.21
C GLY A 61 -12.37 5.10 11.90
N ARG A 62 -12.19 4.14 12.76
CA ARG A 62 -11.11 3.13 12.52
C ARG A 62 -11.63 1.96 11.69
N LYS A 63 -11.57 2.06 10.40
CA LYS A 63 -12.05 0.95 9.53
C LYS A 63 -10.93 0.50 8.59
N LYS A 64 -11.09 -0.60 7.91
CA LYS A 64 -10.02 -1.07 6.99
C LYS A 64 -10.36 -0.75 5.54
N LEU A 65 -9.40 -0.87 4.66
CA LEU A 65 -9.64 -0.58 3.22
C LEU A 65 -9.47 -1.85 2.39
N VAL A 66 -9.75 -1.79 1.12
CA VAL A 66 -9.61 -2.99 0.26
C VAL A 66 -8.34 -2.91 -0.60
N ASN A 67 -7.80 -1.74 -0.78
CA ASN A 67 -6.57 -1.60 -1.61
C ASN A 67 -5.32 -1.70 -0.74
N ALA A 68 -5.10 -0.75 0.13
CA ALA A 68 -3.90 -0.79 0.99
C ALA A 68 -4.30 -0.91 2.47
N ASP A 69 -3.43 -1.45 3.28
CA ASP A 69 -3.75 -1.59 4.73
C ASP A 69 -3.28 -0.36 5.49
N ILE A 70 -4.20 0.44 5.95
CA ILE A 70 -3.82 1.67 6.70
C ILE A 70 -2.77 1.33 7.78
N GLU A 71 -2.75 0.11 8.23
CA GLU A 71 -1.75 -0.28 9.27
C GLU A 71 -0.36 -0.44 8.64
N LYS A 72 -0.28 -1.17 7.56
CA LYS A 72 1.04 -1.35 6.90
C LYS A 72 1.60 0.00 6.47
N VAL A 73 0.76 0.99 6.38
CA VAL A 73 1.25 2.34 5.97
C VAL A 73 1.80 3.09 7.19
N LYS A 74 1.40 2.70 8.37
CA LYS A 74 1.89 3.39 9.60
C LYS A 74 3.42 3.43 9.61
N GLN A 75 4.06 2.30 9.48
CA GLN A 75 5.55 2.28 9.50
C GLN A 75 6.13 3.06 8.32
N ALA A 76 5.32 3.36 7.34
CA ALA A 76 5.84 4.11 6.16
C ALA A 76 5.72 5.62 6.40
N LEU A 77 4.62 6.06 6.93
CA LEU A 77 4.46 7.52 7.20
C LEU A 77 5.23 7.92 8.46
N THR A 78 5.49 6.98 9.32
CA THR A 78 6.24 7.30 10.57
C THR A 78 7.75 7.22 10.30
N GLU A 79 8.14 6.38 9.38
CA GLU A 79 9.60 6.24 9.07
C GLU A 79 9.94 7.12 7.86
N GLN A 80 9.06 7.19 6.90
CA GLN A 80 9.32 8.02 5.70
C GLN A 80 8.33 9.19 5.65
N GLY A 81 7.07 8.88 5.57
CA GLY A 81 6.04 9.96 5.52
C GLY A 81 5.13 9.73 4.32
N TYR A 82 5.41 8.72 3.52
CA TYR A 82 4.55 8.45 2.33
C TYR A 82 4.47 6.94 2.07
N TYR A 83 3.35 6.48 1.60
CA TYR A 83 3.22 5.02 1.31
C TYR A 83 2.39 4.81 0.04
N LEU A 84 2.95 4.16 -0.93
CA LEU A 84 2.20 3.93 -2.21
C LEU A 84 1.61 2.52 -2.22
N GLN A 85 0.32 2.41 -2.43
CA GLN A 85 -0.31 1.07 -2.46
C GLN A 85 -0.51 0.61 -3.91
N LEU A 86 -0.02 -0.55 -4.25
CA LEU A 86 -0.17 -1.05 -5.64
C LEU A 86 -0.79 -2.45 -5.62
N PRO A 87 -2.00 -2.55 -6.12
CA PRO A 87 -2.71 -3.84 -6.16
C PRO A 87 -2.20 -4.70 -7.32
N PRO A 88 -1.51 -5.75 -6.97
CA PRO A 88 -0.97 -6.67 -8.01
C PRO A 88 -2.08 -7.52 -8.61
N PRO A 89 -1.81 -8.07 -9.76
CA PRO A 89 -2.80 -8.93 -10.45
C PRO A 89 -2.94 -10.28 -9.76
N PRO A 90 -4.10 -10.84 -9.87
CA PRO A 90 -4.37 -12.16 -9.24
C PRO A 90 -3.62 -13.27 -9.98
N GLU A 91 -4.23 -13.84 -10.99
CA GLU A 91 -3.54 -14.91 -11.75
C GLU A 91 -3.75 -14.71 -13.26
N ASP A 92 -2.72 -14.86 -14.04
CA ASP A 92 -2.88 -14.68 -15.51
C ASP A 92 -3.23 -16.01 -16.17
N LEU A 93 -3.91 -16.87 -15.46
CA LEU A 93 -4.28 -18.19 -16.05
C LEU A 93 -5.50 -18.77 -15.33
N LEU A 94 -5.66 -20.07 -15.38
CA LEU A 94 -6.83 -20.70 -14.70
C LEU A 94 -6.74 -22.24 -14.78
N LYS A 95 -6.09 -22.76 -15.79
CA LYS A 95 -5.97 -24.24 -15.91
C LYS A 95 -4.97 -24.78 -14.90
N GLN A 96 -5.37 -24.91 -13.66
CA GLN A 96 -4.44 -25.43 -12.62
C GLN A 96 -4.58 -26.95 -12.49
N HIS A 97 -3.72 -27.57 -11.74
CA HIS A 97 -3.80 -29.05 -11.59
C HIS A 97 -2.96 -29.52 -10.39
N LEU A 98 -2.97 -28.79 -9.32
CA LEU A 98 -2.19 -29.19 -8.12
C LEU A 98 -3.12 -29.48 -6.95
N SER A 99 -3.17 -30.69 -6.48
CA SER A 99 -4.06 -31.04 -5.34
C SER A 99 -3.33 -31.93 -4.34
N VAL A 100 -4.02 -32.41 -3.34
CA VAL A 100 -3.37 -33.30 -2.35
C VAL A 100 -4.28 -34.49 -2.03
N MET A 101 -4.59 -35.29 -3.01
CA MET A 101 -5.48 -36.46 -2.76
C MET A 101 -6.70 -36.02 -1.94
N GLY A 102 -7.09 -36.79 -0.96
CA GLY A 102 -8.26 -36.40 -0.13
C GLY A 102 -9.31 -37.53 -0.17
N GLN A 103 -9.30 -38.38 0.80
CA GLN A 103 -10.29 -39.50 0.83
C GLN A 103 -11.02 -39.52 2.17
N LYS A 104 -12.10 -40.26 2.27
CA LYS A 104 -12.84 -40.32 3.55
C LYS A 104 -12.69 -41.70 4.19
N THR A 105 -12.79 -41.79 5.48
CA THR A 105 -12.64 -43.11 6.16
C THR A 105 -13.69 -43.27 7.26
N ASP A 106 -13.99 -44.48 7.62
CA ASP A 106 -15.00 -44.71 8.69
C ASP A 106 -15.11 -46.21 9.01
N ASP A 107 -16.21 -46.62 9.56
CA ASP A 107 -16.37 -48.07 9.90
C ASP A 107 -17.71 -48.58 9.37
N THR A 108 -17.74 -49.06 8.15
CA THR A 108 -19.02 -49.58 7.59
C THR A 108 -20.18 -48.63 7.96
N ASN A 109 -21.32 -49.17 8.27
CA ASN A 109 -22.48 -48.32 8.64
C ASN A 109 -22.94 -48.62 10.07
N LYS A 110 -22.10 -49.23 10.85
CA LYS A 110 -22.50 -49.55 12.26
C LYS A 110 -21.38 -49.18 13.23
N GLY A 1 16.94 4.23 1.42
CA GLY A 1 16.83 3.10 2.38
C GLY A 1 16.39 1.84 1.65
N SER A 2 15.11 1.63 1.52
CA SER A 2 14.62 0.41 0.82
C SER A 2 15.41 -0.82 1.27
N MET A 3 15.94 -0.79 2.46
CA MET A 3 16.72 -1.96 2.97
C MET A 3 15.96 -2.66 4.10
N PRO A 4 16.49 -3.78 4.50
CA PRO A 4 15.86 -4.57 5.59
C PRO A 4 16.05 -3.88 6.94
N LYS A 5 15.12 -3.04 7.33
CA LYS A 5 15.25 -2.33 8.64
C LYS A 5 14.84 -3.26 9.79
N PRO A 6 15.13 -2.84 10.98
CA PRO A 6 14.79 -3.64 12.18
C PRO A 6 13.28 -3.54 12.46
N GLY A 7 12.77 -4.37 13.32
CA GLY A 7 11.31 -4.32 13.63
C GLY A 7 11.13 -3.80 15.05
N ILE A 8 9.92 -3.47 15.40
CA ILE A 8 9.66 -2.96 16.76
C ILE A 8 8.22 -3.25 17.18
N LEU A 9 7.98 -3.41 18.45
CA LEU A 9 6.60 -3.70 18.93
C LEU A 9 5.86 -2.41 19.27
N LYS A 10 5.18 -1.84 18.32
CA LYS A 10 4.42 -0.58 18.59
C LYS A 10 3.61 -0.19 17.35
N SER A 11 2.93 0.92 17.39
CA SER A 11 2.12 1.34 16.20
C SER A 11 1.28 2.58 16.54
N LYS A 12 0.58 3.10 15.57
CA LYS A 12 -0.26 4.31 15.83
C LYS A 12 -1.27 4.49 14.69
N SER A 13 -1.93 5.61 14.64
CA SER A 13 -2.93 5.84 13.55
C SER A 13 -2.77 7.25 12.97
N MET A 14 -3.35 8.24 13.60
CA MET A 14 -3.25 9.63 13.10
C MET A 14 -4.08 9.82 11.83
N PHE A 15 -3.86 10.89 11.12
CA PHE A 15 -4.63 11.16 9.88
C PHE A 15 -3.74 10.96 8.65
N CYS A 16 -4.29 10.43 7.59
CA CYS A 16 -3.47 10.22 6.35
C CYS A 16 -4.30 10.54 5.12
N VAL A 17 -3.66 10.85 4.02
CA VAL A 17 -4.43 11.19 2.79
C VAL A 17 -4.21 10.12 1.71
N ILE A 18 -5.26 9.58 1.16
CA ILE A 18 -5.11 8.55 0.10
C ILE A 18 -5.19 9.22 -1.28
N TYR A 19 -4.08 9.33 -1.96
CA TYR A 19 -4.08 9.97 -3.31
C TYR A 19 -4.32 8.91 -4.40
N ARG A 20 -4.67 9.35 -5.58
CA ARG A 20 -4.89 8.38 -6.68
C ARG A 20 -4.18 8.85 -7.94
N SER A 21 -3.59 7.96 -8.69
CA SER A 21 -2.88 8.36 -9.93
C SER A 21 -3.88 8.82 -10.99
N SER A 22 -3.55 9.84 -11.73
CA SER A 22 -4.48 10.34 -12.78
C SER A 22 -4.80 9.22 -13.79
N LYS A 23 -3.81 8.43 -14.14
CA LYS A 23 -4.06 7.33 -15.11
C LYS A 23 -3.12 6.15 -14.82
N ARG A 24 -3.58 5.18 -14.08
CA ARG A 24 -2.72 4.01 -13.76
C ARG A 24 -3.58 2.79 -13.42
N ASP A 25 -2.96 1.71 -13.04
CA ASP A 25 -3.75 0.49 -12.69
C ASP A 25 -4.30 0.60 -11.27
N GLN A 26 -5.02 1.65 -11.00
CA GLN A 26 -5.61 1.82 -9.63
C GLN A 26 -4.50 1.95 -8.57
N THR A 27 -3.61 2.89 -8.75
CA THR A 27 -2.52 3.06 -7.74
C THR A 27 -2.87 4.21 -6.80
N TYR A 28 -2.55 4.08 -5.53
CA TYR A 28 -2.89 5.18 -4.58
C TYR A 28 -1.69 5.48 -3.66
N LEU A 29 -1.49 6.74 -3.34
CA LEU A 29 -0.37 7.11 -2.44
C LEU A 29 -0.91 7.46 -1.05
N TYR A 30 -0.11 7.32 -0.03
CA TYR A 30 -0.59 7.65 1.33
C TYR A 30 0.40 8.58 2.04
N VAL A 31 -0.09 9.52 2.80
CA VAL A 31 0.83 10.46 3.52
C VAL A 31 0.16 10.98 4.79
N GLU A 32 0.93 11.34 5.77
CA GLU A 32 0.33 11.87 7.03
C GLU A 32 -0.45 13.15 6.73
N LYS A 33 -0.21 13.74 5.59
CA LYS A 33 -0.93 14.99 5.22
C LYS A 33 -0.82 15.22 3.71
N LYS A 34 -1.52 16.19 3.20
CA LYS A 34 -1.46 16.46 1.74
C LYS A 34 -0.40 17.53 1.45
N ASP A 35 0.84 17.25 1.76
CA ASP A 35 1.91 18.25 1.50
C ASP A 35 2.69 17.92 0.22
N ASP A 36 3.49 16.89 0.24
CA ASP A 36 4.27 16.53 -0.98
C ASP A 36 4.85 15.12 -0.86
N PHE A 37 5.42 14.63 -1.92
CA PHE A 37 6.03 13.26 -1.89
C PHE A 37 7.51 13.34 -2.27
N SER A 38 8.39 13.31 -1.29
CA SER A 38 9.84 13.40 -1.59
C SER A 38 10.55 12.07 -1.30
N ARG A 39 9.84 11.12 -0.76
CA ARG A 39 10.48 9.81 -0.45
C ARG A 39 10.19 8.78 -1.54
N VAL A 40 9.17 9.01 -2.32
CA VAL A 40 8.85 8.04 -3.40
C VAL A 40 9.97 8.02 -4.44
N PRO A 41 10.35 6.83 -4.82
CA PRO A 41 11.43 6.66 -5.81
C PRO A 41 10.99 7.16 -7.19
N GLU A 42 11.92 7.60 -7.99
CA GLU A 42 11.56 8.11 -9.34
C GLU A 42 11.07 6.97 -10.23
N GLU A 43 11.26 5.75 -9.81
CA GLU A 43 10.81 4.60 -10.64
C GLU A 43 9.29 4.45 -10.52
N LEU A 44 8.75 4.68 -9.36
CA LEU A 44 7.27 4.55 -9.19
C LEU A 44 6.60 5.88 -9.53
N MET A 45 7.10 6.96 -8.98
CA MET A 45 6.49 8.29 -9.28
C MET A 45 6.43 8.52 -10.78
N LYS A 46 7.32 7.90 -11.52
CA LYS A 46 7.31 8.08 -13.00
C LYS A 46 5.89 7.91 -13.54
N GLY A 47 5.16 6.95 -13.02
CA GLY A 47 3.77 6.73 -13.50
C GLY A 47 2.81 7.64 -12.72
N PHE A 48 3.03 7.78 -11.44
CA PHE A 48 2.13 8.65 -10.62
C PHE A 48 2.33 10.12 -11.01
N GLY A 49 3.57 10.57 -11.05
CA GLY A 49 3.85 11.98 -11.42
C GLY A 49 3.10 12.91 -10.46
N GLN A 50 1.91 13.30 -10.79
CA GLN A 50 1.14 14.20 -9.90
C GLN A 50 -0.11 13.48 -9.37
N PRO A 51 -0.08 13.16 -8.11
CA PRO A 51 -1.22 12.46 -7.48
C PRO A 51 -2.41 13.39 -7.31
N GLN A 52 -3.54 12.85 -6.94
CA GLN A 52 -4.76 13.70 -6.76
C GLN A 52 -5.46 13.33 -5.45
N LEU A 53 -6.33 14.16 -4.98
CA LEU A 53 -7.04 13.84 -3.70
C LEU A 53 -8.35 13.10 -3.99
N ALA A 54 -8.35 11.81 -3.87
CA ALA A 54 -9.60 11.03 -4.13
C ALA A 54 -10.33 10.76 -2.81
N MET A 55 -9.61 10.54 -1.75
CA MET A 55 -10.26 10.27 -0.44
C MET A 55 -9.33 10.68 0.71
N ILE A 56 -9.88 11.28 1.74
CA ILE A 56 -9.04 11.71 2.89
C ILE A 56 -9.38 10.88 4.13
N LEU A 57 -8.39 10.30 4.76
CA LEU A 57 -8.66 9.48 5.96
C LEU A 57 -8.41 10.30 7.24
N PRO A 58 -9.43 10.34 8.07
CA PRO A 58 -9.34 11.10 9.34
C PRO A 58 -8.47 10.36 10.36
N LEU A 59 -8.30 10.91 11.52
CA LEU A 59 -7.48 10.23 12.56
C LEU A 59 -8.34 9.88 13.77
N ASP A 60 -9.46 9.29 13.53
CA ASP A 60 -10.37 8.90 14.66
C ASP A 60 -10.71 7.41 14.54
N GLY A 61 -11.07 6.98 13.37
CA GLY A 61 -11.40 5.54 13.16
C GLY A 61 -10.54 4.99 12.04
N ARG A 62 -9.73 4.00 12.32
CA ARG A 62 -8.86 3.42 11.25
C ARG A 62 -9.59 2.28 10.52
N LYS A 63 -10.17 2.58 9.39
CA LYS A 63 -10.89 1.53 8.63
C LYS A 63 -9.92 0.76 7.74
N LYS A 64 -10.27 -0.43 7.34
CA LYS A 64 -9.37 -1.23 6.47
C LYS A 64 -9.70 -0.98 5.01
N LEU A 65 -8.72 -1.07 4.14
CA LEU A 65 -9.00 -0.83 2.70
C LEU A 65 -8.69 -2.09 1.88
N VAL A 66 -9.10 -2.11 0.64
CA VAL A 66 -8.83 -3.31 -0.22
C VAL A 66 -7.54 -3.07 -1.02
N ASN A 67 -7.14 -1.84 -1.17
CA ASN A 67 -5.90 -1.56 -1.95
C ASN A 67 -4.67 -1.69 -1.07
N ALA A 68 -4.53 -0.85 -0.07
CA ALA A 68 -3.35 -0.94 0.82
C ALA A 68 -3.77 -1.11 2.28
N ASP A 69 -2.93 -1.69 3.09
CA ASP A 69 -3.28 -1.89 4.51
C ASP A 69 -2.95 -0.62 5.30
N ILE A 70 -3.94 0.08 5.75
CA ILE A 70 -3.69 1.34 6.52
C ILE A 70 -2.60 1.11 7.57
N GLU A 71 -2.56 -0.06 8.16
CA GLU A 71 -1.53 -0.34 9.20
C GLU A 71 -0.14 -0.35 8.56
N LYS A 72 0.01 -0.97 7.42
CA LYS A 72 1.33 -1.00 6.75
C LYS A 72 1.77 0.42 6.37
N VAL A 73 0.82 1.31 6.22
CA VAL A 73 1.17 2.71 5.85
C VAL A 73 1.67 3.47 7.08
N LYS A 74 1.24 3.08 8.25
CA LYS A 74 1.69 3.78 9.48
C LYS A 74 3.22 3.73 9.59
N GLN A 75 3.78 2.56 9.50
CA GLN A 75 5.27 2.45 9.60
C GLN A 75 5.93 3.16 8.42
N ALA A 76 5.17 3.49 7.42
CA ALA A 76 5.75 4.19 6.23
C ALA A 76 5.68 5.70 6.44
N LEU A 77 4.54 6.20 6.84
CA LEU A 77 4.41 7.67 7.07
C LEU A 77 5.17 8.07 8.34
N THR A 78 5.34 7.16 9.25
CA THR A 78 6.08 7.49 10.50
C THR A 78 7.59 7.33 10.26
N GLU A 79 7.96 6.44 9.38
CA GLU A 79 9.40 6.22 9.09
C GLU A 79 9.83 7.08 7.90
N GLN A 80 9.03 7.08 6.86
CA GLN A 80 9.38 7.89 5.65
C GLN A 80 8.44 9.09 5.55
N GLY A 81 7.15 8.85 5.58
CA GLY A 81 6.18 9.97 5.48
C GLY A 81 5.27 9.77 4.27
N TYR A 82 5.50 8.72 3.52
CA TYR A 82 4.63 8.45 2.33
C TYR A 82 4.58 6.95 2.06
N TYR A 83 3.46 6.47 1.59
CA TYR A 83 3.35 5.02 1.30
C TYR A 83 2.54 4.80 0.01
N LEU A 84 3.11 4.14 -0.96
CA LEU A 84 2.39 3.91 -2.24
C LEU A 84 1.81 2.50 -2.28
N GLN A 85 0.55 2.38 -2.61
CA GLN A 85 -0.08 1.03 -2.66
C GLN A 85 -0.39 0.65 -4.12
N LEU A 86 -0.09 -0.56 -4.49
CA LEU A 86 -0.37 -1.00 -5.89
C LEU A 86 -1.23 -2.27 -5.85
N PRO A 87 -2.28 -2.27 -6.63
CA PRO A 87 -3.18 -3.44 -6.69
C PRO A 87 -2.50 -4.64 -7.35
N PRO A 88 -2.22 -5.63 -6.54
CA PRO A 88 -1.56 -6.86 -7.04
C PRO A 88 -2.59 -7.79 -7.69
N PRO A 89 -2.10 -8.87 -8.24
CA PRO A 89 -2.99 -9.86 -8.91
C PRO A 89 -3.76 -10.65 -7.85
N PRO A 90 -4.78 -11.34 -8.30
CA PRO A 90 -5.61 -12.15 -7.39
C PRO A 90 -4.86 -13.42 -6.97
N GLU A 91 -4.22 -14.07 -7.90
CA GLU A 91 -3.47 -15.32 -7.56
C GLU A 91 -2.15 -15.38 -8.33
N ASP A 92 -1.45 -16.48 -8.25
CA ASP A 92 -0.17 -16.60 -8.98
C ASP A 92 -0.31 -17.58 -10.16
N LEU A 93 -1.40 -17.49 -10.87
CA LEU A 93 -1.60 -18.41 -12.03
C LEU A 93 -1.04 -17.79 -13.30
N LEU A 94 -1.54 -18.18 -14.44
CA LEU A 94 -1.02 -17.59 -15.71
C LEU A 94 -2.03 -17.77 -16.85
N LYS A 95 -2.72 -18.89 -16.88
CA LYS A 95 -3.71 -19.12 -17.98
C LYS A 95 -4.95 -19.82 -17.45
N GLN A 96 -5.32 -19.56 -16.23
CA GLN A 96 -6.52 -20.24 -15.66
C GLN A 96 -7.11 -19.41 -14.51
N HIS A 97 -8.40 -19.22 -14.50
CA HIS A 97 -9.04 -18.41 -13.41
C HIS A 97 -9.42 -19.33 -12.24
N LEU A 98 -9.45 -20.62 -12.47
CA LEU A 98 -9.82 -21.56 -11.37
C LEU A 98 -8.82 -21.44 -10.22
N SER A 99 -9.12 -22.04 -9.10
CA SER A 99 -8.20 -21.96 -7.93
C SER A 99 -8.06 -23.33 -7.27
N VAL A 100 -6.96 -23.59 -6.62
CA VAL A 100 -6.77 -24.91 -5.95
C VAL A 100 -7.01 -24.77 -4.45
N MET A 101 -8.14 -24.24 -4.06
CA MET A 101 -8.42 -24.09 -2.60
C MET A 101 -9.85 -24.55 -2.30
N GLY A 102 -10.83 -23.94 -2.92
CA GLY A 102 -12.24 -24.34 -2.67
C GLY A 102 -13.10 -23.10 -2.44
N GLN A 103 -13.46 -22.42 -3.49
CA GLN A 103 -14.30 -21.19 -3.34
C GLN A 103 -15.64 -21.38 -4.04
N LYS A 104 -16.53 -20.43 -3.90
CA LYS A 104 -17.87 -20.56 -4.56
C LYS A 104 -18.06 -19.46 -5.60
N THR A 105 -18.93 -19.66 -6.55
CA THR A 105 -19.15 -18.63 -7.61
C THR A 105 -20.65 -18.34 -7.75
N ASP A 106 -21.00 -17.15 -8.14
CA ASP A 106 -22.44 -16.80 -8.30
C ASP A 106 -22.66 -16.03 -9.60
N ASP A 107 -22.10 -16.48 -10.69
CA ASP A 107 -22.28 -15.76 -11.98
C ASP A 107 -23.46 -16.35 -12.76
N THR A 108 -24.55 -16.63 -12.11
CA THR A 108 -25.73 -17.20 -12.82
C THR A 108 -26.26 -16.19 -13.84
N ASN A 109 -27.51 -16.28 -14.19
CA ASN A 109 -28.09 -15.33 -15.18
C ASN A 109 -29.56 -15.06 -14.86
N LYS A 110 -29.96 -15.26 -13.64
CA LYS A 110 -31.38 -15.02 -13.26
C LYS A 110 -31.55 -13.59 -12.73
#